data_5W3Y
#
_entry.id   5W3Y
#
_cell.length_a   78.385
_cell.length_b   79.876
_cell.length_c   77.746
_cell.angle_alpha   112.33
_cell.angle_beta   111.65
_cell.angle_gamma   103.39
#
_symmetry.space_group_name_H-M   'P 1'
#
loop_
_entity.id
_entity.type
_entity.pdbx_description
1 polymer 'PopP2 protein'
2 non-polymer 'INOSITOL HEXAKISPHOSPHATE'
3 non-polymer 'ACETYL COENZYME *A'
4 water water
#
_entity_poly.entity_id   1
_entity_poly.type   'polypeptide(L)'
_entity_poly.pdbx_seq_one_letter_code
;SEFELGAPAGRQAGQQATVDRLRTQVTGFLSGALGKLQALSAQNMDPELAQFRVLDVDRAIMPLLIVAENARNPGLNLVP
LHMDMAEDEEVRTQPPMAGSRHIAEFVASARPGRYRAVIDDGSHTRAADIRKDASGTSVIVVDPLRKEKDESAYVDYADN
VNMEFGEHAKCAFIPVDIQKSFFDARILSLSLALKMHDKDDAFAAFHETLRNGGDPSHHVSRAQQTEELGATLVLDGAPL
VDARMMKHGQAASSVSRYLGNHPEQSTVPVNKRNETLGERTTRHLVKRKVRNRADSEGRVTSGETKEITFSNSVEQKRIA
LLNRAASYVNSAPPPVVMRMAKLLQDSLLDTN
;
_entity_poly.pdbx_strand_id   A,B,C,D
#
# COMPACT_ATOMS: atom_id res chain seq x y z
N ALA A 7 -48.76 -20.34 -0.55
CA ALA A 7 -50.02 -19.60 -0.39
C ALA A 7 -49.87 -18.47 0.63
N PRO A 8 -50.40 -17.29 0.28
CA PRO A 8 -50.44 -16.18 1.25
C PRO A 8 -51.61 -16.35 2.22
N ALA A 9 -52.79 -16.69 1.70
CA ALA A 9 -53.99 -16.83 2.52
C ALA A 9 -53.79 -17.78 3.70
N GLY A 10 -52.94 -18.79 3.52
CA GLY A 10 -52.62 -19.73 4.58
C GLY A 10 -52.04 -19.01 5.79
N ARG A 11 -51.24 -18.00 5.52
CA ARG A 11 -50.56 -17.23 6.56
C ARG A 11 -51.32 -15.97 7.01
N GLN A 12 -52.49 -15.71 6.45
CA GLN A 12 -53.21 -14.45 6.68
C GLN A 12 -54.15 -14.45 7.89
N ALA A 13 -54.55 -15.63 8.34
CA ALA A 13 -55.43 -15.80 9.52
C ALA A 13 -56.75 -15.04 9.40
N GLY A 14 -57.27 -14.93 8.17
CA GLY A 14 -58.53 -14.27 7.92
C GLY A 14 -58.56 -12.74 7.84
N GLN A 15 -57.40 -12.10 7.91
CA GLN A 15 -57.32 -10.64 7.84
C GLN A 15 -56.64 -10.12 6.57
N GLN A 16 -56.80 -10.83 5.45
CA GLN A 16 -56.15 -10.45 4.20
C GLN A 16 -56.39 -8.98 3.83
N ALA A 17 -57.59 -8.51 4.10
CA ALA A 17 -57.96 -7.12 3.80
C ALA A 17 -57.18 -6.16 4.70
N THR A 18 -57.18 -6.42 6.01
CA THR A 18 -56.45 -5.58 6.95
C THR A 18 -54.93 -5.65 6.71
N VAL A 19 -54.41 -6.87 6.54
CA VAL A 19 -52.98 -7.03 6.27
C VAL A 19 -52.58 -6.28 5.01
N ASP A 20 -53.35 -6.45 3.94
CA ASP A 20 -53.04 -5.80 2.69
C ASP A 20 -53.01 -4.28 2.80
N ARG A 21 -53.98 -3.72 3.51
CA ARG A 21 -54.07 -2.27 3.63
C ARG A 21 -52.94 -1.74 4.51
N LEU A 22 -52.58 -2.53 5.52
CA LEU A 22 -51.50 -2.15 6.40
C LEU A 22 -50.14 -2.26 5.69
N ARG A 23 -50.03 -3.23 4.80
CA ARG A 23 -48.82 -3.36 4.00
C ARG A 23 -48.67 -2.13 3.11
N THR A 24 -49.72 -1.79 2.38
CA THR A 24 -49.73 -0.62 1.50
C THR A 24 -49.41 0.64 2.31
N GLN A 25 -50.00 0.73 3.50
CA GLN A 25 -49.77 1.87 4.37
C GLN A 25 -48.29 2.03 4.75
N VAL A 26 -47.63 0.93 5.08
CA VAL A 26 -46.23 0.99 5.48
C VAL A 26 -45.32 1.26 4.29
N THR A 27 -45.49 0.48 3.21
CA THR A 27 -44.71 0.71 2.00
C THR A 27 -45.00 2.10 1.45
N GLY A 28 -46.23 2.57 1.65
CA GLY A 28 -46.62 3.87 1.15
C GLY A 28 -45.82 4.98 1.80
N PHE A 29 -45.57 4.84 3.09
CA PHE A 29 -44.80 5.82 3.84
C PHE A 29 -43.32 5.77 3.48
N LEU A 30 -42.77 4.56 3.44
CA LEU A 30 -41.38 4.34 3.10
C LEU A 30 -41.09 4.87 1.70
N SER A 31 -42.01 4.59 0.77
CA SER A 31 -41.85 5.02 -0.61
C SER A 31 -41.98 6.54 -0.74
N GLY A 32 -42.84 7.13 0.08
CA GLY A 32 -43.04 8.57 0.08
C GLY A 32 -41.80 9.30 0.55
N ALA A 33 -41.21 8.82 1.64
CA ALA A 33 -40.00 9.40 2.20
C ALA A 33 -38.83 9.23 1.25
N LEU A 34 -38.74 8.03 0.71
CA LEU A 34 -37.72 7.64 -0.24
C LEU A 34 -37.74 8.57 -1.45
N GLY A 35 -38.95 8.81 -1.99
CA GLY A 35 -39.13 9.68 -3.13
C GLY A 35 -38.68 11.10 -2.85
N LYS A 36 -39.06 11.62 -1.69
CA LYS A 36 -38.65 12.97 -1.32
C LYS A 36 -37.15 13.06 -1.09
N LEU A 37 -36.58 12.04 -0.44
CA LEU A 37 -35.16 12.06 -0.14
C LEU A 37 -34.35 11.88 -1.41
N GLN A 38 -34.86 11.08 -2.34
CA GLN A 38 -34.18 10.86 -3.60
C GLN A 38 -34.17 12.12 -4.47
N ALA A 39 -35.28 12.84 -4.47
CA ALA A 39 -35.38 14.07 -5.26
C ALA A 39 -34.38 15.07 -4.72
N LEU A 40 -34.34 15.22 -3.40
CA LEU A 40 -33.38 16.12 -2.76
C LEU A 40 -31.95 15.75 -3.09
N SER A 41 -31.64 14.45 -3.04
CA SER A 41 -30.26 14.04 -3.30
C SER A 41 -29.90 14.21 -4.76
N ALA A 42 -30.82 13.82 -5.63
CA ALA A 42 -30.61 13.93 -7.06
C ALA A 42 -30.41 15.38 -7.47
N GLN A 43 -31.04 16.29 -6.74
CA GLN A 43 -30.92 17.69 -7.08
C GLN A 43 -29.83 18.36 -6.26
N ASN A 44 -29.04 17.55 -5.55
CA ASN A 44 -27.93 18.06 -4.76
C ASN A 44 -28.41 19.15 -3.79
N MET A 45 -29.50 18.84 -3.09
CA MET A 45 -30.10 19.80 -2.16
C MET A 45 -29.99 19.36 -0.71
N ASP A 46 -29.49 20.26 0.13
CA ASP A 46 -29.48 20.03 1.56
C ASP A 46 -30.90 19.99 2.10
N PRO A 47 -31.22 18.94 2.87
CA PRO A 47 -32.57 18.72 3.40
C PRO A 47 -33.02 19.82 4.36
N GLU A 48 -32.12 20.29 5.22
CA GLU A 48 -32.49 21.34 6.16
C GLU A 48 -32.88 22.63 5.45
N LEU A 49 -32.03 23.08 4.53
CA LEU A 49 -32.31 24.28 3.75
C LEU A 49 -33.60 24.13 2.95
N ALA A 50 -33.92 22.90 2.55
CA ALA A 50 -35.13 22.64 1.79
C ALA A 50 -36.34 22.44 2.71
N GLN A 51 -36.15 22.66 4.01
CA GLN A 51 -37.22 22.55 5.00
C GLN A 51 -37.81 21.14 5.07
N PHE A 52 -37.02 20.15 4.71
CA PHE A 52 -37.41 18.77 4.90
C PHE A 52 -36.99 18.33 6.30
N ARG A 53 -37.93 17.77 7.05
CA ARG A 53 -37.66 17.49 8.44
C ARG A 53 -37.13 16.06 8.61
N VAL A 54 -35.85 15.91 8.32
CA VAL A 54 -35.19 14.61 8.35
C VAL A 54 -35.26 14.00 9.74
N LEU A 55 -35.17 14.84 10.77
CA LEU A 55 -35.18 14.36 12.16
C LEU A 55 -36.45 13.57 12.43
N ASP A 56 -37.57 14.08 11.94
CA ASP A 56 -38.86 13.43 12.16
C ASP A 56 -38.98 12.18 11.31
N VAL A 57 -38.46 12.27 10.09
CA VAL A 57 -38.55 11.14 9.17
C VAL A 57 -37.64 10.01 9.66
N ASP A 58 -36.43 10.35 10.09
CA ASP A 58 -35.51 9.34 10.59
C ASP A 58 -36.05 8.65 11.84
N ARG A 59 -36.59 9.45 12.76
CA ARG A 59 -37.14 8.90 13.99
C ARG A 59 -38.30 7.95 13.70
N ALA A 60 -39.10 8.28 12.71
CA ALA A 60 -40.23 7.43 12.37
C ALA A 60 -39.81 6.16 11.62
N ILE A 61 -38.81 6.24 10.75
CA ILE A 61 -38.44 5.08 9.93
C ILE A 61 -37.47 4.16 10.65
N MET A 62 -36.74 4.70 11.62
CA MET A 62 -35.66 3.96 12.27
C MET A 62 -36.09 2.62 12.91
N PRO A 63 -37.22 2.59 13.66
CA PRO A 63 -37.65 1.29 14.19
C PRO A 63 -37.96 0.28 13.09
N LEU A 64 -38.46 0.76 11.95
CA LEU A 64 -38.79 -0.10 10.81
C LEU A 64 -37.52 -0.60 10.12
N LEU A 65 -36.51 0.26 10.06
CA LEU A 65 -35.21 -0.15 9.53
C LEU A 65 -34.59 -1.24 10.40
N ILE A 66 -34.73 -1.08 11.71
CA ILE A 66 -34.17 -2.07 12.62
C ILE A 66 -34.81 -3.43 12.40
N VAL A 67 -36.13 -3.46 12.27
CA VAL A 67 -36.82 -4.72 12.00
C VAL A 67 -36.32 -5.35 10.70
N ALA A 68 -36.21 -4.55 9.65
CA ALA A 68 -35.77 -5.08 8.36
C ALA A 68 -34.35 -5.63 8.46
N GLU A 69 -33.47 -4.90 9.13
CA GLU A 69 -32.08 -5.31 9.22
C GLU A 69 -31.89 -6.55 10.11
N ASN A 70 -32.67 -6.64 11.18
CA ASN A 70 -32.62 -7.82 12.03
C ASN A 70 -33.04 -9.07 11.27
N ALA A 71 -34.03 -8.92 10.39
CA ALA A 71 -34.49 -10.05 9.58
C ALA A 71 -33.49 -10.36 8.48
N ARG A 72 -32.88 -9.31 7.93
CA ARG A 72 -31.96 -9.43 6.81
C ARG A 72 -30.63 -10.07 7.27
N ASN A 73 -30.25 -9.82 8.52
CA ASN A 73 -29.03 -10.41 9.06
C ASN A 73 -29.28 -11.07 10.40
N PRO A 74 -29.75 -12.33 10.38
CA PRO A 74 -29.94 -13.08 11.63
C PRO A 74 -28.68 -13.03 12.50
N GLY A 75 -28.85 -12.68 13.76
CA GLY A 75 -27.72 -12.56 14.67
C GLY A 75 -27.35 -11.12 14.95
N LEU A 76 -27.75 -10.20 14.06
CA LEU A 76 -27.51 -8.79 14.27
C LEU A 76 -28.06 -8.39 15.63
N ASN A 77 -29.28 -8.84 15.90
CA ASN A 77 -29.97 -8.60 17.18
C ASN A 77 -29.85 -7.17 17.63
N LEU A 78 -30.25 -6.27 16.73
CA LEU A 78 -30.18 -4.84 16.96
C LEU A 78 -31.39 -4.36 17.78
N VAL A 79 -31.11 -3.67 18.88
CA VAL A 79 -32.14 -3.16 19.77
C VAL A 79 -32.00 -1.64 19.96
N PRO A 80 -33.10 -0.90 19.84
CA PRO A 80 -33.01 0.53 20.14
C PRO A 80 -33.06 0.79 21.64
N LEU A 81 -32.08 1.54 22.14
CA LEU A 81 -32.03 1.85 23.56
C LEU A 81 -31.94 3.36 23.76
N HIS A 82 -32.28 3.81 24.96
CA HIS A 82 -32.11 5.20 25.28
C HIS A 82 -31.59 5.36 26.71
N MET A 83 -30.89 6.47 26.93
CA MET A 83 -30.33 6.79 28.23
C MET A 83 -31.39 7.52 29.06
N ASP A 84 -31.11 7.72 30.35
CA ASP A 84 -32.06 8.37 31.26
C ASP A 84 -32.54 9.72 30.75
N MET A 85 -31.59 10.57 30.34
CA MET A 85 -31.88 11.92 29.89
C MET A 85 -32.81 11.95 28.67
N ALA A 86 -32.93 10.83 27.96
CA ALA A 86 -33.85 10.77 26.84
C ALA A 86 -35.30 10.71 27.34
N GLU A 87 -35.48 10.49 28.63
CA GLU A 87 -36.82 10.44 29.20
C GLU A 87 -37.22 11.82 29.73
N ASP A 88 -36.29 12.77 29.64
CA ASP A 88 -36.54 14.13 30.09
C ASP A 88 -37.15 14.99 29.00
N GLU A 89 -38.46 15.18 29.10
CA GLU A 89 -39.26 15.95 28.14
C GLU A 89 -38.83 17.41 27.99
N GLU A 90 -38.07 17.92 28.96
CA GLU A 90 -37.74 19.33 28.98
C GLU A 90 -36.38 19.61 28.35
N VAL A 91 -35.53 18.59 28.28
CA VAL A 91 -34.20 18.77 27.73
C VAL A 91 -34.06 18.17 26.34
N ARG A 92 -34.64 16.99 26.14
CA ARG A 92 -34.47 16.25 24.89
C ARG A 92 -35.03 16.99 23.68
N THR A 93 -34.42 16.77 22.53
CA THR A 93 -34.84 17.37 21.27
C THR A 93 -36.00 16.59 20.65
N GLN A 94 -36.04 15.29 20.91
CA GLN A 94 -37.10 14.41 20.41
C GLN A 94 -37.32 13.30 21.44
N PRO A 95 -38.54 12.77 21.52
CA PRO A 95 -38.71 11.57 22.34
C PRO A 95 -38.04 10.39 21.63
N PRO A 96 -37.64 9.34 22.37
CA PRO A 96 -37.00 8.16 21.76
C PRO A 96 -37.90 7.51 20.73
N MET A 97 -37.29 6.80 19.78
CA MET A 97 -38.06 6.15 18.73
C MET A 97 -39.01 5.09 19.32
N ALA A 98 -40.07 4.80 18.58
CA ALA A 98 -41.04 3.80 19.00
C ALA A 98 -40.32 2.48 19.32
N GLY A 99 -40.66 1.91 20.47
CA GLY A 99 -40.14 0.62 20.89
C GLY A 99 -38.80 0.68 21.60
N SER A 100 -38.24 1.89 21.73
CA SER A 100 -36.97 2.07 22.43
C SER A 100 -37.05 1.60 23.87
N ARG A 101 -35.98 0.99 24.37
CA ARG A 101 -35.99 0.54 25.75
C ARG A 101 -34.96 1.31 26.56
N HIS A 102 -35.33 1.62 27.80
CA HIS A 102 -34.40 2.22 28.75
C HIS A 102 -33.26 1.26 29.02
N ILE A 103 -32.03 1.75 28.96
CA ILE A 103 -30.85 0.90 29.10
C ILE A 103 -30.87 0.05 30.39
N ALA A 104 -31.18 0.68 31.53
CA ALA A 104 -31.23 -0.03 32.80
C ALA A 104 -32.24 -1.17 32.76
N GLU A 105 -33.40 -0.89 32.19
CA GLU A 105 -34.44 -1.90 32.05
C GLU A 105 -33.97 -3.03 31.14
N PHE A 106 -33.31 -2.70 30.04
CA PHE A 106 -32.84 -3.72 29.10
C PHE A 106 -31.81 -4.65 29.77
N VAL A 107 -30.76 -4.07 30.31
CA VAL A 107 -29.70 -4.84 30.95
C VAL A 107 -30.23 -5.77 32.02
N ALA A 108 -31.20 -5.28 32.78
CA ALA A 108 -31.82 -6.06 33.84
C ALA A 108 -32.51 -7.31 33.30
N SER A 109 -33.40 -7.13 32.34
CA SER A 109 -34.30 -8.21 31.93
C SER A 109 -33.89 -8.99 30.67
N ALA A 110 -32.98 -8.43 29.88
CA ALA A 110 -32.60 -9.06 28.62
C ALA A 110 -32.10 -10.48 28.79
N ARG A 111 -32.47 -11.34 27.86
CA ARG A 111 -31.90 -12.67 27.83
C ARG A 111 -30.42 -12.53 27.60
N PRO A 112 -29.64 -13.51 28.09
CA PRO A 112 -28.21 -13.37 27.86
C PRO A 112 -27.91 -13.64 26.40
N GLY A 113 -26.93 -12.93 25.85
CA GLY A 113 -26.58 -13.08 24.46
C GLY A 113 -25.84 -11.88 23.92
N ARG A 114 -25.69 -11.85 22.62
CA ARG A 114 -25.00 -10.76 21.95
C ARG A 114 -25.98 -9.81 21.26
N TYR A 115 -25.81 -8.51 21.49
CA TYR A 115 -26.71 -7.51 20.94
C TYR A 115 -25.98 -6.37 20.24
N ARG A 116 -26.67 -5.74 19.29
CA ARG A 116 -26.25 -4.41 18.85
C ARG A 116 -27.29 -3.41 19.29
N ALA A 117 -26.89 -2.15 19.35
CA ALA A 117 -27.81 -1.11 19.78
C ALA A 117 -27.52 0.22 19.10
N VAL A 118 -28.56 1.01 18.90
CA VAL A 118 -28.37 2.44 18.66
C VAL A 118 -28.84 3.10 19.95
N ILE A 119 -28.01 3.98 20.50
CA ILE A 119 -28.34 4.54 21.80
C ILE A 119 -28.66 6.04 21.71
N ASP A 120 -29.87 6.38 22.12
CA ASP A 120 -30.38 7.73 22.09
C ASP A 120 -30.22 8.38 23.47
N ASP A 121 -29.68 9.59 23.50
CA ASP A 121 -29.59 10.35 24.76
C ASP A 121 -30.56 11.51 24.78
N GLY A 122 -31.40 11.60 23.76
CA GLY A 122 -32.40 12.66 23.70
C GLY A 122 -32.11 13.67 22.60
N SER A 123 -30.86 13.77 22.20
CA SER A 123 -30.46 14.71 21.17
C SER A 123 -29.48 14.06 20.21
N HIS A 124 -28.80 13.02 20.67
CA HIS A 124 -27.76 12.39 19.88
C HIS A 124 -27.84 10.86 19.97
N THR A 125 -27.42 10.19 18.91
CA THR A 125 -27.47 8.73 18.86
C THR A 125 -26.09 8.12 18.54
N ARG A 126 -25.75 7.05 19.26
CA ARG A 126 -24.51 6.32 19.08
C ARG A 126 -24.78 4.84 18.77
N ALA A 127 -23.78 4.13 18.29
CA ALA A 127 -23.89 2.68 18.08
C ALA A 127 -23.22 1.96 19.24
N ALA A 128 -23.62 0.71 19.46
CA ALA A 128 -23.06 -0.09 20.55
C ALA A 128 -23.10 -1.58 20.25
N ASP A 129 -22.10 -2.29 20.75
CA ASP A 129 -22.06 -3.75 20.70
C ASP A 129 -22.08 -4.28 22.14
N ILE A 130 -23.10 -5.08 22.46
CA ILE A 130 -23.37 -5.48 23.84
C ILE A 130 -23.30 -6.98 24.05
N ARG A 131 -22.69 -7.39 25.15
CA ARG A 131 -22.61 -8.79 25.54
C ARG A 131 -23.01 -8.98 27.00
N LYS A 132 -24.06 -9.78 27.21
CA LYS A 132 -24.57 -10.08 28.52
C LYS A 132 -24.58 -11.58 28.75
N ASP A 133 -24.01 -12.01 29.87
CA ASP A 133 -24.11 -13.41 30.24
C ASP A 133 -24.22 -13.53 31.76
N ALA A 134 -23.98 -14.72 32.26
CA ALA A 134 -24.06 -14.97 33.69
C ALA A 134 -23.13 -14.04 34.47
N SER A 135 -21.94 -13.80 33.93
CA SER A 135 -20.94 -13.00 34.63
C SER A 135 -21.32 -11.52 34.70
N GLY A 136 -22.07 -11.05 33.72
CA GLY A 136 -22.50 -9.67 33.68
C GLY A 136 -22.58 -9.13 32.26
N THR A 137 -22.64 -7.81 32.15
CA THR A 137 -22.76 -7.18 30.85
C THR A 137 -21.49 -6.41 30.48
N SER A 138 -21.08 -6.51 29.22
CA SER A 138 -20.01 -5.68 28.67
C SER A 138 -20.50 -5.00 27.38
N VAL A 139 -20.15 -3.72 27.21
CA VAL A 139 -20.62 -2.95 26.05
C VAL A 139 -19.49 -2.14 25.41
N ILE A 140 -19.46 -2.13 24.08
CA ILE A 140 -18.53 -1.31 23.32
C ILE A 140 -19.29 -0.27 22.48
N VAL A 141 -19.13 1.01 22.86
CA VAL A 141 -19.86 2.10 22.22
C VAL A 141 -19.02 2.83 21.17
N VAL A 142 -19.56 2.96 19.96
CA VAL A 142 -18.90 3.78 18.96
C VAL A 142 -19.77 4.99 18.64
N ASP A 143 -19.23 6.17 18.88
CA ASP A 143 -19.91 7.44 18.64
C ASP A 143 -19.44 7.98 17.31
N PRO A 144 -20.38 8.18 16.36
CA PRO A 144 -20.04 8.68 15.02
C PRO A 144 -19.67 10.17 15.05
N LEU A 145 -19.87 10.80 16.20
CA LEU A 145 -19.60 12.22 16.35
C LEU A 145 -18.39 12.45 17.24
N ARG A 146 -17.50 13.33 16.81
CA ARG A 146 -16.29 13.64 17.58
C ARG A 146 -16.01 15.14 17.48
N LYS A 147 -16.76 15.96 18.22
CA LYS A 147 -16.72 17.41 18.06
C LYS A 147 -16.09 18.15 19.25
N GLU A 148 -15.73 17.43 20.29
CA GLU A 148 -15.20 18.08 21.49
C GLU A 148 -13.82 18.67 21.26
N LYS A 149 -13.67 19.93 21.64
CA LYS A 149 -12.40 20.63 21.51
C LYS A 149 -11.39 20.03 22.47
N ASP A 150 -11.71 20.05 23.76
CA ASP A 150 -10.84 19.44 24.76
C ASP A 150 -11.23 17.97 24.90
N GLU A 151 -10.28 17.08 24.64
CA GLU A 151 -10.55 15.65 24.61
C GLU A 151 -10.66 15.05 26.00
N SER A 152 -11.08 15.86 26.96
CA SER A 152 -11.28 15.39 28.32
C SER A 152 -12.78 15.24 28.56
N ALA A 153 -13.57 15.79 27.64
CA ALA A 153 -15.01 15.67 27.73
C ALA A 153 -15.43 14.23 27.42
N TYR A 154 -14.60 13.54 26.64
CA TYR A 154 -14.87 12.15 26.28
C TYR A 154 -14.73 11.25 27.50
N VAL A 155 -13.91 11.66 28.45
CA VAL A 155 -13.80 10.92 29.70
C VAL A 155 -15.16 10.86 30.37
N ASP A 156 -15.82 12.01 30.42
CA ASP A 156 -17.14 12.12 31.04
C ASP A 156 -18.18 11.29 30.28
N TYR A 157 -18.10 11.33 28.96
CA TYR A 157 -19.00 10.55 28.11
C TYR A 157 -18.84 9.05 28.39
N ALA A 158 -17.60 8.62 28.52
CA ALA A 158 -17.31 7.21 28.80
C ALA A 158 -17.90 6.80 30.16
N ASP A 159 -17.70 7.62 31.17
CA ASP A 159 -18.23 7.32 32.50
C ASP A 159 -19.75 7.28 32.53
N ASN A 160 -20.39 8.26 31.90
CA ASN A 160 -21.85 8.34 31.87
C ASN A 160 -22.52 7.14 31.22
N VAL A 161 -21.94 6.65 30.12
CA VAL A 161 -22.48 5.47 29.46
C VAL A 161 -22.31 4.26 30.38
N ASN A 162 -21.11 4.12 30.96
CA ASN A 162 -20.84 3.03 31.88
C ASN A 162 -21.86 3.05 33.01
N MET A 163 -22.22 4.24 33.48
CA MET A 163 -23.23 4.39 34.54
C MET A 163 -24.61 3.87 34.14
N GLU A 164 -25.00 4.06 32.88
CA GLU A 164 -26.30 3.64 32.38
C GLU A 164 -26.43 2.12 32.40
N PHE A 165 -25.30 1.47 32.17
CA PHE A 165 -25.25 0.02 32.09
C PHE A 165 -24.99 -0.53 33.49
N GLY A 166 -24.79 0.40 34.43
CA GLY A 166 -24.38 0.11 35.80
C GLY A 166 -22.87 0.03 35.96
N GLU A 167 -22.40 0.18 37.20
CA GLU A 167 -20.97 0.32 37.43
C GLU A 167 -20.20 -0.99 37.36
N HIS A 168 -20.90 -2.11 37.44
CA HIS A 168 -20.22 -3.40 37.35
C HIS A 168 -20.21 -3.92 35.92
N ALA A 169 -20.69 -3.10 34.99
CA ALA A 169 -20.61 -3.42 33.58
C ALA A 169 -19.29 -2.93 33.03
N LYS A 170 -18.69 -3.72 32.15
CA LYS A 170 -17.47 -3.30 31.47
C LYS A 170 -17.87 -2.41 30.28
N CYS A 171 -17.12 -1.34 30.06
CA CYS A 171 -17.49 -0.39 29.03
C CYS A 171 -16.29 0.15 28.27
N ALA A 172 -16.44 0.23 26.95
CA ALA A 172 -15.49 0.94 26.10
C ALA A 172 -16.21 2.03 25.31
N PHE A 173 -15.61 3.22 25.26
CA PHE A 173 -16.21 4.33 24.55
C PHE A 173 -15.25 4.85 23.47
N ILE A 174 -15.69 4.76 22.21
CA ILE A 174 -14.85 5.10 21.06
C ILE A 174 -15.47 6.21 20.20
N PRO A 175 -15.09 7.47 20.46
CA PRO A 175 -15.56 8.58 19.61
C PRO A 175 -14.81 8.63 18.26
N VAL A 176 -15.57 8.69 17.16
CA VAL A 176 -14.98 8.67 15.83
C VAL A 176 -15.48 9.85 14.99
N ASP A 177 -14.58 10.49 14.24
CA ASP A 177 -14.91 11.70 13.50
C ASP A 177 -15.60 11.40 12.14
N ILE A 178 -16.85 10.95 12.20
CA ILE A 178 -17.59 10.60 10.98
C ILE A 178 -18.63 11.66 10.63
N GLN A 179 -19.44 12.02 11.62
CA GLN A 179 -20.53 12.97 11.43
C GLN A 179 -20.07 14.40 11.37
N LYS A 180 -20.61 15.17 10.43
CA LYS A 180 -20.38 16.61 10.42
C LYS A 180 -21.72 17.35 10.43
N SER A 181 -22.75 16.70 9.90
CA SER A 181 -24.07 17.34 9.84
C SER A 181 -24.77 17.21 11.18
N PHE A 182 -25.87 17.93 11.32
CA PHE A 182 -26.58 17.97 12.57
C PHE A 182 -27.53 16.79 12.72
N PHE A 183 -27.95 16.20 11.61
CA PHE A 183 -29.07 15.26 11.63
C PHE A 183 -28.75 13.79 11.28
N ASP A 184 -27.48 13.47 11.04
CA ASP A 184 -27.12 12.15 10.50
C ASP A 184 -26.70 11.09 11.55
N ALA A 185 -26.82 11.42 12.83
CA ALA A 185 -26.38 10.51 13.89
C ALA A 185 -27.08 9.15 13.85
N ARG A 186 -28.40 9.17 13.63
CA ARG A 186 -29.19 7.95 13.63
C ARG A 186 -28.78 7.01 12.52
N ILE A 187 -28.70 7.53 11.29
CA ILE A 187 -28.35 6.67 10.16
C ILE A 187 -26.92 6.17 10.27
N LEU A 188 -26.00 7.04 10.73
CA LEU A 188 -24.61 6.65 10.93
C LEU A 188 -24.46 5.57 12.01
N SER A 189 -25.24 5.68 13.07
CA SER A 189 -25.18 4.69 14.15
C SER A 189 -25.72 3.33 13.72
N LEU A 190 -26.77 3.36 12.91
CA LEU A 190 -27.36 2.12 12.40
C LEU A 190 -26.34 1.45 11.51
N SER A 191 -25.65 2.25 10.70
CA SER A 191 -24.61 1.73 9.84
C SER A 191 -23.45 1.15 10.66
N LEU A 192 -23.05 1.86 11.69
CA LEU A 192 -21.98 1.36 12.56
C LEU A 192 -22.40 0.06 13.22
N ALA A 193 -23.66 -0.04 13.64
CA ALA A 193 -24.13 -1.25 14.28
C ALA A 193 -23.98 -2.45 13.34
N LEU A 194 -24.34 -2.24 12.09
CA LEU A 194 -24.27 -3.29 11.06
C LEU A 194 -22.84 -3.75 10.85
N LYS A 195 -21.92 -2.79 10.88
CA LYS A 195 -20.52 -3.07 10.72
C LYS A 195 -19.98 -3.85 11.93
N MET A 196 -20.56 -3.60 13.11
CA MET A 196 -20.17 -4.35 14.30
C MET A 196 -20.49 -5.83 14.12
N HIS A 197 -21.67 -6.11 13.58
CA HIS A 197 -22.09 -7.48 13.34
C HIS A 197 -21.17 -8.07 12.30
N ASP A 198 -20.79 -7.26 11.33
CA ASP A 198 -19.88 -7.68 10.28
C ASP A 198 -18.51 -8.04 10.87
N LYS A 199 -18.10 -7.28 11.89
CA LYS A 199 -16.82 -7.52 12.56
C LYS A 199 -17.06 -8.19 13.90
N ASP A 200 -18.04 -9.10 13.93
CA ASP A 200 -18.49 -9.73 15.16
C ASP A 200 -17.34 -10.30 15.97
N ASP A 201 -16.46 -11.04 15.30
CA ASP A 201 -15.32 -11.65 15.95
C ASP A 201 -14.41 -10.62 16.59
N ALA A 202 -14.15 -9.54 15.87
CA ALA A 202 -13.25 -8.51 16.40
C ALA A 202 -13.83 -7.85 17.66
N PHE A 203 -15.13 -7.66 17.68
CA PHE A 203 -15.72 -7.01 18.85
C PHE A 203 -15.86 -8.00 19.98
N ALA A 204 -16.06 -9.28 19.66
CA ALA A 204 -16.13 -10.30 20.70
C ALA A 204 -14.81 -10.35 21.45
N ALA A 205 -13.71 -10.31 20.69
CA ALA A 205 -12.38 -10.35 21.27
C ALA A 205 -12.17 -9.17 22.20
N PHE A 206 -12.67 -8.00 21.82
CA PHE A 206 -12.51 -6.82 22.64
C PHE A 206 -13.35 -6.95 23.90
N HIS A 207 -14.52 -7.58 23.77
CA HIS A 207 -15.36 -7.86 24.93
C HIS A 207 -14.63 -8.73 25.96
N GLU A 208 -13.90 -9.73 25.50
CA GLU A 208 -13.11 -10.59 26.39
C GLU A 208 -12.02 -9.83 27.14
N THR A 209 -11.29 -8.99 26.42
CA THR A 209 -10.23 -8.19 27.02
C THR A 209 -10.80 -7.25 28.08
N LEU A 210 -11.97 -6.68 27.80
CA LEU A 210 -12.63 -5.81 28.75
C LEU A 210 -12.99 -6.58 30.01
N ARG A 211 -13.56 -7.76 29.83
CA ARG A 211 -14.03 -8.58 30.93
C ARG A 211 -12.89 -9.14 31.75
N ASN A 212 -11.74 -9.32 31.10
CA ASN A 212 -10.58 -9.91 31.78
C ASN A 212 -9.54 -8.86 32.18
N GLY A 213 -9.84 -7.60 31.89
CA GLY A 213 -8.95 -6.50 32.25
C GLY A 213 -7.60 -6.49 31.57
N GLY A 214 -7.53 -7.07 30.38
CA GLY A 214 -6.30 -7.18 29.62
C GLY A 214 -5.93 -5.93 28.85
N ASP A 215 -4.83 -5.99 28.11
CA ASP A 215 -4.31 -4.87 27.35
C ASP A 215 -5.15 -4.61 26.12
N PRO A 216 -5.81 -3.45 26.07
CA PRO A 216 -6.66 -3.04 24.94
C PRO A 216 -5.88 -2.90 23.64
N SER A 217 -4.56 -2.77 23.71
CA SER A 217 -3.84 -2.44 22.49
C SER A 217 -3.69 -3.64 21.59
N HIS A 218 -4.40 -4.72 21.88
CA HIS A 218 -4.50 -5.83 20.96
C HIS A 218 -5.60 -5.51 19.97
N HIS A 219 -6.39 -4.50 20.28
CA HIS A 219 -7.59 -4.20 19.52
C HIS A 219 -7.62 -2.79 18.95
N VAL A 220 -7.12 -1.84 19.75
CA VAL A 220 -7.14 -0.43 19.39
C VAL A 220 -5.77 0.18 19.60
N SER A 221 -5.54 1.34 19.02
CA SER A 221 -4.21 1.96 19.02
C SER A 221 -3.95 2.84 20.23
N ARG A 222 -4.97 3.55 20.69
CA ARG A 222 -4.78 4.43 21.84
C ARG A 222 -5.98 4.27 22.78
N ALA A 223 -5.69 3.97 24.05
CA ALA A 223 -6.74 3.79 25.03
C ALA A 223 -6.32 4.24 26.42
N GLN A 224 -7.29 4.55 27.28
CA GLN A 224 -6.99 4.93 28.66
C GLN A 224 -8.15 4.64 29.61
N GLN A 225 -7.82 4.54 30.89
CA GLN A 225 -8.81 4.26 31.93
C GLN A 225 -9.32 5.60 32.45
N THR A 226 -10.63 5.71 32.58
CA THR A 226 -11.21 6.94 33.13
C THR A 226 -10.80 7.13 34.59
N GLU A 227 -10.72 6.02 35.32
CA GLU A 227 -10.25 6.00 36.70
C GLU A 227 -11.28 6.61 37.64
N GLU A 228 -12.51 6.66 37.18
CA GLU A 228 -13.62 7.08 38.01
C GLU A 228 -14.60 5.91 37.97
N LEU A 229 -14.86 5.42 36.77
CA LEU A 229 -15.58 4.17 36.59
C LEU A 229 -14.71 2.98 36.13
N GLY A 230 -13.57 3.26 35.52
CA GLY A 230 -12.75 2.17 35.04
C GLY A 230 -13.08 1.87 33.59
N ALA A 231 -13.91 2.70 32.99
CA ALA A 231 -14.24 2.53 31.57
C ALA A 231 -13.01 2.74 30.71
N THR A 232 -12.96 2.06 29.57
CA THR A 232 -11.84 2.25 28.66
C THR A 232 -12.22 3.31 27.64
N LEU A 233 -11.56 4.46 27.71
CA LEU A 233 -11.77 5.48 26.70
C LEU A 233 -10.79 5.28 25.56
N VAL A 234 -11.32 5.10 24.36
CA VAL A 234 -10.51 4.83 23.17
C VAL A 234 -10.46 6.04 22.25
N LEU A 235 -9.38 6.80 22.28
CA LEU A 235 -9.25 7.98 21.43
C LEU A 235 -8.64 7.65 20.05
N ASP A 236 -8.32 6.37 19.83
CA ASP A 236 -7.96 5.88 18.50
C ASP A 236 -8.35 4.41 18.31
N GLY A 237 -9.50 4.19 17.68
CA GLY A 237 -10.07 2.86 17.53
C GLY A 237 -9.42 1.87 16.58
N ALA A 238 -8.64 2.37 15.62
CA ALA A 238 -7.97 1.50 14.66
C ALA A 238 -7.07 0.54 15.42
N PRO A 239 -6.99 -0.72 14.95
CA PRO A 239 -7.66 -1.20 13.73
C PRO A 239 -9.08 -1.74 13.93
N LEU A 240 -9.60 -1.71 15.16
CA LEU A 240 -10.98 -2.16 15.38
C LEU A 240 -11.91 -1.28 14.52
N VAL A 241 -11.69 0.03 14.57
CA VAL A 241 -12.31 0.96 13.66
C VAL A 241 -11.46 1.01 12.39
N ASP A 242 -11.84 0.23 11.39
CA ASP A 242 -11.08 0.13 10.14
C ASP A 242 -11.73 0.96 9.06
N ALA A 243 -11.20 0.85 7.85
CA ALA A 243 -11.66 1.64 6.71
C ALA A 243 -13.16 1.49 6.48
N ARG A 244 -13.68 0.27 6.62
CA ARG A 244 -15.08 0.02 6.37
C ARG A 244 -15.99 0.79 7.32
N MET A 245 -15.50 1.07 8.52
CA MET A 245 -16.28 1.82 9.50
C MET A 245 -16.20 3.32 9.27
N MET A 246 -15.28 3.73 8.40
CA MET A 246 -15.09 5.15 8.07
C MET A 246 -15.75 5.53 6.75
N LYS A 247 -16.41 4.56 6.11
CA LYS A 247 -16.99 4.75 4.79
C LYS A 247 -17.86 6.00 4.66
N HIS A 248 -18.69 6.25 5.66
CA HIS A 248 -19.67 7.32 5.57
C HIS A 248 -19.17 8.65 6.14
N GLY A 249 -17.85 8.79 6.24
CA GLY A 249 -17.24 10.04 6.69
C GLY A 249 -17.72 11.21 5.85
N GLN A 250 -18.27 12.24 6.50
CA GLN A 250 -18.89 13.32 5.75
C GLN A 250 -17.86 14.31 5.24
N ALA A 251 -16.88 14.65 6.08
CA ALA A 251 -15.82 15.56 5.64
C ALA A 251 -14.69 14.78 4.97
N ALA A 252 -14.35 15.21 3.77
CA ALA A 252 -13.22 14.64 3.03
C ALA A 252 -11.96 14.63 3.87
N SER A 253 -11.77 15.69 4.65
CA SER A 253 -10.59 15.79 5.50
C SER A 253 -10.58 14.73 6.61
N SER A 254 -11.76 14.33 7.10
CA SER A 254 -11.80 13.29 8.12
C SER A 254 -11.29 11.96 7.55
N VAL A 255 -11.74 11.62 6.35
CA VAL A 255 -11.31 10.42 5.66
C VAL A 255 -9.82 10.49 5.33
N SER A 256 -9.40 11.62 4.78
CA SER A 256 -8.01 11.82 4.44
C SER A 256 -7.10 11.73 5.66
N ARG A 257 -7.50 12.42 6.74
CA ARG A 257 -6.70 12.45 7.95
C ARG A 257 -6.56 11.07 8.58
N TYR A 258 -7.66 10.32 8.57
CA TYR A 258 -7.67 8.94 9.04
C TYR A 258 -6.67 8.08 8.27
N LEU A 259 -6.72 8.16 6.94
CA LEU A 259 -5.81 7.40 6.11
C LEU A 259 -4.39 7.86 6.33
N GLY A 260 -4.22 9.17 6.48
CA GLY A 260 -2.90 9.72 6.76
C GLY A 260 -2.33 9.20 8.07
N ASN A 261 -3.22 8.96 9.02
CA ASN A 261 -2.80 8.42 10.32
C ASN A 261 -2.71 6.89 10.32
N HIS A 262 -3.41 6.25 9.39
CA HIS A 262 -3.35 4.80 9.30
C HIS A 262 -3.26 4.37 7.85
N PRO A 263 -2.09 4.59 7.23
CA PRO A 263 -1.85 4.39 5.79
C PRO A 263 -2.17 2.98 5.35
N GLU A 264 -1.99 2.03 6.27
CA GLU A 264 -2.29 0.63 5.97
C GLU A 264 -3.78 0.46 5.60
N GLN A 265 -4.63 1.38 6.05
CA GLN A 265 -6.06 1.27 5.76
C GLN A 265 -6.42 1.77 4.35
N SER A 266 -5.45 2.38 3.68
CA SER A 266 -5.75 3.08 2.42
C SER A 266 -5.91 2.17 1.21
N THR A 267 -5.45 0.93 1.31
CA THR A 267 -5.49 0.03 0.18
C THR A 267 -6.40 -1.18 0.36
N VAL A 268 -7.08 -1.26 1.49
CA VAL A 268 -8.02 -2.37 1.69
C VAL A 268 -9.33 -2.07 0.99
N PRO A 269 -9.92 -3.09 0.36
CA PRO A 269 -11.22 -2.89 -0.31
C PRO A 269 -12.32 -2.70 0.72
N VAL A 270 -13.21 -1.74 0.50
CA VAL A 270 -14.28 -1.46 1.46
C VAL A 270 -15.61 -2.01 1.00
N ASN A 271 -15.66 -2.49 -0.25
CA ASN A 271 -16.86 -3.11 -0.75
C ASN A 271 -16.56 -4.15 -1.83
N LYS A 272 -17.60 -4.78 -2.35
CA LYS A 272 -17.45 -5.83 -3.33
C LYS A 272 -17.04 -5.32 -4.71
N ARG A 273 -17.20 -4.03 -4.95
CA ARG A 273 -16.74 -3.46 -6.21
C ARG A 273 -15.23 -3.17 -6.17
N ASN A 274 -14.61 -3.50 -5.03
CA ASN A 274 -13.16 -3.36 -4.77
C ASN A 274 -12.63 -1.92 -4.70
N GLU A 275 -13.48 -0.99 -4.28
CA GLU A 275 -13.04 0.36 -4.04
C GLU A 275 -12.25 0.46 -2.74
N THR A 276 -11.25 1.34 -2.73
CA THR A 276 -10.60 1.75 -1.49
C THR A 276 -11.46 2.81 -0.81
N LEU A 277 -11.15 3.14 0.44
CA LEU A 277 -11.89 4.17 1.15
C LEU A 277 -11.83 5.51 0.39
N GLY A 278 -10.63 5.89 -0.05
CA GLY A 278 -10.42 7.12 -0.78
C GLY A 278 -11.17 7.16 -2.12
N GLU A 279 -11.09 6.06 -2.86
CA GLU A 279 -11.82 5.95 -4.13
C GLU A 279 -13.31 6.13 -3.89
N ARG A 280 -13.85 5.42 -2.90
CA ARG A 280 -15.29 5.46 -2.65
C ARG A 280 -15.72 6.85 -2.20
N THR A 281 -14.96 7.42 -1.29
CA THR A 281 -15.25 8.75 -0.74
C THR A 281 -15.22 9.81 -1.83
N THR A 282 -14.21 9.76 -2.67
CA THR A 282 -14.08 10.71 -3.78
C THR A 282 -15.30 10.66 -4.71
N ARG A 283 -15.79 9.45 -4.98
CA ARG A 283 -16.97 9.24 -5.81
C ARG A 283 -18.24 9.89 -5.21
N HIS A 284 -18.26 10.10 -3.89
CA HIS A 284 -19.45 10.65 -3.23
C HIS A 284 -19.36 12.15 -2.94
N LEU A 285 -18.32 12.81 -3.42
CA LEU A 285 -18.13 14.21 -3.12
C LEU A 285 -19.10 15.13 -3.89
N VAL A 286 -19.75 16.03 -3.16
CA VAL A 286 -20.63 17.00 -3.79
C VAL A 286 -20.30 18.37 -3.23
N LYS A 287 -20.67 19.41 -3.97
CA LYS A 287 -20.54 20.79 -3.52
C LYS A 287 -21.93 21.41 -3.45
N ARG A 288 -22.37 21.82 -2.27
CA ARG A 288 -23.70 22.42 -2.11
C ARG A 288 -23.78 23.34 -0.90
N LYS A 289 -24.83 24.13 -0.85
CA LYS A 289 -25.07 25.00 0.30
C LYS A 289 -25.71 24.21 1.44
N VAL A 290 -25.32 24.57 2.66
CA VAL A 290 -25.76 23.90 3.86
C VAL A 290 -26.04 25.03 4.87
N ARG A 291 -26.83 24.78 5.92
CA ARG A 291 -27.05 25.81 6.94
C ARG A 291 -25.80 26.00 7.79
N ASN A 292 -25.47 27.24 8.14
CA ASN A 292 -24.30 27.49 8.98
C ASN A 292 -24.64 27.55 10.47
N ARG A 293 -23.95 26.76 11.28
CA ARG A 293 -24.17 26.78 12.73
C ARG A 293 -22.85 26.65 13.47
N SER A 302 -22.93 34.59 10.38
CA SER A 302 -23.49 35.25 9.20
C SER A 302 -22.61 34.99 7.98
N GLY A 303 -23.22 34.70 6.83
CA GLY A 303 -24.66 34.60 6.67
C GLY A 303 -25.22 33.22 6.97
N GLU A 304 -26.53 33.08 6.77
CA GLU A 304 -27.28 31.85 7.03
C GLU A 304 -26.63 30.60 6.40
N THR A 305 -26.43 30.61 5.09
CA THR A 305 -25.90 29.43 4.41
C THR A 305 -24.41 29.50 4.15
N LYS A 306 -23.79 28.34 3.98
CA LYS A 306 -22.38 28.26 3.62
C LYS A 306 -22.21 27.11 2.63
N GLU A 307 -21.35 27.31 1.64
CA GLU A 307 -21.14 26.30 0.60
C GLU A 307 -19.92 25.44 0.92
N ILE A 308 -20.12 24.13 0.92
CA ILE A 308 -19.06 23.20 1.27
C ILE A 308 -18.99 22.03 0.31
N THR A 309 -17.84 21.38 0.32
CA THR A 309 -17.63 20.16 -0.43
C THR A 309 -17.50 19.02 0.56
N PHE A 310 -18.37 18.03 0.42
CA PHE A 310 -18.37 16.93 1.36
C PHE A 310 -18.92 15.65 0.71
N SER A 311 -18.85 14.55 1.44
CA SER A 311 -19.33 13.27 0.95
C SER A 311 -20.82 13.07 1.26
N ASN A 312 -21.62 12.79 0.24
CA ASN A 312 -23.04 12.57 0.44
C ASN A 312 -23.37 11.08 0.71
N SER A 313 -22.36 10.32 1.13
CA SER A 313 -22.52 8.88 1.35
C SER A 313 -23.68 8.51 2.29
N VAL A 314 -23.86 9.31 3.34
CA VAL A 314 -24.89 9.05 4.33
C VAL A 314 -26.28 9.22 3.75
N GLU A 315 -26.49 10.29 2.98
CA GLU A 315 -27.80 10.53 2.43
C GLU A 315 -28.12 9.41 1.42
N GLN A 316 -27.11 8.87 0.76
CA GLN A 316 -27.31 7.69 -0.11
C GLN A 316 -27.63 6.44 0.70
N LYS A 317 -26.95 6.28 1.83
CA LYS A 317 -27.16 5.15 2.70
C LYS A 317 -28.58 5.17 3.25
N ARG A 318 -29.07 6.34 3.65
CA ARG A 318 -30.43 6.44 4.15
C ARG A 318 -31.38 5.92 3.09
N ILE A 319 -31.15 6.34 1.85
CA ILE A 319 -31.99 5.92 0.74
C ILE A 319 -31.88 4.42 0.50
N ALA A 320 -30.66 3.89 0.53
CA ALA A 320 -30.47 2.45 0.37
C ALA A 320 -31.18 1.66 1.47
N LEU A 321 -31.10 2.16 2.70
CA LEU A 321 -31.74 1.51 3.83
C LEU A 321 -33.25 1.47 3.63
N LEU A 322 -33.81 2.60 3.19
CA LEU A 322 -35.23 2.67 2.90
C LEU A 322 -35.62 1.67 1.82
N ASN A 323 -34.80 1.59 0.77
CA ASN A 323 -35.05 0.67 -0.33
C ASN A 323 -35.12 -0.78 0.16
N ARG A 324 -34.16 -1.15 0.99
CA ARG A 324 -34.13 -2.46 1.65
C ARG A 324 -35.40 -2.72 2.41
N ALA A 325 -35.74 -1.75 3.26
CA ALA A 325 -36.86 -1.87 4.16
C ALA A 325 -38.17 -2.06 3.40
N ALA A 326 -38.36 -1.27 2.35
CA ALA A 326 -39.57 -1.36 1.55
C ALA A 326 -39.69 -2.70 0.82
N SER A 327 -38.57 -3.18 0.28
CA SER A 327 -38.56 -4.44 -0.44
C SER A 327 -38.95 -5.54 0.53
N TYR A 328 -38.40 -5.46 1.74
CA TYR A 328 -38.68 -6.44 2.77
C TYR A 328 -40.15 -6.42 3.14
N VAL A 329 -40.73 -5.23 3.28
CA VAL A 329 -42.13 -5.14 3.66
C VAL A 329 -43.06 -5.72 2.58
N ASN A 330 -42.71 -5.52 1.30
CA ASN A 330 -43.56 -5.95 0.20
C ASN A 330 -43.88 -7.43 0.22
N SER A 331 -42.95 -8.23 0.75
CA SER A 331 -43.13 -9.67 0.75
C SER A 331 -43.02 -10.25 2.16
N ALA A 332 -43.02 -9.39 3.17
CA ALA A 332 -42.91 -9.83 4.55
C ALA A 332 -44.19 -10.56 4.98
N PRO A 333 -44.04 -11.54 5.89
CA PRO A 333 -45.22 -12.23 6.43
C PRO A 333 -46.14 -11.31 7.23
N PRO A 334 -47.43 -11.64 7.28
CA PRO A 334 -48.43 -10.81 7.97
C PRO A 334 -48.04 -10.33 9.40
N PRO A 335 -47.50 -11.20 10.29
CA PRO A 335 -47.19 -10.67 11.63
C PRO A 335 -46.15 -9.55 11.60
N VAL A 336 -45.21 -9.64 10.67
CA VAL A 336 -44.18 -8.61 10.53
C VAL A 336 -44.79 -7.30 10.03
N VAL A 337 -45.65 -7.41 9.02
CA VAL A 337 -46.40 -6.26 8.53
C VAL A 337 -47.17 -5.61 9.68
N MET A 338 -47.83 -6.44 10.48
CA MET A 338 -48.57 -5.95 11.65
C MET A 338 -47.65 -5.18 12.59
N ARG A 339 -46.50 -5.77 12.89
CA ARG A 339 -45.58 -5.15 13.85
C ARG A 339 -45.04 -3.81 13.32
N MET A 340 -44.72 -3.76 12.04
CA MET A 340 -44.15 -2.55 11.46
C MET A 340 -45.19 -1.44 11.32
N ALA A 341 -46.42 -1.82 11.02
CA ALA A 341 -47.50 -0.86 10.95
C ALA A 341 -47.71 -0.23 12.33
N LYS A 342 -47.68 -1.07 13.36
CA LYS A 342 -47.84 -0.61 14.73
C LYS A 342 -46.71 0.33 15.13
N LEU A 343 -45.49 -0.02 14.78
CA LEU A 343 -44.32 0.82 15.11
C LEU A 343 -44.46 2.19 14.45
N LEU A 344 -44.97 2.19 13.23
CA LEU A 344 -45.21 3.42 12.49
C LEU A 344 -46.26 4.28 13.23
N GLN A 345 -47.35 3.65 13.65
CA GLN A 345 -48.39 4.35 14.40
C GLN A 345 -47.88 4.86 15.75
N ASP A 346 -47.07 4.05 16.41
CA ASP A 346 -46.59 4.38 17.75
C ASP A 346 -45.63 5.57 17.74
N SER A 347 -45.11 5.92 16.58
CA SER A 347 -44.19 7.04 16.49
C SER A 347 -44.88 8.36 16.80
N LEU A 348 -46.22 8.34 16.82
CA LEU A 348 -46.99 9.55 17.11
C LEU A 348 -47.47 9.70 18.55
N LEU A 349 -47.07 8.81 19.45
CA LEU A 349 -47.64 8.80 20.81
C LEU A 349 -47.02 9.75 21.83
N ASP A 350 -45.72 9.99 21.73
CA ASP A 350 -45.07 10.92 22.67
C ASP A 350 -45.00 12.34 22.13
N PRO B 8 4.75 -41.54 -31.76
CA PRO B 8 6.06 -42.14 -32.00
C PRO B 8 6.01 -43.65 -31.80
N ALA B 9 6.08 -44.42 -32.89
CA ALA B 9 6.02 -45.88 -32.84
C ALA B 9 7.07 -46.48 -31.92
N GLY B 10 8.22 -45.82 -31.84
CA GLY B 10 9.33 -46.27 -31.03
C GLY B 10 8.98 -46.47 -29.57
N ARG B 11 8.13 -45.59 -29.05
CA ARG B 11 7.74 -45.66 -27.64
C ARG B 11 6.48 -46.51 -27.44
N GLN B 12 5.91 -47.02 -28.53
CA GLN B 12 4.62 -47.72 -28.48
C GLN B 12 4.73 -49.23 -28.25
N ALA B 13 5.90 -49.81 -28.57
CA ALA B 13 6.17 -51.22 -28.34
C ALA B 13 5.14 -52.14 -29.00
N GLY B 14 4.60 -51.75 -30.14
CA GLY B 14 3.64 -52.59 -30.82
C GLY B 14 2.25 -52.53 -30.20
N GLN B 15 2.05 -51.62 -29.25
CA GLN B 15 0.80 -51.54 -28.51
C GLN B 15 -0.03 -50.33 -28.94
N GLN B 16 0.18 -49.86 -30.17
CA GLN B 16 -0.47 -48.64 -30.67
C GLN B 16 -1.97 -48.64 -30.51
N ALA B 17 -2.59 -49.79 -30.74
CA ALA B 17 -4.04 -49.92 -30.67
C ALA B 17 -4.54 -49.76 -29.24
N THR B 18 -3.94 -50.50 -28.33
CA THR B 18 -4.34 -50.44 -26.93
C THR B 18 -4.05 -49.07 -26.33
N VAL B 19 -2.85 -48.55 -26.59
CA VAL B 19 -2.47 -47.24 -26.09
C VAL B 19 -3.42 -46.16 -26.63
N ASP B 20 -3.70 -46.26 -27.93
CA ASP B 20 -4.57 -45.30 -28.58
C ASP B 20 -5.98 -45.26 -28.00
N ARG B 21 -6.58 -46.42 -27.74
CA ARG B 21 -7.94 -46.40 -27.22
C ARG B 21 -7.96 -45.96 -25.75
N LEU B 22 -6.90 -46.30 -25.00
CA LEU B 22 -6.86 -45.90 -23.60
C LEU B 22 -6.63 -44.40 -23.50
N ARG B 23 -5.87 -43.84 -24.43
CA ARG B 23 -5.67 -42.39 -24.44
C ARG B 23 -7.01 -41.72 -24.69
N THR B 24 -7.71 -42.16 -25.74
CA THR B 24 -9.04 -41.64 -26.06
C THR B 24 -10.00 -41.80 -24.89
N GLN B 25 -9.94 -42.96 -24.24
CA GLN B 25 -10.81 -43.24 -23.11
C GLN B 25 -10.57 -42.24 -21.98
N VAL B 26 -9.30 -41.97 -21.70
CA VAL B 26 -8.97 -41.07 -20.60
C VAL B 26 -9.25 -39.61 -20.93
N THR B 27 -8.80 -39.15 -22.09
CA THR B 27 -9.06 -37.77 -22.50
C THR B 27 -10.54 -37.52 -22.62
N GLY B 28 -11.28 -38.55 -23.02
CA GLY B 28 -12.71 -38.45 -23.21
C GLY B 28 -13.39 -38.15 -21.89
N PHE B 29 -12.91 -38.77 -20.83
CA PHE B 29 -13.48 -38.54 -19.52
C PHE B 29 -13.10 -37.16 -18.97
N LEU B 30 -11.81 -36.83 -19.03
CA LEU B 30 -11.35 -35.54 -18.54
C LEU B 30 -11.96 -34.38 -19.32
N SER B 31 -11.92 -34.46 -20.65
CA SER B 31 -12.46 -33.39 -21.48
C SER B 31 -13.98 -33.34 -21.39
N GLY B 32 -14.59 -34.51 -21.19
CA GLY B 32 -16.02 -34.58 -21.00
C GLY B 32 -16.45 -33.85 -19.73
N ALA B 33 -15.74 -34.09 -18.63
CA ALA B 33 -16.05 -33.42 -17.37
C ALA B 33 -15.84 -31.95 -17.59
N LEU B 34 -14.71 -31.65 -18.25
CA LEU B 34 -14.36 -30.29 -18.61
C LEU B 34 -15.48 -29.58 -19.37
N GLY B 35 -15.96 -30.19 -20.45
CA GLY B 35 -16.98 -29.59 -21.30
C GLY B 35 -18.26 -29.28 -20.56
N LYS B 36 -18.73 -30.23 -19.76
CA LYS B 36 -19.95 -30.03 -18.99
C LYS B 36 -19.76 -28.98 -17.91
N LEU B 37 -18.62 -29.01 -17.22
CA LEU B 37 -18.40 -28.07 -16.12
C LEU B 37 -18.19 -26.64 -16.63
N GLN B 38 -17.53 -26.51 -17.77
CA GLN B 38 -17.31 -25.21 -18.35
C GLN B 38 -18.67 -24.66 -18.80
N ALA B 39 -19.53 -25.55 -19.30
CA ALA B 39 -20.87 -25.13 -19.72
C ALA B 39 -21.69 -24.58 -18.56
N LEU B 40 -21.68 -25.30 -17.44
CA LEU B 40 -22.41 -24.88 -16.22
C LEU B 40 -21.90 -23.54 -15.73
N SER B 41 -20.58 -23.40 -15.72
CA SER B 41 -19.97 -22.20 -15.20
C SER B 41 -20.26 -21.03 -16.11
N ALA B 42 -20.18 -21.26 -17.42
CA ALA B 42 -20.48 -20.23 -18.40
C ALA B 42 -21.92 -19.78 -18.30
N GLN B 43 -22.79 -20.70 -17.92
CA GLN B 43 -24.21 -20.40 -17.81
C GLN B 43 -24.57 -20.00 -16.39
N ASN B 44 -23.54 -19.82 -15.55
CA ASN B 44 -23.70 -19.38 -14.16
C ASN B 44 -24.62 -20.33 -13.39
N MET B 45 -24.39 -21.62 -13.55
CA MET B 45 -25.26 -22.61 -12.89
C MET B 45 -24.51 -23.41 -11.84
N ASP B 46 -25.08 -23.46 -10.64
CA ASP B 46 -24.56 -24.31 -9.59
C ASP B 46 -24.67 -25.78 -10.01
N PRO B 47 -23.57 -26.53 -9.88
CA PRO B 47 -23.56 -27.93 -10.35
C PRO B 47 -24.53 -28.90 -9.64
N GLU B 48 -24.63 -28.88 -8.32
CA GLU B 48 -25.52 -29.83 -7.65
C GLU B 48 -26.98 -29.59 -8.00
N LEU B 49 -27.41 -28.33 -7.97
CA LEU B 49 -28.76 -28.01 -8.38
C LEU B 49 -29.00 -28.45 -9.83
N ALA B 50 -27.94 -28.45 -10.64
CA ALA B 50 -28.04 -28.90 -12.03
C ALA B 50 -27.90 -30.42 -12.16
N GLN B 51 -27.91 -31.11 -11.02
CA GLN B 51 -27.83 -32.57 -10.98
C GLN B 51 -26.54 -33.13 -11.55
N PHE B 52 -25.48 -32.34 -11.53
CA PHE B 52 -24.14 -32.82 -11.90
C PHE B 52 -23.42 -33.29 -10.63
N ARG B 53 -22.88 -34.50 -10.64
CA ARG B 53 -22.31 -35.08 -9.42
C ARG B 53 -20.81 -34.79 -9.24
N VAL B 54 -20.52 -33.59 -8.75
CA VAL B 54 -19.15 -33.12 -8.58
C VAL B 54 -18.31 -34.01 -7.68
N LEU B 55 -18.93 -34.54 -6.63
CA LEU B 55 -18.20 -35.40 -5.71
C LEU B 55 -17.63 -36.60 -6.43
N ASP B 56 -18.43 -37.20 -7.31
CA ASP B 56 -17.99 -38.39 -8.02
C ASP B 56 -16.95 -38.05 -9.07
N VAL B 57 -17.15 -36.92 -9.76
CA VAL B 57 -16.21 -36.51 -10.78
C VAL B 57 -14.89 -36.07 -10.18
N ASP B 58 -14.95 -35.31 -9.09
CA ASP B 58 -13.74 -34.86 -8.43
C ASP B 58 -12.94 -36.05 -7.93
N ARG B 59 -13.63 -37.02 -7.34
CA ARG B 59 -12.98 -38.19 -6.81
C ARG B 59 -12.29 -38.99 -7.91
N ALA B 60 -12.94 -39.08 -9.07
CA ALA B 60 -12.42 -39.85 -10.19
C ALA B 60 -11.25 -39.18 -10.89
N ILE B 61 -11.29 -37.85 -11.01
CA ILE B 61 -10.26 -37.15 -11.77
C ILE B 61 -9.02 -36.81 -10.90
N MET B 62 -9.21 -36.75 -9.59
CA MET B 62 -8.17 -36.25 -8.70
C MET B 62 -6.81 -37.00 -8.83
N PRO B 63 -6.83 -38.34 -8.87
CA PRO B 63 -5.51 -38.98 -9.04
C PRO B 63 -4.88 -38.61 -10.38
N LEU B 64 -5.70 -38.39 -11.40
CA LEU B 64 -5.19 -38.01 -12.71
C LEU B 64 -4.66 -36.57 -12.69
N LEU B 65 -5.32 -35.69 -11.94
CA LEU B 65 -4.81 -34.33 -11.76
C LEU B 65 -3.49 -34.36 -11.03
N ILE B 66 -3.41 -35.22 -10.02
CA ILE B 66 -2.18 -35.35 -9.23
C ILE B 66 -1.03 -35.80 -10.11
N VAL B 67 -1.27 -36.79 -10.96
CA VAL B 67 -0.24 -37.26 -11.88
C VAL B 67 0.22 -36.12 -12.81
N ALA B 68 -0.75 -35.41 -13.38
CA ALA B 68 -0.45 -34.36 -14.35
C ALA B 68 0.34 -33.25 -13.68
N GLU B 69 -0.05 -32.89 -12.46
CA GLU B 69 0.61 -31.81 -11.75
C GLU B 69 2.03 -32.20 -11.29
N ASN B 70 2.20 -33.45 -10.86
CA ASN B 70 3.53 -33.91 -10.48
C ASN B 70 4.49 -33.86 -11.67
N ALA B 71 3.95 -34.13 -12.86
CA ALA B 71 4.72 -34.07 -14.09
C ALA B 71 5.00 -32.64 -14.52
N ARG B 72 4.05 -31.74 -14.29
CA ARG B 72 4.13 -30.36 -14.76
C ARG B 72 5.14 -29.57 -13.92
N ASN B 73 5.23 -29.89 -12.63
CA ASN B 73 6.26 -29.31 -11.75
C ASN B 73 7.02 -30.34 -10.93
N PRO B 74 8.11 -30.87 -11.50
CA PRO B 74 9.00 -31.79 -10.79
C PRO B 74 9.40 -31.25 -9.41
N GLY B 75 9.25 -32.08 -8.39
CA GLY B 75 9.55 -31.67 -7.03
C GLY B 75 8.29 -31.46 -6.21
N LEU B 76 7.16 -31.26 -6.88
CA LEU B 76 5.88 -31.14 -6.19
C LEU B 76 5.67 -32.36 -5.32
N ASN B 77 5.91 -33.54 -5.90
CA ASN B 77 5.79 -34.81 -5.20
C ASN B 77 4.52 -34.92 -4.38
N LEU B 78 3.40 -34.70 -5.06
CA LEU B 78 2.09 -34.75 -4.44
C LEU B 78 1.63 -36.20 -4.31
N VAL B 79 1.24 -36.58 -3.09
CA VAL B 79 0.76 -37.92 -2.85
C VAL B 79 -0.63 -37.85 -2.21
N PRO B 80 -1.57 -38.65 -2.72
CA PRO B 80 -2.89 -38.69 -2.07
C PRO B 80 -2.87 -39.58 -0.83
N LEU B 81 -3.28 -39.03 0.30
CA LEU B 81 -3.30 -39.78 1.56
C LEU B 81 -4.66 -39.74 2.24
N HIS B 82 -4.91 -40.68 3.15
CA HIS B 82 -6.14 -40.67 3.93
C HIS B 82 -5.96 -41.08 5.39
N MET B 83 -6.84 -40.56 6.24
CA MET B 83 -6.82 -40.82 7.66
C MET B 83 -7.57 -42.11 7.99
N ASP B 84 -7.47 -42.56 9.24
CA ASP B 84 -8.09 -43.81 9.68
C ASP B 84 -9.57 -43.86 9.37
N MET B 85 -10.29 -42.79 9.73
CA MET B 85 -11.74 -42.72 9.59
C MET B 85 -12.21 -42.88 8.14
N ALA B 86 -11.31 -42.65 7.20
CA ALA B 86 -11.63 -42.82 5.79
C ALA B 86 -11.68 -44.29 5.37
N GLU B 87 -11.23 -45.19 6.23
CA GLU B 87 -11.26 -46.62 5.89
C GLU B 87 -12.50 -47.32 6.40
N ASP B 88 -13.32 -46.61 7.17
CA ASP B 88 -14.54 -47.20 7.70
C ASP B 88 -15.63 -47.04 6.66
N GLU B 89 -15.95 -48.15 5.98
CA GLU B 89 -16.94 -48.16 4.92
C GLU B 89 -18.31 -47.68 5.42
N GLU B 90 -18.47 -47.63 6.73
CA GLU B 90 -19.76 -47.30 7.35
C GLU B 90 -19.87 -45.81 7.73
N VAL B 91 -18.74 -45.13 7.84
CA VAL B 91 -18.74 -43.72 8.22
C VAL B 91 -18.50 -42.76 7.05
N ARG B 92 -17.56 -43.11 6.19
CA ARG B 92 -17.11 -42.23 5.11
C ARG B 92 -18.20 -41.89 4.09
N THR B 93 -18.11 -40.70 3.51
CA THR B 93 -19.06 -40.24 2.50
C THR B 93 -18.69 -40.86 1.15
N GLN B 94 -17.41 -41.11 0.99
CA GLN B 94 -16.84 -41.71 -0.20
C GLN B 94 -15.60 -42.51 0.19
N PRO B 95 -15.31 -43.58 -0.54
CA PRO B 95 -14.01 -44.21 -0.30
C PRO B 95 -12.89 -43.31 -0.82
N PRO B 96 -11.68 -43.46 -0.29
CA PRO B 96 -10.56 -42.64 -0.78
C PRO B 96 -10.34 -42.85 -2.28
N MET B 97 -9.78 -41.84 -2.94
CA MET B 97 -9.52 -41.91 -4.37
C MET B 97 -8.54 -43.02 -4.69
N ALA B 98 -8.55 -43.48 -5.93
CA ALA B 98 -7.62 -44.52 -6.38
C ALA B 98 -6.15 -44.18 -6.10
N GLY B 99 -5.44 -45.13 -5.53
CA GLY B 99 -4.00 -44.98 -5.28
C GLY B 99 -3.69 -44.29 -3.97
N SER B 100 -4.74 -43.89 -3.24
CA SER B 100 -4.57 -43.21 -1.96
C SER B 100 -3.86 -44.12 -0.96
N ARG B 101 -2.94 -43.56 -0.18
CA ARG B 101 -2.19 -44.34 0.81
C ARG B 101 -2.52 -43.92 2.24
N HIS B 102 -2.63 -44.90 3.13
CA HIS B 102 -2.85 -44.63 4.54
C HIS B 102 -1.64 -43.90 5.13
N ILE B 103 -1.90 -42.82 5.87
CA ILE B 103 -0.82 -42.00 6.45
C ILE B 103 0.18 -42.82 7.27
N ALA B 104 -0.32 -43.68 8.16
CA ALA B 104 0.56 -44.50 8.98
C ALA B 104 1.45 -45.36 8.10
N GLU B 105 0.85 -45.97 7.08
CA GLU B 105 1.61 -46.80 6.15
C GLU B 105 2.63 -45.95 5.42
N PHE B 106 2.23 -44.73 5.06
CA PHE B 106 3.09 -43.84 4.30
C PHE B 106 4.36 -43.49 5.06
N VAL B 107 4.23 -42.93 6.25
CA VAL B 107 5.37 -42.51 7.07
C VAL B 107 6.37 -43.64 7.23
N ALA B 108 5.84 -44.84 7.44
CA ALA B 108 6.64 -46.03 7.62
C ALA B 108 7.49 -46.33 6.40
N SER B 109 6.84 -46.41 5.24
CA SER B 109 7.51 -46.90 4.04
C SER B 109 8.02 -45.79 3.13
N ALA B 110 7.50 -44.58 3.30
CA ALA B 110 7.90 -43.50 2.39
C ALA B 110 9.40 -43.28 2.46
N ARG B 111 10.01 -43.18 1.29
CA ARG B 111 11.42 -42.87 1.17
C ARG B 111 11.62 -41.44 1.63
N PRO B 112 12.84 -41.10 2.07
CA PRO B 112 13.01 -39.72 2.56
C PRO B 112 12.97 -38.67 1.44
N GLY B 113 12.39 -37.52 1.74
CA GLY B 113 12.27 -36.44 0.77
C GLY B 113 11.17 -35.43 1.11
N ARG B 114 10.86 -34.59 0.14
CA ARG B 114 9.81 -33.57 0.30
C ARG B 114 8.52 -34.02 -0.37
N TYR B 115 7.41 -33.93 0.36
CA TYR B 115 6.13 -34.32 -0.19
C TYR B 115 5.05 -33.26 0.00
N ARG B 116 4.11 -33.25 -0.92
CA ARG B 116 2.83 -32.59 -0.73
C ARG B 116 1.76 -33.67 -0.67
N ALA B 117 0.64 -33.36 -0.05
CA ALA B 117 -0.42 -34.35 0.06
C ALA B 117 -1.78 -33.70 0.07
N VAL B 118 -2.78 -34.42 -0.43
CA VAL B 118 -4.15 -34.10 -0.09
C VAL B 118 -4.57 -35.21 0.86
N ILE B 119 -5.11 -34.84 2.01
CA ILE B 119 -5.44 -35.83 3.03
C ILE B 119 -6.96 -35.95 3.20
N ASP B 120 -7.46 -37.15 2.95
CA ASP B 120 -8.88 -37.48 3.00
C ASP B 120 -9.24 -38.10 4.35
N ASP B 121 -10.32 -37.65 4.98
CA ASP B 121 -10.76 -38.28 6.24
C ASP B 121 -12.05 -39.05 6.06
N GLY B 122 -12.54 -39.10 4.82
CA GLY B 122 -13.77 -39.80 4.51
C GLY B 122 -14.89 -38.85 4.14
N SER B 123 -14.79 -37.61 4.60
CA SER B 123 -15.83 -36.63 4.32
C SER B 123 -15.24 -35.28 3.93
N HIS B 124 -14.00 -35.05 4.34
CA HIS B 124 -13.32 -33.79 4.09
C HIS B 124 -11.89 -34.01 3.66
N THR B 125 -11.36 -33.09 2.87
CA THR B 125 -9.99 -33.18 2.38
C THR B 125 -9.19 -31.91 2.66
N ARG B 126 -7.95 -32.10 3.12
CA ARG B 126 -7.07 -30.98 3.41
C ARG B 126 -5.76 -31.09 2.62
N ALA B 127 -4.99 -30.01 2.60
CA ALA B 127 -3.67 -30.03 2.01
C ALA B 127 -2.60 -30.13 3.08
N ALA B 128 -1.43 -30.64 2.70
CA ALA B 128 -0.36 -30.82 3.66
C ALA B 128 0.99 -30.76 2.99
N ASP B 129 1.95 -30.23 3.73
CA ASP B 129 3.32 -30.24 3.31
C ASP B 129 4.08 -31.11 4.32
N ILE B 130 4.66 -32.22 3.86
CA ILE B 130 5.21 -33.19 4.77
C ILE B 130 6.72 -33.40 4.60
N ARG B 131 7.45 -33.36 5.73
CA ARG B 131 8.88 -33.67 5.79
C ARG B 131 9.28 -34.44 7.06
N ASP B 133 14.11 -36.17 8.49
CA ASP B 133 13.63 -37.52 8.26
C ASP B 133 13.87 -38.41 9.49
N ALA B 134 15.14 -38.65 9.78
CA ALA B 134 15.57 -39.42 10.92
C ALA B 134 14.99 -38.82 12.21
N SER B 135 14.87 -37.50 12.25
CA SER B 135 14.37 -36.79 13.39
C SER B 135 12.89 -37.11 13.62
N GLY B 136 12.20 -37.50 12.54
CA GLY B 136 10.80 -37.84 12.64
C GLY B 136 10.08 -37.31 11.42
N THR B 137 8.76 -37.21 11.50
CA THR B 137 8.01 -36.71 10.37
C THR B 137 7.55 -35.31 10.77
N SER B 138 7.59 -34.38 9.83
CA SER B 138 7.02 -33.07 10.10
C SER B 138 6.01 -32.75 8.99
N VAL B 139 4.86 -32.25 9.40
CA VAL B 139 3.78 -31.98 8.47
C VAL B 139 3.15 -30.63 8.79
N ILE B 140 2.88 -29.86 7.73
CA ILE B 140 2.16 -28.61 7.88
C ILE B 140 0.83 -28.76 7.18
N VAL B 141 -0.24 -28.81 7.97
CA VAL B 141 -1.55 -29.07 7.41
C VAL B 141 -2.27 -27.75 7.21
N VAL B 142 -2.75 -27.51 5.99
CA VAL B 142 -3.57 -26.35 5.76
C VAL B 142 -4.96 -26.82 5.37
N ASP B 143 -5.94 -26.48 6.19
CA ASP B 143 -7.30 -26.89 5.95
C ASP B 143 -8.03 -25.70 5.33
N PRO B 144 -8.56 -25.89 4.12
CA PRO B 144 -9.28 -24.84 3.38
C PRO B 144 -10.64 -24.53 3.99
N LEU B 145 -11.06 -25.35 4.95
CA LEU B 145 -12.35 -25.15 5.58
C LEU B 145 -12.16 -24.70 7.03
N ARG B 146 -12.91 -23.68 7.41
CA ARG B 146 -12.86 -23.13 8.76
C ARG B 146 -14.28 -22.78 9.22
N LYS B 147 -15.03 -23.79 9.64
CA LYS B 147 -16.47 -23.62 9.87
C LYS B 147 -16.90 -23.59 11.34
N GLU B 148 -15.97 -23.83 12.25
CA GLU B 148 -16.32 -23.87 13.66
C GLU B 148 -16.61 -22.47 14.21
N GLU B 151 -14.48 -21.61 18.09
CA GLU B 151 -13.09 -21.81 17.70
C GLU B 151 -12.37 -22.70 18.71
N SER B 152 -13.13 -23.56 19.37
CA SER B 152 -12.54 -24.46 20.34
C SER B 152 -12.43 -25.88 19.81
N ALA B 153 -13.14 -26.16 18.72
CA ALA B 153 -13.09 -27.47 18.10
C ALA B 153 -11.78 -27.73 17.35
N TYR B 154 -11.13 -26.64 16.90
CA TYR B 154 -9.89 -26.74 16.13
C TYR B 154 -8.75 -27.30 16.97
N VAL B 155 -8.83 -27.09 18.27
CA VAL B 155 -7.86 -27.69 19.18
C VAL B 155 -7.92 -29.20 19.02
N ASP B 156 -9.14 -29.73 19.03
CA ASP B 156 -9.36 -31.16 18.87
C ASP B 156 -8.98 -31.67 17.48
N TYR B 157 -9.32 -30.90 16.44
CA TYR B 157 -8.98 -31.27 15.07
C TYR B 157 -7.48 -31.40 14.89
N ALA B 158 -6.75 -30.43 15.45
CA ALA B 158 -5.30 -30.41 15.37
C ALA B 158 -4.67 -31.64 16.02
N ASP B 159 -5.15 -31.98 17.22
CA ASP B 159 -4.63 -33.14 17.93
C ASP B 159 -4.93 -34.44 17.19
N ASN B 160 -6.16 -34.55 16.66
CA ASN B 160 -6.58 -35.74 15.93
C ASN B 160 -5.68 -36.03 14.73
N VAL B 161 -5.26 -34.97 14.06
CA VAL B 161 -4.35 -35.08 12.93
C VAL B 161 -2.97 -35.57 13.34
N ASN B 162 -2.41 -34.97 14.40
CA ASN B 162 -1.08 -35.37 14.88
C ASN B 162 -1.06 -36.84 15.25
N MET B 163 -2.13 -37.31 15.86
CA MET B 163 -2.22 -38.71 16.27
C MET B 163 -2.08 -39.63 15.06
N GLU B 164 -2.58 -39.18 13.91
CA GLU B 164 -2.50 -39.97 12.69
C GLU B 164 -1.04 -40.12 12.25
N PHE B 165 -0.24 -39.08 12.51
CA PHE B 165 1.17 -39.06 12.12
C PHE B 165 2.20 -39.42 13.20
N GLY B 166 1.80 -39.52 14.47
CA GLY B 166 2.78 -39.55 15.54
C GLY B 166 3.21 -40.84 16.21
N GLU B 167 3.51 -40.77 17.51
CA GLU B 167 3.48 -39.51 18.29
C GLU B 167 4.69 -38.60 18.10
N HIS B 168 5.76 -39.13 17.50
CA HIS B 168 6.99 -38.36 17.37
C HIS B 168 7.03 -37.51 16.11
N ALA B 169 5.90 -37.41 15.43
CA ALA B 169 5.85 -36.47 14.32
C ALA B 169 5.39 -35.12 14.84
N LYS B 170 6.08 -34.06 14.43
CA LYS B 170 5.65 -32.70 14.73
C LYS B 170 4.66 -32.26 13.65
N CYS B 171 3.59 -31.62 14.06
CA CYS B 171 2.51 -31.27 13.14
C CYS B 171 1.99 -29.86 13.40
N ALA B 172 1.71 -29.14 12.32
CA ALA B 172 1.06 -27.84 12.42
C ALA B 172 -0.27 -27.91 11.71
N PHE B 173 -1.30 -27.36 12.35
CA PHE B 173 -2.63 -27.36 11.77
C PHE B 173 -3.11 -25.94 11.59
N ILE B 174 -3.36 -25.58 10.33
CA ILE B 174 -3.70 -24.21 9.96
C ILE B 174 -5.05 -24.16 9.27
N PRO B 175 -6.13 -23.94 10.03
CA PRO B 175 -7.46 -23.79 9.43
C PRO B 175 -7.63 -22.42 8.77
N VAL B 176 -8.07 -22.42 7.52
CA VAL B 176 -8.21 -21.18 6.77
C VAL B 176 -9.63 -21.05 6.20
N ASP B 177 -10.18 -19.84 6.25
CA ASP B 177 -11.55 -19.59 5.81
C ASP B 177 -11.64 -19.41 4.29
N ILE B 178 -11.46 -20.49 3.54
CA ILE B 178 -11.54 -20.44 2.08
C ILE B 178 -12.83 -21.07 1.55
N GLN B 179 -13.08 -22.30 1.99
CA GLN B 179 -14.23 -23.06 1.51
C GLN B 179 -15.56 -22.63 2.14
N LYS B 180 -16.59 -22.51 1.30
CA LYS B 180 -17.95 -22.27 1.77
C LYS B 180 -18.91 -23.35 1.26
N SER B 181 -18.62 -23.93 0.09
CA SER B 181 -19.48 -24.94 -0.50
C SER B 181 -19.19 -26.31 0.09
N PHE B 182 -20.05 -27.26 -0.23
CA PHE B 182 -19.96 -28.60 0.33
C PHE B 182 -18.94 -29.46 -0.40
N PHE B 183 -18.67 -29.15 -1.67
CA PHE B 183 -17.94 -30.07 -2.54
C PHE B 183 -16.54 -29.65 -3.04
N ASP B 184 -16.06 -28.49 -2.63
CA ASP B 184 -14.83 -27.94 -3.20
C ASP B 184 -13.53 -28.23 -2.44
N ALA B 185 -13.59 -29.02 -1.38
CA ALA B 185 -12.40 -29.28 -0.56
C ALA B 185 -11.24 -29.87 -1.37
N ARG B 186 -11.55 -30.85 -2.22
CA ARG B 186 -10.53 -31.53 -2.99
C ARG B 186 -9.80 -30.56 -3.91
N ILE B 187 -10.55 -29.78 -4.66
CA ILE B 187 -9.92 -28.86 -5.60
C ILE B 187 -9.16 -27.76 -4.87
N LEU B 188 -9.74 -27.26 -3.78
CA LEU B 188 -9.07 -26.25 -2.95
C LEU B 188 -7.78 -26.81 -2.34
N SER B 189 -7.82 -28.05 -1.86
CA SER B 189 -6.64 -28.65 -1.23
C SER B 189 -5.51 -28.89 -2.23
N LEU B 190 -5.85 -29.30 -3.44
CA LEU B 190 -4.87 -29.50 -4.51
C LEU B 190 -4.21 -28.18 -4.87
N SER B 191 -5.03 -27.14 -4.93
CA SER B 191 -4.53 -25.79 -5.23
C SER B 191 -3.56 -25.32 -4.15
N LEU B 192 -3.92 -25.58 -2.89
CA LEU B 192 -3.05 -25.25 -1.76
C LEU B 192 -1.71 -26.01 -1.82
N ALA B 193 -1.76 -27.28 -2.21
CA ALA B 193 -0.54 -28.09 -2.33
C ALA B 193 0.43 -27.47 -3.33
N LEU B 194 -0.11 -27.03 -4.46
CA LEU B 194 0.69 -26.40 -5.51
C LEU B 194 1.32 -25.13 -4.94
N LYS B 195 0.52 -24.40 -4.15
CA LYS B 195 0.99 -23.17 -3.52
C LYS B 195 2.07 -23.47 -2.46
N MET B 196 1.95 -24.62 -1.81
CA MET B 196 2.97 -25.05 -0.86
C MET B 196 4.29 -25.24 -1.59
N HIS B 197 4.21 -25.89 -2.75
CA HIS B 197 5.37 -26.13 -3.59
C HIS B 197 5.86 -24.79 -4.13
N ASP B 198 4.93 -23.90 -4.44
CA ASP B 198 5.32 -22.57 -4.91
C ASP B 198 6.08 -21.81 -3.81
N LYS B 199 5.66 -22.01 -2.57
CA LYS B 199 6.31 -21.36 -1.44
C LYS B 199 7.17 -22.37 -0.71
N ASP B 200 7.83 -23.20 -1.51
CA ASP B 200 8.59 -24.33 -1.00
C ASP B 200 9.53 -23.88 0.12
N ASP B 201 10.31 -22.84 -0.14
CA ASP B 201 11.26 -22.32 0.84
C ASP B 201 10.56 -21.80 2.11
N ALA B 202 9.45 -21.10 1.93
CA ALA B 202 8.72 -20.54 3.06
C ALA B 202 8.23 -21.63 4.00
N PHE B 203 7.81 -22.76 3.44
CA PHE B 203 7.34 -23.88 4.25
C PHE B 203 8.50 -24.68 4.84
N ALA B 204 9.62 -24.73 4.14
CA ALA B 204 10.80 -25.40 4.64
C ALA B 204 11.26 -24.73 5.94
N ALA B 205 11.26 -23.41 5.92
CA ALA B 205 11.65 -22.64 7.10
C ALA B 205 10.75 -22.91 8.28
N PHE B 206 9.46 -23.11 8.02
CA PHE B 206 8.49 -23.36 9.09
C PHE B 206 8.67 -24.73 9.74
N HIS B 207 9.12 -25.69 8.94
CA HIS B 207 9.36 -27.04 9.43
C HIS B 207 10.34 -26.99 10.60
N GLU B 208 11.27 -26.03 10.54
CA GLU B 208 12.22 -25.79 11.61
C GLU B 208 11.53 -25.49 12.93
N ASN B 212 11.46 -27.21 16.03
CA ASN B 212 12.34 -26.83 17.13
C ASN B 212 11.59 -26.14 18.26
N GLY B 213 10.27 -26.04 18.11
CA GLY B 213 9.46 -25.34 19.10
C GLY B 213 9.74 -23.86 19.11
N GLY B 214 10.04 -23.30 17.93
CA GLY B 214 10.37 -21.88 17.79
C GLY B 214 9.16 -21.00 18.04
N ASP B 215 9.35 -19.68 17.95
CA ASP B 215 8.26 -18.75 18.25
C ASP B 215 7.18 -18.82 17.15
N PRO B 216 7.55 -18.76 15.86
CA PRO B 216 8.79 -18.26 15.25
C PRO B 216 9.03 -16.74 15.39
N SER B 217 8.01 -15.90 15.58
CA SER B 217 6.71 -15.97 14.90
C SER B 217 6.92 -15.27 13.57
N HIS B 218 8.05 -15.59 12.94
CA HIS B 218 8.45 -15.04 11.66
C HIS B 218 7.70 -15.70 10.52
N HIS B 219 6.88 -16.68 10.86
CA HIS B 219 6.21 -17.48 9.85
C HIS B 219 4.70 -17.31 9.96
N VAL B 220 4.22 -17.25 11.18
CA VAL B 220 2.78 -17.17 11.42
C VAL B 220 2.48 -16.04 12.41
N SER B 221 1.26 -15.51 12.40
CA SER B 221 0.93 -14.36 13.25
C SER B 221 0.37 -14.77 14.62
N ARG B 222 -0.43 -15.83 14.66
CA ARG B 222 -1.04 -16.31 15.89
C ARG B 222 -0.98 -17.83 15.94
N ALA B 223 -0.50 -18.38 17.04
CA ALA B 223 -0.47 -19.84 17.23
C ALA B 223 -0.62 -20.20 18.71
N GLN B 224 -1.04 -21.44 18.99
CA GLN B 224 -1.12 -21.89 20.38
C GLN B 224 -0.96 -23.42 20.47
N GLN B 225 -0.55 -23.88 21.64
CA GLN B 225 -0.32 -25.30 21.89
C GLN B 225 -1.47 -26.05 22.51
N THR B 226 -1.79 -27.20 21.93
CA THR B 226 -2.77 -28.09 22.52
C THR B 226 -2.19 -28.68 23.82
N GLU B 227 -0.88 -28.98 23.81
CA GLU B 227 -0.15 -29.44 25.01
C GLU B 227 -0.52 -30.86 25.44
N GLU B 228 -0.90 -31.70 24.50
CA GLU B 228 -1.34 -33.06 24.81
C GLU B 228 -0.58 -34.32 24.32
N LEU B 229 0.00 -34.40 23.12
CA LEU B 229 0.44 -33.35 22.19
C LEU B 229 -0.66 -32.46 21.66
N GLY B 230 -0.41 -31.15 21.70
CA GLY B 230 0.92 -30.58 21.82
C GLY B 230 1.35 -30.15 20.44
N ALA B 231 0.44 -30.34 19.50
CA ALA B 231 0.55 -29.84 18.13
C ALA B 231 0.38 -28.32 18.12
N THR B 232 0.94 -27.64 17.11
CA THR B 232 0.76 -26.21 17.02
C THR B 232 -0.47 -25.85 16.20
N LEU B 233 -1.47 -25.33 16.89
CA LEU B 233 -2.69 -24.81 16.28
C LEU B 233 -2.41 -23.35 15.96
N VAL B 234 -2.77 -22.93 14.75
CA VAL B 234 -2.40 -21.59 14.32
C VAL B 234 -3.52 -20.57 14.51
N LEU B 235 -4.59 -20.65 13.72
CA LEU B 235 -5.72 -19.71 13.77
C LEU B 235 -5.39 -18.34 13.16
N ASP B 236 -4.12 -18.12 12.82
CA ASP B 236 -3.75 -16.99 11.95
C ASP B 236 -2.43 -17.31 11.25
N GLY B 237 -2.56 -17.86 10.04
CA GLY B 237 -1.43 -18.34 9.25
C GLY B 237 -0.54 -17.28 8.61
N ALA B 238 -1.07 -16.08 8.45
CA ALA B 238 -0.33 -14.98 7.82
C ALA B 238 0.97 -14.67 8.58
N PRO B 239 2.05 -14.36 7.84
CA PRO B 239 2.09 -14.22 6.39
C PRO B 239 2.38 -15.51 5.62
N LEU B 240 2.53 -16.63 6.30
CA LEU B 240 2.74 -17.91 5.61
C LEU B 240 1.54 -18.17 4.69
N VAL B 241 0.34 -17.95 5.22
CA VAL B 241 -0.84 -17.94 4.38
C VAL B 241 -0.97 -16.54 3.80
N ASP B 242 -0.44 -16.35 2.60
CA ASP B 242 -0.43 -15.04 2.00
C ASP B 242 -1.57 -14.89 1.01
N ALA B 243 -1.58 -13.78 0.29
CA ALA B 243 -2.65 -13.47 -0.65
C ALA B 243 -2.82 -14.57 -1.69
N ARG B 244 -1.71 -15.10 -2.18
CA ARG B 244 -1.79 -16.11 -3.24
C ARG B 244 -2.51 -17.36 -2.75
N MET B 245 -2.45 -17.61 -1.45
CA MET B 245 -3.14 -18.77 -0.89
C MET B 245 -4.61 -18.51 -0.59
N MET B 246 -5.04 -17.26 -0.67
CA MET B 246 -6.44 -16.92 -0.42
C MET B 246 -7.23 -16.70 -1.71
N LYS B 247 -6.56 -16.86 -2.83
CA LYS B 247 -7.14 -16.59 -4.16
C LYS B 247 -8.50 -17.21 -4.40
N HIS B 248 -8.66 -18.46 -4.00
CA HIS B 248 -9.89 -19.18 -4.34
C HIS B 248 -10.94 -19.08 -3.24
N GLY B 249 -10.77 -18.12 -2.34
CA GLY B 249 -11.72 -17.85 -1.28
C GLY B 249 -13.11 -17.65 -1.85
N GLN B 250 -14.07 -18.41 -1.38
CA GLN B 250 -15.40 -18.42 -1.98
C GLN B 250 -16.28 -17.26 -1.52
N ALA B 251 -16.24 -16.94 -0.23
CA ALA B 251 -17.02 -15.82 0.27
C ALA B 251 -16.26 -14.53 0.13
N ALA B 252 -16.90 -13.55 -0.51
CA ALA B 252 -16.31 -12.23 -0.64
C ALA B 252 -15.89 -11.69 0.71
N SER B 253 -16.68 -11.96 1.75
CA SER B 253 -16.38 -11.45 3.08
C SER B 253 -15.12 -12.06 3.64
N SER B 254 -14.84 -13.32 3.29
CA SER B 254 -13.62 -13.98 3.74
C SER B 254 -12.37 -13.29 3.16
N VAL B 255 -12.39 -13.01 1.87
CA VAL B 255 -11.26 -12.32 1.25
C VAL B 255 -11.09 -10.91 1.84
N SER B 256 -12.17 -10.15 1.94
CA SER B 256 -12.13 -8.81 2.50
C SER B 256 -11.66 -8.82 3.97
N ARG B 257 -12.20 -9.74 4.76
CA ARG B 257 -11.84 -9.81 6.17
C ARG B 257 -10.35 -10.09 6.33
N TYR B 258 -9.85 -10.98 5.49
CA TYR B 258 -8.43 -11.31 5.47
C TYR B 258 -7.55 -10.08 5.17
N LEU B 259 -7.90 -9.34 4.11
CA LEU B 259 -7.15 -8.16 3.72
C LEU B 259 -7.28 -7.07 4.77
N GLY B 260 -8.49 -6.95 5.33
CA GLY B 260 -8.76 -5.99 6.37
C GLY B 260 -7.92 -6.29 7.59
N ASN B 261 -7.66 -7.58 7.82
CA ASN B 261 -6.81 -8.01 8.93
C ASN B 261 -5.33 -8.00 8.58
N HIS B 262 -5.01 -8.05 7.29
CA HIS B 262 -3.62 -8.05 6.84
C HIS B 262 -3.46 -7.14 5.65
N PRO B 263 -3.54 -5.82 5.90
CA PRO B 263 -3.59 -4.80 4.86
C PRO B 263 -2.41 -4.85 3.89
N GLU B 264 -1.24 -5.28 4.37
CA GLU B 264 -0.05 -5.35 3.53
C GLU B 264 -0.23 -6.35 2.37
N GLN B 265 -1.17 -7.27 2.55
CA GLN B 265 -1.41 -8.28 1.54
C GLN B 265 -2.26 -7.75 0.40
N SER B 266 -2.80 -6.54 0.57
CA SER B 266 -3.78 -6.01 -0.37
C SER B 266 -3.18 -5.45 -1.66
N THR B 267 -1.88 -5.22 -1.67
CA THR B 267 -1.26 -4.61 -2.85
C THR B 267 -0.23 -5.49 -3.57
N VAL B 268 -0.02 -6.72 -3.10
CA VAL B 268 0.91 -7.61 -3.79
C VAL B 268 0.20 -8.31 -4.95
N PRO B 269 0.90 -8.49 -6.06
CA PRO B 269 0.35 -9.18 -7.22
C PRO B 269 0.15 -10.68 -6.96
N VAL B 270 -1.00 -11.20 -7.36
CA VAL B 270 -1.32 -12.61 -7.14
C VAL B 270 -1.16 -13.43 -8.41
N ASN B 271 -0.95 -12.77 -9.54
CA ASN B 271 -0.69 -13.49 -10.77
C ASN B 271 0.14 -12.62 -11.71
N LYS B 272 0.46 -13.18 -12.88
CA LYS B 272 1.28 -12.48 -13.85
C LYS B 272 0.53 -11.31 -14.48
N ARG B 273 -0.78 -11.27 -14.28
CA ARG B 273 -1.57 -10.14 -14.76
C ARG B 273 -1.44 -8.94 -13.83
N ASN B 274 -0.74 -9.13 -12.72
CA ASN B 274 -0.55 -8.09 -11.69
C ASN B 274 -1.85 -7.69 -10.98
N GLU B 275 -2.82 -8.61 -10.91
CA GLU B 275 -4.00 -8.32 -10.12
C GLU B 275 -3.67 -8.43 -8.63
N THR B 276 -4.30 -7.58 -7.82
CA THR B 276 -4.29 -7.76 -6.38
C THR B 276 -5.34 -8.79 -6.01
N LEU B 277 -5.31 -9.25 -4.76
CA LEU B 277 -6.31 -10.22 -4.30
C LEU B 277 -7.73 -9.66 -4.44
N GLY B 278 -7.92 -8.41 -4.02
CA GLY B 278 -9.22 -7.77 -4.14
C GLY B 278 -9.69 -7.62 -5.58
N GLU B 279 -8.80 -7.18 -6.47
CA GLU B 279 -9.14 -7.04 -7.89
C GLU B 279 -9.56 -8.38 -8.49
N ARG B 280 -8.77 -9.42 -8.28
CA ARG B 280 -9.05 -10.73 -8.86
C ARG B 280 -10.35 -11.34 -8.32
N THR B 281 -10.55 -11.23 -7.00
CA THR B 281 -11.75 -11.77 -6.35
C THR B 281 -12.99 -11.07 -6.89
N THR B 282 -12.92 -9.75 -6.99
CA THR B 282 -14.05 -8.97 -7.50
C THR B 282 -14.40 -9.42 -8.92
N ARG B 283 -13.38 -9.68 -9.72
CA ARG B 283 -13.59 -10.16 -11.09
C ARG B 283 -14.34 -11.51 -11.12
N HIS B 284 -14.23 -12.30 -10.06
CA HIS B 284 -14.82 -13.63 -10.10
C HIS B 284 -16.18 -13.71 -9.44
N LEU B 285 -16.72 -12.57 -9.02
CA LEU B 285 -17.98 -12.59 -8.29
C LEU B 285 -19.18 -12.89 -9.19
N VAL B 286 -20.01 -13.83 -8.74
CA VAL B 286 -21.25 -14.14 -9.42
C VAL B 286 -22.39 -14.20 -8.41
N LYS B 287 -23.60 -14.07 -8.94
CA LYS B 287 -24.81 -14.22 -8.16
C LYS B 287 -25.63 -15.36 -8.75
N ARG B 288 -25.86 -16.40 -7.95
CA ARG B 288 -26.63 -17.55 -8.42
C ARG B 288 -27.34 -18.27 -7.29
N LYS B 289 -28.30 -19.13 -7.65
CA LYS B 289 -29.00 -19.92 -6.66
C LYS B 289 -28.13 -21.12 -6.31
N VAL B 290 -28.21 -21.49 -5.04
CA VAL B 290 -27.40 -22.55 -4.48
C VAL B 290 -28.32 -23.34 -3.54
N ARG B 291 -27.98 -24.59 -3.23
CA ARG B 291 -28.81 -25.37 -2.32
C ARG B 291 -28.66 -24.86 -0.88
N ASN B 292 -29.79 -24.77 -0.18
CA ASN B 292 -29.79 -24.31 1.20
C ASN B 292 -29.40 -25.44 2.15
N ARG B 293 -28.47 -25.17 3.06
CA ARG B 293 -28.01 -26.24 3.95
C ARG B 293 -27.79 -25.76 5.39
N GLU B 304 -35.80 -24.68 -0.62
CA GLU B 304 -34.63 -25.50 -0.93
C GLU B 304 -33.53 -24.69 -1.63
N THR B 305 -33.92 -23.56 -2.22
CA THR B 305 -32.98 -22.73 -2.94
C THR B 305 -32.58 -21.52 -2.10
N LYS B 306 -31.36 -21.03 -2.30
CA LYS B 306 -30.90 -19.82 -1.65
C LYS B 306 -30.00 -19.05 -2.61
N GLU B 307 -30.19 -17.74 -2.70
CA GLU B 307 -29.40 -16.93 -3.62
C GLU B 307 -28.24 -16.22 -2.93
N ILE B 308 -27.04 -16.42 -3.48
CA ILE B 308 -25.84 -15.89 -2.87
C ILE B 308 -24.91 -15.22 -3.88
N THR B 309 -24.05 -14.34 -3.39
CA THR B 309 -23.01 -13.75 -4.23
C THR B 309 -21.67 -14.24 -3.72
N PHE B 310 -20.91 -14.85 -4.60
CA PHE B 310 -19.65 -15.45 -4.20
C PHE B 310 -18.67 -15.48 -5.36
N SER B 311 -17.45 -15.89 -5.06
CA SER B 311 -16.42 -15.98 -6.07
C SER B 311 -16.44 -17.36 -6.72
N ASN B 312 -16.52 -17.39 -8.05
CA ASN B 312 -16.53 -18.65 -8.78
C ASN B 312 -15.12 -19.13 -9.13
N SER B 313 -14.13 -18.62 -8.41
CA SER B 313 -12.73 -18.92 -8.70
C SER B 313 -12.42 -20.43 -8.69
N VAL B 314 -12.98 -21.17 -7.74
CA VAL B 314 -12.70 -22.60 -7.61
C VAL B 314 -13.29 -23.39 -8.78
N GLU B 315 -14.52 -23.08 -9.17
CA GLU B 315 -15.12 -23.83 -10.27
C GLU B 315 -14.32 -23.54 -11.55
N GLN B 316 -13.76 -22.33 -11.67
CA GLN B 316 -12.85 -22.05 -12.79
C GLN B 316 -11.53 -22.83 -12.67
N LYS B 317 -11.02 -22.93 -11.44
CA LYS B 317 -9.77 -23.65 -11.22
C LYS B 317 -9.90 -25.12 -11.58
N ARG B 318 -11.03 -25.72 -11.18
CA ARG B 318 -11.30 -27.12 -11.54
C ARG B 318 -11.23 -27.29 -13.06
N ILE B 319 -11.80 -26.35 -13.77
CA ILE B 319 -11.83 -26.36 -15.22
C ILE B 319 -10.42 -26.21 -15.79
N ALA B 320 -9.66 -25.26 -15.25
CA ALA B 320 -8.28 -25.07 -15.65
C ALA B 320 -7.42 -26.32 -15.39
N LEU B 321 -7.65 -26.97 -14.25
CA LEU B 321 -6.92 -28.21 -13.93
C LEU B 321 -7.27 -29.32 -14.92
N LEU B 322 -8.56 -29.47 -15.21
CA LEU B 322 -9.01 -30.47 -16.18
C LEU B 322 -8.37 -30.23 -17.54
N ASN B 323 -8.31 -28.97 -17.96
CA ASN B 323 -7.69 -28.59 -19.22
C ASN B 323 -6.19 -28.97 -19.28
N ARG B 324 -5.44 -28.64 -18.23
CA ARG B 324 -4.04 -29.01 -18.10
C ARG B 324 -3.86 -30.51 -18.23
N ALA B 325 -4.66 -31.25 -17.47
CA ALA B 325 -4.57 -32.70 -17.39
C ALA B 325 -4.88 -33.37 -18.72
N ALA B 326 -5.93 -32.90 -19.39
CA ALA B 326 -6.33 -33.49 -20.67
C ALA B 326 -5.23 -33.27 -21.71
N SER B 327 -4.66 -32.08 -21.69
CA SER B 327 -3.57 -31.73 -22.57
C SER B 327 -2.38 -32.63 -22.29
N TYR B 328 -2.10 -32.85 -21.01
CA TYR B 328 -0.97 -33.68 -20.61
C TYR B 328 -1.15 -35.11 -21.12
N VAL B 329 -2.37 -35.63 -20.95
CA VAL B 329 -2.65 -37.00 -21.36
C VAL B 329 -2.54 -37.17 -22.87
N ASN B 330 -3.00 -36.15 -23.59
CA ASN B 330 -3.03 -36.16 -25.06
C ASN B 330 -1.62 -36.35 -25.66
N SER B 331 -0.59 -35.92 -24.92
CA SER B 331 0.76 -36.06 -25.43
C SER B 331 1.67 -36.85 -24.48
N ALA B 332 1.08 -37.48 -23.47
CA ALA B 332 1.88 -38.26 -22.53
C ALA B 332 2.40 -39.53 -23.20
N PRO B 333 3.59 -39.99 -22.79
CA PRO B 333 4.15 -41.27 -23.27
C PRO B 333 3.28 -42.45 -22.85
N PRO B 334 3.33 -43.54 -23.62
CA PRO B 334 2.48 -44.72 -23.38
C PRO B 334 2.42 -45.23 -21.93
N PRO B 335 3.56 -45.34 -21.21
CA PRO B 335 3.43 -45.81 -19.83
C PRO B 335 2.56 -44.90 -18.95
N VAL B 336 2.61 -43.59 -19.20
CA VAL B 336 1.78 -42.66 -18.44
C VAL B 336 0.31 -42.84 -18.80
N VAL B 337 0.04 -42.98 -20.10
CA VAL B 337 -1.32 -43.30 -20.55
C VAL B 337 -1.84 -44.57 -19.87
N MET B 338 -1.01 -45.61 -19.84
CA MET B 338 -1.39 -46.86 -19.21
C MET B 338 -1.75 -46.63 -17.75
N ARG B 339 -0.89 -45.90 -17.03
CA ARG B 339 -1.10 -45.65 -15.61
C ARG B 339 -2.36 -44.84 -15.33
N MET B 340 -2.60 -43.83 -16.15
CA MET B 340 -3.77 -42.98 -15.92
C MET B 340 -5.05 -43.70 -16.27
N ALA B 341 -4.98 -44.57 -17.27
CA ALA B 341 -6.11 -45.41 -17.60
C ALA B 341 -6.45 -46.30 -16.42
N LYS B 342 -5.43 -46.90 -15.81
CA LYS B 342 -5.64 -47.79 -14.68
C LYS B 342 -6.23 -47.04 -13.48
N LEU B 343 -5.71 -45.85 -13.20
CA LEU B 343 -6.19 -45.04 -12.07
C LEU B 343 -7.65 -44.69 -12.23
N LEU B 344 -8.04 -44.39 -13.47
CA LEU B 344 -9.42 -44.09 -13.81
C LEU B 344 -10.30 -45.30 -13.56
N GLN B 345 -9.86 -46.46 -14.07
CA GLN B 345 -10.61 -47.69 -13.89
C GLN B 345 -10.72 -48.06 -12.42
N ASP B 346 -9.64 -47.83 -11.69
CA ASP B 346 -9.58 -48.20 -10.27
C ASP B 346 -10.55 -47.35 -9.44
N SER B 347 -11.03 -46.25 -10.00
CA SER B 347 -11.96 -45.39 -9.26
C SER B 347 -13.32 -46.07 -9.07
N LEU B 348 -13.56 -47.15 -9.80
CA LEU B 348 -14.84 -47.86 -9.70
C LEU B 348 -14.79 -49.05 -8.73
N LEU B 349 -13.69 -49.19 -7.99
CA LEU B 349 -13.54 -50.28 -7.03
C LEU B 349 -14.07 -49.86 -5.65
N ASP B 350 -15.32 -50.20 -5.35
CA ASP B 350 -15.91 -49.84 -4.06
C ASP B 350 -15.71 -50.98 -3.06
N PRO C 8 33.71 22.62 -32.54
CA PRO C 8 34.02 22.30 -33.94
C PRO C 8 35.53 22.24 -34.20
N ALA C 9 36.01 23.02 -35.16
CA ALA C 9 37.42 23.02 -35.52
C ALA C 9 38.34 23.26 -34.32
N GLY C 10 37.88 24.06 -33.37
CA GLY C 10 38.65 24.38 -32.18
C GLY C 10 39.10 23.22 -31.32
N ARG C 11 38.25 22.21 -31.18
CA ARG C 11 38.56 21.09 -30.32
C ARG C 11 39.24 19.92 -31.04
N GLN C 12 39.41 20.06 -32.35
CA GLN C 12 39.88 18.95 -33.19
C GLN C 12 41.40 18.86 -33.32
N ALA C 13 42.09 19.98 -33.04
CA ALA C 13 43.54 20.01 -33.06
C ALA C 13 44.13 19.53 -34.38
N GLY C 14 43.45 19.81 -35.48
CA GLY C 14 43.96 19.41 -36.77
C GLY C 14 43.73 17.93 -37.06
N GLN C 15 42.98 17.26 -36.20
CA GLN C 15 42.79 15.83 -36.36
C GLN C 15 41.36 15.48 -36.81
N GLN C 16 40.68 16.41 -37.48
CA GLN C 16 39.28 16.22 -37.88
C GLN C 16 39.03 14.94 -38.65
N ALA C 17 39.94 14.59 -39.54
CA ALA C 17 39.78 13.42 -40.39
C ALA C 17 39.79 12.13 -39.57
N THR C 18 40.82 11.99 -38.74
CA THR C 18 40.94 10.80 -37.91
C THR C 18 39.80 10.77 -36.90
N VAL C 19 39.51 11.91 -36.28
CA VAL C 19 38.40 11.98 -35.32
C VAL C 19 37.09 11.62 -36.01
N ASP C 20 36.84 12.23 -37.16
CA ASP C 20 35.60 11.96 -37.88
C ASP C 20 35.47 10.48 -38.22
N ARG C 21 36.57 9.88 -38.67
CA ARG C 21 36.56 8.48 -39.10
C ARG C 21 36.36 7.56 -37.90
N LEU C 22 36.96 7.92 -36.77
CA LEU C 22 36.84 7.11 -35.56
C LEU C 22 35.48 7.23 -34.91
N ARG C 23 34.89 8.42 -35.00
CA ARG C 23 33.55 8.63 -34.48
C ARG C 23 32.57 7.73 -35.23
N THR C 24 32.65 7.78 -36.56
CA THR C 24 31.78 6.96 -37.41
C THR C 24 31.93 5.49 -37.09
N GLN C 25 33.17 5.05 -36.91
CA GLN C 25 33.47 3.66 -36.59
C GLN C 25 32.83 3.22 -35.27
N VAL C 26 32.89 4.07 -34.26
CA VAL C 26 32.32 3.72 -32.96
C VAL C 26 30.78 3.77 -33.00
N THR C 27 30.21 4.86 -33.54
CA THR C 27 28.76 4.93 -33.65
C THR C 27 28.23 3.83 -34.55
N GLY C 28 29.01 3.46 -35.58
CA GLY C 28 28.57 2.45 -36.53
C GLY C 28 28.41 1.11 -35.83
N PHE C 29 29.33 0.83 -34.92
CA PHE C 29 29.27 -0.42 -34.17
C PHE C 29 28.16 -0.40 -33.10
N LEU C 30 28.12 0.67 -32.31
CA LEU C 30 27.09 0.79 -31.27
C LEU C 30 25.69 0.76 -31.87
N SER C 31 25.49 1.57 -32.90
CA SER C 31 24.17 1.65 -33.54
C SER C 31 23.86 0.40 -34.33
N GLY C 32 24.89 -0.23 -34.90
CA GLY C 32 24.73 -1.49 -35.64
C GLY C 32 24.19 -2.56 -34.70
N ALA C 33 24.78 -2.63 -33.51
CA ALA C 33 24.34 -3.57 -32.48
C ALA C 33 22.92 -3.23 -32.08
N LEU C 34 22.67 -1.93 -31.88
CA LEU C 34 21.36 -1.42 -31.52
C LEU C 34 20.28 -1.86 -32.50
N GLY C 35 20.53 -1.65 -33.79
CA GLY C 35 19.58 -1.97 -34.82
C GLY C 35 19.21 -3.45 -34.86
N LYS C 36 20.21 -4.30 -34.74
CA LYS C 36 19.97 -5.74 -34.76
C LYS C 36 19.24 -6.19 -33.50
N LEU C 37 19.64 -5.65 -32.36
CA LEU C 37 19.05 -6.06 -31.08
C LEU C 37 17.63 -5.52 -30.94
N GLN C 38 17.38 -4.33 -31.51
CA GLN C 38 16.04 -3.77 -31.50
C GLN C 38 15.15 -4.59 -32.42
N ALA C 39 15.71 -5.01 -33.55
CA ALA C 39 14.95 -5.81 -34.51
C ALA C 39 14.55 -7.13 -33.87
N LEU C 40 15.50 -7.80 -33.23
CA LEU C 40 15.24 -9.06 -32.58
C LEU C 40 14.16 -8.91 -31.50
N SER C 41 14.26 -7.87 -30.69
CA SER C 41 13.33 -7.67 -29.59
C SER C 41 11.94 -7.29 -30.09
N ALA C 42 11.88 -6.46 -31.12
CA ALA C 42 10.60 -6.08 -31.72
C ALA C 42 9.88 -7.30 -32.27
N GLN C 43 10.66 -8.29 -32.71
CA GLN C 43 10.08 -9.51 -33.26
C GLN C 43 9.99 -10.64 -32.24
N ASN C 44 10.24 -10.33 -30.97
CA ASN C 44 10.11 -11.31 -29.88
C ASN C 44 10.97 -12.56 -30.13
N MET C 45 12.21 -12.33 -30.55
CA MET C 45 13.13 -13.42 -30.88
C MET C 45 14.32 -13.45 -29.94
N ASP C 46 14.56 -14.62 -29.36
CA ASP C 46 15.73 -14.81 -28.52
C ASP C 46 16.98 -14.60 -29.36
N PRO C 47 17.91 -13.76 -28.86
CA PRO C 47 19.11 -13.46 -29.64
C PRO C 47 19.96 -14.70 -29.87
N GLU C 48 20.10 -15.56 -28.86
CA GLU C 48 20.93 -16.74 -29.02
C GLU C 48 20.38 -17.67 -30.09
N LEU C 49 19.09 -17.98 -30.05
CA LEU C 49 18.49 -18.83 -31.08
C LEU C 49 18.66 -18.18 -32.45
N ALA C 50 18.66 -16.85 -32.50
CA ALA C 50 18.84 -16.13 -33.76
C ALA C 50 20.31 -15.99 -34.17
N GLN C 51 21.20 -16.68 -33.45
CA GLN C 51 22.62 -16.67 -33.74
C GLN C 51 23.28 -15.30 -33.60
N PHE C 52 22.70 -14.43 -32.77
CA PHE C 52 23.34 -13.17 -32.42
C PHE C 52 24.22 -13.40 -31.22
N ARG C 53 25.47 -12.96 -31.32
CA ARG C 53 26.47 -13.29 -30.31
C ARG C 53 26.53 -12.22 -29.22
N VAL C 54 25.55 -12.26 -28.31
CA VAL C 54 25.44 -11.27 -27.26
C VAL C 54 26.65 -11.20 -26.33
N LEU C 55 27.24 -12.34 -26.01
CA LEU C 55 28.40 -12.38 -25.12
C LEU C 55 29.52 -11.53 -25.70
N ASP C 56 29.73 -11.65 -27.01
CA ASP C 56 30.80 -10.92 -27.66
C ASP C 56 30.46 -9.45 -27.78
N VAL C 57 29.20 -9.17 -28.07
CA VAL C 57 28.76 -7.80 -28.21
C VAL C 57 28.74 -7.09 -26.85
N ASP C 58 28.22 -7.76 -25.83
CA ASP C 58 28.21 -7.16 -24.49
C ASP C 58 29.64 -6.88 -24.01
N ARG C 59 30.55 -7.82 -24.26
CA ARG C 59 31.93 -7.60 -23.85
C ARG C 59 32.56 -6.41 -24.55
N ALA C 60 32.27 -6.27 -25.85
CA ALA C 60 32.87 -5.21 -26.65
C ALA C 60 32.27 -3.85 -26.31
N ILE C 61 30.96 -3.81 -26.04
CA ILE C 61 30.36 -2.51 -25.81
C ILE C 61 30.49 -2.02 -24.37
N MET C 62 30.68 -2.94 -23.43
CA MET C 62 30.63 -2.57 -22.02
C MET C 62 31.58 -1.42 -21.62
N PRO C 63 32.86 -1.46 -22.06
CA PRO C 63 33.69 -0.32 -21.67
C PRO C 63 33.19 1.02 -22.25
N LEU C 64 32.56 0.97 -23.42
CA LEU C 64 32.05 2.18 -24.05
C LEU C 64 30.80 2.66 -23.29
N LEU C 65 29.98 1.73 -22.82
CA LEU C 65 28.82 2.07 -21.99
C LEU C 65 29.24 2.72 -20.68
N ILE C 66 30.29 2.17 -20.07
CA ILE C 66 30.78 2.68 -18.80
C ILE C 66 31.24 4.13 -18.97
N VAL C 67 31.97 4.40 -20.04
CA VAL C 67 32.43 5.76 -20.30
C VAL C 67 31.24 6.71 -20.43
N ALA C 68 30.24 6.29 -21.22
CA ALA C 68 29.06 7.12 -21.46
C ALA C 68 28.31 7.37 -20.16
N GLU C 69 28.17 6.32 -19.36
CA GLU C 69 27.44 6.47 -18.11
C GLU C 69 28.21 7.33 -17.10
N ASN C 70 29.55 7.23 -17.07
CA ASN C 70 30.33 8.07 -16.17
C ASN C 70 30.21 9.56 -16.52
N ALA C 71 30.10 9.83 -17.81
CA ALA C 71 29.93 11.19 -18.29
C ALA C 71 28.50 11.68 -18.03
N ARG C 72 27.54 10.77 -18.13
CA ARG C 72 26.13 11.14 -17.99
C ARG C 72 25.79 11.45 -16.53
N ASN C 73 26.40 10.74 -15.61
CA ASN C 73 26.24 11.03 -14.18
C ASN C 73 27.57 11.13 -13.45
N PRO C 74 28.14 12.34 -13.41
CA PRO C 74 29.37 12.63 -12.65
C PRO C 74 29.23 12.13 -11.22
N GLY C 75 30.23 11.39 -10.75
CA GLY C 75 30.17 10.82 -9.42
C GLY C 75 29.88 9.34 -9.43
N LEU C 76 29.35 8.84 -10.54
CA LEU C 76 29.13 7.41 -10.69
C LEU C 76 30.45 6.67 -10.46
N ASN C 77 31.51 7.19 -11.10
CA ASN C 77 32.87 6.66 -11.00
C ASN C 77 32.89 5.16 -11.15
N LEU C 78 32.30 4.70 -12.24
CA LEU C 78 32.21 3.28 -12.50
C LEU C 78 33.50 2.78 -13.14
N VAL C 79 34.07 1.74 -12.55
CA VAL C 79 35.31 1.18 -13.05
C VAL C 79 35.10 -0.30 -13.34
N PRO C 80 35.60 -0.78 -14.48
CA PRO C 80 35.52 -2.23 -14.70
C PRO C 80 36.64 -2.93 -13.91
N LEU C 81 36.28 -3.91 -13.10
CA LEU C 81 37.29 -4.64 -12.34
C LEU C 81 37.18 -6.14 -12.57
N HIS C 82 38.24 -6.87 -12.24
CA HIS C 82 38.12 -8.31 -12.34
C HIS C 82 38.87 -9.01 -11.22
N MET C 83 38.39 -10.22 -10.89
CA MET C 83 38.99 -11.02 -9.84
C MET C 83 40.18 -11.78 -10.38
N ASP C 84 40.96 -12.37 -9.48
CA ASP C 84 42.19 -13.07 -9.86
C ASP C 84 41.92 -14.15 -10.92
N MET C 85 40.89 -14.94 -10.67
CA MET C 85 40.52 -16.06 -11.55
C MET C 85 40.16 -15.62 -12.96
N ALA C 86 39.81 -14.35 -13.14
CA ALA C 86 39.50 -13.81 -14.46
C ALA C 86 40.76 -13.64 -15.32
N GLU C 87 41.92 -13.78 -14.70
CA GLU C 87 43.18 -13.64 -15.41
C GLU C 87 43.70 -14.98 -15.89
N ASP C 88 43.00 -16.05 -15.52
CA ASP C 88 43.37 -17.39 -15.95
C ASP C 88 42.77 -17.73 -17.30
N GLU C 89 43.61 -17.62 -18.33
CA GLU C 89 43.20 -17.86 -19.72
C GLU C 89 42.66 -19.26 -19.93
N GLU C 90 42.89 -20.14 -18.96
CA GLU C 90 42.51 -21.54 -19.08
C GLU C 90 41.15 -21.81 -18.45
N VAL C 91 40.71 -20.93 -17.55
CA VAL C 91 39.43 -21.14 -16.88
C VAL C 91 38.33 -20.23 -17.40
N ARG C 92 38.66 -18.96 -17.64
CA ARG C 92 37.68 -17.97 -18.01
C ARG C 92 36.99 -18.29 -19.34
N THR C 93 35.72 -17.93 -19.44
CA THR C 93 34.94 -18.15 -20.66
C THR C 93 35.24 -17.05 -21.66
N GLN C 94 35.61 -15.90 -21.14
CA GLN C 94 35.98 -14.73 -21.94
C GLN C 94 37.05 -13.96 -21.16
N PRO C 95 37.96 -13.29 -21.87
CA PRO C 95 38.90 -12.38 -21.21
C PRO C 95 38.18 -11.14 -20.69
N PRO C 96 38.76 -10.46 -19.69
CA PRO C 96 38.13 -9.24 -19.16
C PRO C 96 37.94 -8.17 -20.24
N MET C 97 36.92 -7.32 -20.10
CA MET C 97 36.69 -6.26 -21.08
C MET C 97 37.89 -5.33 -21.07
N ALA C 98 38.09 -4.65 -22.19
CA ALA C 98 39.19 -3.70 -22.35
C ALA C 98 39.22 -2.70 -21.20
N GLY C 99 40.41 -2.49 -20.63
CA GLY C 99 40.59 -1.48 -19.60
C GLY C 99 40.25 -1.97 -18.20
N SER C 100 39.81 -3.23 -18.11
CA SER C 100 39.49 -3.82 -16.81
C SER C 100 40.73 -3.87 -15.92
N ARG C 101 40.54 -3.59 -14.63
CA ARG C 101 41.65 -3.61 -13.69
C ARG C 101 41.50 -4.73 -12.68
N HIS C 102 42.62 -5.39 -12.37
CA HIS C 102 42.67 -6.39 -11.33
C HIS C 102 42.35 -5.72 -9.99
N ILE C 103 41.44 -6.32 -9.21
CA ILE C 103 41.01 -5.72 -7.95
C ILE C 103 42.18 -5.35 -7.05
N ALA C 104 43.14 -6.25 -6.91
CA ALA C 104 44.33 -6.01 -6.10
C ALA C 104 45.08 -4.78 -6.57
N GLU C 105 45.23 -4.65 -7.89
CA GLU C 105 45.92 -3.48 -8.41
C GLU C 105 45.12 -2.23 -8.08
N PHE C 106 43.80 -2.32 -8.22
CA PHE C 106 42.94 -1.18 -7.98
C PHE C 106 43.04 -0.73 -6.53
N VAL C 107 42.77 -1.62 -5.59
CA VAL C 107 42.81 -1.26 -4.17
C VAL C 107 44.16 -0.66 -3.78
N ALA C 108 45.24 -1.21 -4.32
CA ALA C 108 46.57 -0.72 -4.02
C ALA C 108 46.77 0.73 -4.48
N SER C 109 46.56 0.98 -5.77
CA SER C 109 46.95 2.27 -6.34
C SER C 109 45.81 3.28 -6.58
N ALA C 110 44.56 2.84 -6.59
CA ALA C 110 43.43 3.73 -6.89
C ALA C 110 43.41 4.90 -5.94
N ARG C 111 43.07 6.07 -6.47
CA ARG C 111 42.99 7.27 -5.65
C ARG C 111 41.88 7.04 -4.64
N PRO C 112 41.98 7.67 -3.46
CA PRO C 112 40.91 7.41 -2.49
C PRO C 112 39.61 8.06 -2.93
N GLY C 113 38.48 7.40 -2.69
CA GLY C 113 37.19 7.94 -3.06
C GLY C 113 36.07 6.93 -3.18
N ARG C 114 34.94 7.38 -3.73
CA ARG C 114 33.78 6.53 -3.87
C ARG C 114 33.69 6.02 -5.30
N TYR C 115 33.55 4.71 -5.44
CA TYR C 115 33.51 4.07 -6.74
C TYR C 115 32.35 3.11 -6.86
N ARG C 116 31.90 2.90 -8.08
CA ARG C 116 31.15 1.69 -8.38
C ARG C 116 31.97 0.86 -9.34
N ALA C 117 31.65 -0.42 -9.42
CA ALA C 117 32.39 -1.34 -10.26
C ALA C 117 31.49 -2.42 -10.82
N VAL C 118 31.84 -2.91 -12.00
CA VAL C 118 31.30 -4.19 -12.44
C VAL C 118 32.48 -5.14 -12.30
N ILE C 119 32.24 -6.26 -11.65
CA ILE C 119 33.32 -7.18 -11.34
C ILE C 119 33.20 -8.49 -12.10
N ASP C 120 34.22 -8.75 -12.90
CA ASP C 120 34.27 -9.95 -13.71
C ASP C 120 35.11 -10.99 -12.98
N ASP C 121 34.63 -12.23 -12.90
CA ASP C 121 35.43 -13.30 -12.30
C ASP C 121 35.91 -14.28 -13.36
N GLY C 122 35.64 -13.97 -14.62
CA GLY C 122 36.03 -14.81 -15.74
C GLY C 122 34.86 -15.45 -16.48
N SER C 123 33.74 -15.61 -15.78
CA SER C 123 32.55 -16.23 -16.36
C SER C 123 31.28 -15.50 -15.93
N HIS C 124 31.36 -14.77 -14.83
CA HIS C 124 30.20 -14.09 -14.28
C HIS C 124 30.55 -12.66 -13.86
N THR C 125 29.54 -11.79 -13.89
CA THR C 125 29.74 -10.39 -13.55
C THR C 125 28.77 -9.94 -12.47
N ARG C 126 29.30 -9.19 -11.49
CA ARG C 126 28.50 -8.62 -10.41
C ARG C 126 28.67 -7.12 -10.33
N ALA C 127 27.80 -6.46 -9.56
CA ALA C 127 27.96 -5.04 -9.29
C ALA C 127 28.54 -4.83 -7.89
N ALA C 128 29.16 -3.67 -7.68
CA ALA C 128 29.75 -3.36 -6.38
C ALA C 128 29.82 -1.85 -6.15
N ASP C 129 29.64 -1.46 -4.89
CA ASP C 129 29.80 -0.07 -4.45
C ASP C 129 30.99 -0.01 -3.49
N ILE C 130 32.00 0.75 -3.89
CA ILE C 130 33.29 0.73 -3.22
C ILE C 130 33.65 2.07 -2.59
N ARG C 131 34.23 2.00 -1.40
CA ARG C 131 34.71 3.20 -0.74
C ARG C 131 36.13 2.98 -0.27
N LYS C 132 37.04 3.82 -0.75
CA LYS C 132 38.44 3.75 -0.35
C LYS C 132 38.88 5.06 0.28
N ASP C 133 39.38 5.00 1.52
CA ASP C 133 39.91 6.16 2.19
C ASP C 133 41.06 5.79 3.13
N ALA C 134 41.45 6.75 3.97
CA ALA C 134 42.51 6.55 4.95
C ALA C 134 42.26 5.35 5.88
N SER C 135 40.99 5.13 6.25
CA SER C 135 40.61 4.06 7.17
C SER C 135 40.73 2.69 6.52
N GLY C 136 40.61 2.64 5.21
CA GLY C 136 40.73 1.40 4.48
C GLY C 136 39.74 1.36 3.33
N THR C 137 39.52 0.16 2.80
CA THR C 137 38.60 -0.03 1.70
C THR C 137 37.37 -0.79 2.21
N SER C 138 36.20 -0.36 1.76
CA SER C 138 34.97 -1.09 2.05
C SER C 138 34.22 -1.34 0.76
N VAL C 139 33.65 -2.53 0.62
CA VAL C 139 32.95 -2.88 -0.60
C VAL C 139 31.60 -3.53 -0.28
N ILE C 140 30.58 -3.11 -1.02
CA ILE C 140 29.27 -3.73 -0.97
C ILE C 140 28.95 -4.30 -2.34
N VAL C 141 28.92 -5.63 -2.41
CA VAL C 141 28.71 -6.34 -3.66
C VAL C 141 27.26 -6.81 -3.84
N VAL C 142 26.67 -6.46 -4.98
CA VAL C 142 25.36 -7.02 -5.30
C VAL C 142 25.45 -7.91 -6.54
N ASP C 143 25.10 -9.17 -6.35
CA ASP C 143 25.16 -10.17 -7.39
C ASP C 143 23.76 -10.35 -7.99
N PRO C 144 23.62 -10.08 -9.30
CA PRO C 144 22.30 -10.21 -9.94
C PRO C 144 21.86 -11.67 -10.06
N LEU C 145 22.76 -12.60 -9.77
CA LEU C 145 22.48 -14.02 -9.91
C LEU C 145 22.37 -14.70 -8.54
N ARG C 146 21.35 -15.55 -8.37
CA ARG C 146 21.15 -16.27 -7.11
C ARG C 146 20.67 -17.68 -7.43
N LYS C 147 21.62 -18.51 -7.86
CA LYS C 147 21.32 -19.83 -8.40
C LYS C 147 21.71 -20.98 -7.46
N GLU C 148 22.36 -20.65 -6.34
CA GLU C 148 22.87 -21.66 -5.41
C GLU C 148 21.79 -22.40 -4.64
N LYS C 149 21.88 -23.72 -4.64
CA LYS C 149 20.94 -24.55 -3.91
C LYS C 149 21.12 -24.37 -2.40
N ASP C 150 22.32 -24.66 -1.90
CA ASP C 150 22.60 -24.48 -0.48
C ASP C 150 23.08 -23.05 -0.26
N GLU C 151 22.35 -22.32 0.56
CA GLU C 151 22.63 -20.90 0.75
C GLU C 151 23.81 -20.65 1.70
N SER C 152 24.72 -21.62 1.76
CA SER C 152 25.95 -21.49 2.54
C SER C 152 27.13 -21.29 1.60
N ALA C 153 26.89 -21.50 0.32
CA ALA C 153 27.93 -21.27 -0.68
C ALA C 153 28.17 -19.78 -0.81
N TYR C 154 27.16 -19.00 -0.44
CA TYR C 154 27.26 -17.55 -0.49
C TYR C 154 28.25 -17.07 0.58
N VAL C 155 28.37 -17.85 1.66
CA VAL C 155 29.37 -17.59 2.69
C VAL C 155 30.73 -17.63 2.00
N ASP C 156 30.95 -18.66 1.20
CA ASP C 156 32.21 -18.82 0.50
C ASP C 156 32.41 -17.69 -0.49
N TYR C 157 31.34 -17.33 -1.21
CA TYR C 157 31.40 -16.21 -2.15
C TYR C 157 31.78 -14.90 -1.43
N ALA C 158 31.17 -14.69 -0.26
CA ALA C 158 31.45 -13.50 0.54
C ALA C 158 32.91 -13.46 0.98
N ASP C 159 33.42 -14.60 1.43
CA ASP C 159 34.82 -14.67 1.86
C ASP C 159 35.75 -14.41 0.68
N ASN C 160 35.45 -15.02 -0.46
CA ASN C 160 36.24 -14.87 -1.67
C ASN C 160 36.34 -13.41 -2.15
N VAL C 161 35.23 -12.70 -2.04
CA VAL C 161 35.24 -11.29 -2.43
C VAL C 161 36.11 -10.46 -1.48
N ASN C 162 35.92 -10.66 -0.18
CA ASN C 162 36.67 -9.93 0.82
C ASN C 162 38.18 -10.12 0.66
N MET C 163 38.60 -11.36 0.44
CA MET C 163 40.03 -11.65 0.26
C MET C 163 40.59 -10.96 -0.97
N GLU C 164 39.75 -10.81 -1.98
CA GLU C 164 40.15 -10.18 -3.24
C GLU C 164 40.50 -8.71 -3.00
N PHE C 165 39.77 -8.09 -2.09
CA PHE C 165 39.91 -6.67 -1.77
C PHE C 165 40.88 -6.47 -0.61
N GLY C 166 41.35 -7.58 -0.04
CA GLY C 166 42.19 -7.59 1.15
C GLY C 166 41.40 -7.96 2.39
N GLU C 167 42.05 -8.57 3.37
CA GLU C 167 41.32 -9.14 4.49
C GLU C 167 40.86 -8.10 5.51
N HIS C 168 41.47 -6.92 5.50
CA HIS C 168 41.06 -5.84 6.40
C HIS C 168 40.14 -4.85 5.70
N ALA C 169 39.64 -5.26 4.54
CA ALA C 169 38.64 -4.50 3.85
C ALA C 169 37.30 -4.97 4.38
N LYS C 170 36.38 -4.03 4.58
CA LYS C 170 35.05 -4.40 5.03
C LYS C 170 34.26 -4.82 3.82
N CYS C 171 33.50 -5.90 3.96
CA CYS C 171 32.82 -6.45 2.80
C CYS C 171 31.40 -6.92 3.11
N ALA C 172 30.49 -6.56 2.21
CA ALA C 172 29.13 -7.04 2.22
C ALA C 172 28.82 -7.73 0.92
N PHE C 173 28.21 -8.90 0.99
CA PHE C 173 27.85 -9.64 -0.21
C PHE C 173 26.35 -9.91 -0.27
N ILE C 174 25.71 -9.38 -1.30
CA ILE C 174 24.25 -9.46 -1.41
C ILE C 174 23.77 -10.18 -2.67
N PRO C 175 23.53 -11.49 -2.55
CA PRO C 175 22.99 -12.23 -3.70
C PRO C 175 21.51 -11.92 -3.88
N VAL C 176 21.15 -11.57 -5.11
CA VAL C 176 19.79 -11.19 -5.47
C VAL C 176 19.29 -12.01 -6.67
N ASP C 177 18.03 -12.45 -6.60
CA ASP C 177 17.46 -13.30 -7.64
C ASP C 177 16.92 -12.48 -8.82
N ILE C 178 17.82 -11.93 -9.63
CA ILE C 178 17.41 -11.13 -10.79
C ILE C 178 17.58 -11.86 -12.13
N GLN C 179 18.78 -12.36 -12.34
CA GLN C 179 19.17 -13.06 -13.57
C GLN C 179 18.64 -14.47 -13.66
N LYS C 180 18.14 -14.83 -14.84
CA LYS C 180 17.74 -16.19 -15.14
C LYS C 180 18.48 -16.64 -16.37
N SER C 181 18.82 -15.65 -17.21
CA SER C 181 19.47 -15.96 -18.46
C SER C 181 20.96 -16.18 -18.31
N PHE C 182 21.55 -16.74 -19.36
CA PHE C 182 22.95 -17.09 -19.32
C PHE C 182 23.80 -15.87 -19.67
N PHE C 183 23.21 -14.92 -20.40
CA PHE C 183 23.99 -13.88 -21.06
C PHE C 183 23.83 -12.46 -20.50
N ASP C 184 22.98 -12.28 -19.50
CA ASP C 184 22.59 -10.93 -19.09
C ASP C 184 23.30 -10.35 -17.85
N ALA C 185 24.29 -11.05 -17.32
CA ALA C 185 24.95 -10.58 -16.10
C ALA C 185 25.58 -9.18 -16.26
N ARG C 186 26.25 -8.94 -17.39
CA ARG C 186 26.93 -7.66 -17.60
C ARG C 186 25.95 -6.47 -17.58
N ILE C 187 24.88 -6.57 -18.35
CA ILE C 187 23.91 -5.48 -18.42
C ILE C 187 23.19 -5.31 -17.08
N LEU C 188 22.87 -6.43 -16.43
CA LEU C 188 22.26 -6.35 -15.11
C LEU C 188 23.17 -5.69 -14.08
N SER C 189 24.47 -6.01 -14.10
CA SER C 189 25.40 -5.43 -13.14
C SER C 189 25.60 -3.95 -13.36
N LEU C 190 25.66 -3.54 -14.62
CA LEU C 190 25.81 -2.13 -14.95
C LEU C 190 24.60 -1.35 -14.44
N SER C 191 23.42 -1.94 -14.60
CA SER C 191 22.21 -1.30 -14.11
C SER C 191 22.21 -1.19 -12.58
N LEU C 192 22.64 -2.25 -11.91
CA LEU C 192 22.72 -2.23 -10.44
C LEU C 192 23.70 -1.15 -9.99
N ALA C 193 24.79 -1.01 -10.72
CA ALA C 193 25.78 0.00 -10.41
C ALA C 193 25.14 1.37 -10.46
N LEU C 194 24.34 1.59 -11.49
CA LEU C 194 23.66 2.87 -11.65
C LEU C 194 22.70 3.10 -10.51
N LYS C 195 22.01 2.04 -10.09
CA LYS C 195 21.09 2.17 -8.98
C LYS C 195 21.85 2.45 -7.69
N MET C 196 23.07 1.94 -7.57
CA MET C 196 23.88 2.22 -6.39
C MET C 196 24.19 3.70 -6.28
N HIS C 197 24.58 4.30 -7.40
CA HIS C 197 24.87 5.72 -7.43
C HIS C 197 23.59 6.51 -7.16
N ASP C 198 22.48 5.99 -7.66
CA ASP C 198 21.18 6.60 -7.42
C ASP C 198 20.84 6.60 -5.93
N LYS C 199 21.25 5.54 -5.26
CA LYS C 199 21.03 5.40 -3.82
C LYS C 199 22.33 5.62 -3.07
N ASP C 200 23.13 6.56 -3.54
CA ASP C 200 24.46 6.81 -3.00
C ASP C 200 24.46 6.95 -1.49
N ASP C 201 23.56 7.79 -0.96
CA ASP C 201 23.48 8.01 0.48
C ASP C 201 23.13 6.72 1.24
N ALA C 202 22.17 5.96 0.71
CA ALA C 202 21.77 4.71 1.35
C ALA C 202 22.94 3.70 1.39
N PHE C 203 23.76 3.71 0.35
CA PHE C 203 24.90 2.79 0.35
C PHE C 203 26.02 3.32 1.24
N ALA C 204 26.14 4.64 1.30
CA ALA C 204 27.12 5.27 2.18
C ALA C 204 26.87 4.92 3.64
N ALA C 205 25.60 4.99 4.05
CA ALA C 205 25.22 4.68 5.42
C ALA C 205 25.59 3.25 5.76
N PHE C 206 25.44 2.36 4.78
CA PHE C 206 25.77 0.96 5.00
C PHE C 206 27.29 0.80 5.17
N HIS C 207 28.05 1.55 4.38
CA HIS C 207 29.52 1.53 4.47
C HIS C 207 29.96 1.95 5.87
N GLU C 208 29.29 2.97 6.40
CA GLU C 208 29.56 3.47 7.74
C GLU C 208 29.30 2.42 8.81
N THR C 209 28.18 1.72 8.69
CA THR C 209 27.86 0.66 9.62
C THR C 209 28.87 -0.47 9.52
N LEU C 210 29.27 -0.79 8.29
CA LEU C 210 30.26 -1.83 8.12
C LEU C 210 31.56 -1.43 8.78
N ARG C 211 32.00 -0.20 8.52
CA ARG C 211 33.29 0.29 9.00
C ARG C 211 33.37 0.55 10.50
N ASN C 212 32.25 0.99 11.05
CA ASN C 212 32.18 1.39 12.45
C ASN C 212 31.47 0.38 13.31
N GLY C 213 31.08 -0.72 12.68
CA GLY C 213 30.29 -1.73 13.34
C GLY C 213 28.90 -1.17 13.59
N GLY C 214 28.08 -1.95 14.26
CA GLY C 214 26.70 -1.60 14.54
C GLY C 214 25.85 -2.64 13.86
N ASP C 215 24.54 -2.57 14.08
CA ASP C 215 23.64 -3.58 13.56
C ASP C 215 23.39 -3.36 12.07
N PRO C 216 23.79 -4.33 11.24
CA PRO C 216 23.57 -4.20 9.80
C PRO C 216 22.09 -4.14 9.46
N SER C 217 21.22 -4.58 10.37
CA SER C 217 19.81 -4.72 10.01
C SER C 217 19.04 -3.39 10.01
N HIS C 218 19.77 -2.28 10.04
CA HIS C 218 19.15 -0.97 9.84
C HIS C 218 19.12 -0.68 8.33
N HIS C 219 19.81 -1.53 7.58
CA HIS C 219 20.01 -1.33 6.15
C HIS C 219 19.41 -2.47 5.37
N VAL C 220 19.53 -3.68 5.93
CA VAL C 220 19.09 -4.90 5.28
C VAL C 220 18.23 -5.69 6.25
N SER C 221 17.46 -6.65 5.74
CA SER C 221 16.51 -7.38 6.56
C SER C 221 17.12 -8.63 7.20
N ARG C 222 18.06 -9.26 6.51
CA ARG C 222 18.71 -10.46 7.02
C ARG C 222 20.19 -10.36 6.70
N ALA C 223 21.04 -10.51 7.70
CA ALA C 223 22.48 -10.47 7.49
C ALA C 223 23.19 -11.43 8.44
N GLN C 224 24.38 -11.85 8.07
CA GLN C 224 25.16 -12.71 8.94
C GLN C 224 26.64 -12.54 8.69
N GLN C 225 27.43 -12.83 9.71
CA GLN C 225 28.89 -12.66 9.65
C GLN C 225 29.54 -13.97 9.29
N THR C 226 30.42 -13.96 8.30
CA THR C 226 31.19 -15.17 7.99
C THR C 226 32.16 -15.39 9.14
N GLU C 227 32.24 -16.62 9.64
CA GLU C 227 33.15 -16.88 10.75
C GLU C 227 34.55 -17.25 10.28
N GLU C 228 34.93 -16.82 9.08
CA GLU C 228 36.30 -17.00 8.64
C GLU C 228 36.96 -15.66 8.31
N LEU C 229 36.23 -14.80 7.59
CA LEU C 229 36.73 -13.47 7.27
C LEU C 229 36.08 -12.34 8.07
N GLY C 230 34.82 -12.54 8.45
CA GLY C 230 34.12 -11.52 9.20
C GLY C 230 33.30 -10.66 8.26
N ALA C 231 33.25 -11.06 7.00
CA ALA C 231 32.45 -10.38 5.98
C ALA C 231 30.96 -10.54 6.27
N THR C 232 30.15 -9.58 5.81
CA THR C 232 28.71 -9.68 6.01
C THR C 232 27.99 -10.29 4.81
N LEU C 233 27.44 -11.48 5.00
CA LEU C 233 26.59 -12.10 4.00
C LEU C 233 25.15 -11.65 4.26
N VAL C 234 24.45 -11.23 3.22
CA VAL C 234 23.13 -10.64 3.43
C VAL C 234 21.98 -11.63 3.24
N LEU C 235 21.74 -12.09 2.02
CA LEU C 235 20.65 -13.05 1.74
C LEU C 235 19.23 -12.44 1.86
N ASP C 236 19.13 -11.21 2.36
CA ASP C 236 17.90 -10.43 2.23
C ASP C 236 18.25 -8.95 2.29
N GLY C 237 18.46 -8.37 1.11
CA GLY C 237 18.95 -7.02 0.94
C GLY C 237 17.97 -5.90 1.23
N ALA C 238 16.68 -6.21 1.21
CA ALA C 238 15.66 -5.20 1.46
C ALA C 238 15.82 -4.63 2.87
N PRO C 239 15.61 -3.30 3.01
CA PRO C 239 15.19 -2.39 1.95
C PRO C 239 16.30 -1.73 1.15
N LEU C 240 17.57 -2.04 1.45
CA LEU C 240 18.68 -1.50 0.66
C LEU C 240 18.49 -1.90 -0.79
N VAL C 241 18.19 -3.18 -0.99
CA VAL C 241 17.75 -3.70 -2.27
C VAL C 241 16.24 -3.46 -2.35
N ASP C 242 15.85 -2.36 -2.99
CA ASP C 242 14.44 -1.98 -3.09
C ASP C 242 13.88 -2.25 -4.48
N ALA C 243 12.64 -1.83 -4.70
CA ALA C 243 11.92 -2.09 -5.95
C ALA C 243 12.71 -1.65 -7.18
N ARG C 244 13.35 -0.48 -7.12
CA ARG C 244 14.10 0.00 -8.28
C ARG C 244 15.26 -0.91 -8.65
N MET C 245 15.77 -1.66 -7.68
CA MET C 245 16.84 -2.60 -7.98
C MET C 245 16.32 -3.93 -8.52
N MET C 246 15.01 -4.15 -8.43
CA MET C 246 14.45 -5.42 -8.90
C MET C 246 13.77 -5.28 -10.28
N LYS C 247 13.82 -4.07 -10.84
CA LYS C 247 13.13 -3.75 -12.08
C LYS C 247 13.38 -4.74 -13.21
N HIS C 248 14.63 -5.16 -13.39
CA HIS C 248 14.99 -6.00 -14.53
C HIS C 248 14.98 -7.49 -14.21
N GLY C 249 14.29 -7.85 -13.12
CA GLY C 249 14.13 -9.24 -12.75
C GLY C 249 13.54 -10.00 -13.92
N GLN C 250 14.19 -11.08 -14.33
CA GLN C 250 13.78 -11.75 -15.55
C GLN C 250 12.58 -12.69 -15.36
N ALA C 251 12.54 -13.41 -14.24
CA ALA C 251 11.40 -14.28 -13.95
C ALA C 251 10.32 -13.50 -13.20
N ALA C 252 9.09 -13.54 -13.71
CA ALA C 252 7.98 -12.93 -12.99
C ALA C 252 7.89 -13.47 -11.56
N SER C 253 8.19 -14.75 -11.37
CA SER C 253 8.11 -15.34 -10.04
C SER C 253 9.12 -14.68 -9.08
N SER C 254 10.27 -14.26 -9.60
CA SER C 254 11.24 -13.56 -8.76
C SER C 254 10.71 -12.21 -8.30
N VAL C 255 10.11 -11.45 -9.22
CA VAL C 255 9.52 -10.17 -8.86
C VAL C 255 8.36 -10.38 -7.88
N SER C 256 7.50 -11.32 -8.22
CA SER C 256 6.32 -11.61 -7.42
C SER C 256 6.74 -12.05 -6.00
N ARG C 257 7.69 -12.95 -5.91
CA ARG C 257 8.17 -13.46 -4.61
C ARG C 257 8.78 -12.34 -3.76
N TYR C 258 9.51 -11.44 -4.40
CA TYR C 258 10.08 -10.30 -3.72
C TYR C 258 8.99 -9.40 -3.10
N LEU C 259 7.96 -9.08 -3.89
CA LEU C 259 6.88 -8.23 -3.42
C LEU C 259 6.11 -8.92 -2.31
N GLY C 260 5.94 -10.23 -2.44
CA GLY C 260 5.27 -11.02 -1.43
C GLY C 260 6.04 -11.01 -0.12
N ASN C 261 7.36 -10.96 -0.22
CA ASN C 261 8.22 -10.88 0.97
C ASN C 261 8.42 -9.44 1.48
N HIS C 262 8.22 -8.47 0.60
CA HIS C 262 8.37 -7.06 0.99
C HIS C 262 7.28 -6.20 0.37
N PRO C 263 6.05 -6.35 0.90
CA PRO C 263 4.82 -5.74 0.35
C PRO C 263 4.91 -4.21 0.29
N GLU C 264 5.61 -3.61 1.22
CA GLU C 264 5.73 -2.16 1.25
C GLU C 264 6.39 -1.66 -0.05
N GLN C 265 7.14 -2.55 -0.72
CA GLN C 265 7.81 -2.18 -1.96
C GLN C 265 6.85 -2.24 -3.15
N SER C 266 5.65 -2.76 -2.92
CA SER C 266 4.73 -3.03 -4.02
C SER C 266 4.01 -1.78 -4.54
N THR C 267 4.07 -0.70 -3.78
CA THR C 267 3.28 0.49 -4.12
C THR C 267 4.14 1.72 -4.44
N VAL C 268 5.46 1.58 -4.36
CA VAL C 268 6.33 2.72 -4.65
C VAL C 268 6.58 2.84 -6.16
N PRO C 269 6.60 4.07 -6.66
CA PRO C 269 6.83 4.27 -8.10
C PRO C 269 8.28 3.94 -8.51
N VAL C 270 8.47 3.19 -9.59
CA VAL C 270 9.82 2.80 -9.99
C VAL C 270 10.33 3.65 -11.15
N ASN C 271 9.47 4.47 -11.74
CA ASN C 271 9.89 5.40 -12.79
C ASN C 271 9.00 6.63 -12.82
N LYS C 272 9.30 7.56 -13.72
CA LYS C 272 8.58 8.83 -13.85
C LYS C 272 7.18 8.61 -14.39
N ARG C 273 6.95 7.42 -14.93
CA ARG C 273 5.62 7.04 -15.41
C ARG C 273 4.69 6.63 -14.24
N ASN C 274 5.26 6.61 -13.03
CA ASN C 274 4.57 6.22 -11.79
C ASN C 274 4.12 4.76 -11.81
N GLU C 275 4.84 3.91 -12.53
CA GLU C 275 4.54 2.49 -12.48
C GLU C 275 5.05 1.87 -11.19
N THR C 276 4.32 0.90 -10.67
CA THR C 276 4.85 0.04 -9.62
C THR C 276 5.72 -1.04 -10.25
N LEU C 277 6.48 -1.74 -9.40
CA LEU C 277 7.30 -2.86 -9.86
C LEU C 277 6.47 -3.93 -10.58
N GLY C 278 5.36 -4.32 -9.97
CA GLY C 278 4.48 -5.32 -10.55
C GLY C 278 3.88 -4.85 -11.89
N GLU C 279 3.43 -3.61 -11.93
CA GLU C 279 2.89 -3.01 -13.16
C GLU C 279 3.92 -3.02 -14.28
N ARG C 280 5.12 -2.53 -13.98
CA ARG C 280 6.15 -2.42 -14.99
C ARG C 280 6.61 -3.80 -15.46
N THR C 281 6.79 -4.73 -14.52
CA THR C 281 7.21 -6.09 -14.88
C THR C 281 6.19 -6.79 -15.76
N THR C 282 4.91 -6.66 -15.40
CA THR C 282 3.83 -7.23 -16.20
C THR C 282 3.84 -6.67 -17.63
N ARG C 283 4.08 -5.37 -17.76
CA ARG C 283 4.14 -4.73 -19.07
C ARG C 283 5.25 -5.36 -19.94
N HIS C 284 6.27 -5.92 -19.30
CA HIS C 284 7.43 -6.44 -20.04
C HIS C 284 7.40 -7.96 -20.28
N LEU C 285 6.29 -8.61 -19.94
CA LEU C 285 6.23 -10.06 -20.08
C LEU C 285 6.07 -10.49 -21.53
N VAL C 286 6.90 -11.44 -21.95
CA VAL C 286 6.80 -11.99 -23.29
C VAL C 286 6.84 -13.50 -23.19
N LYS C 287 6.31 -14.14 -24.22
CA LYS C 287 6.33 -15.57 -24.36
C LYS C 287 7.14 -15.90 -25.62
N ARG C 288 8.26 -16.61 -25.45
CA ARG C 288 9.08 -16.98 -26.61
C ARG C 288 9.90 -18.23 -26.34
N LYS C 289 10.44 -18.77 -27.41
CA LYS C 289 11.32 -19.93 -27.30
C LYS C 289 12.74 -19.48 -26.97
N VAL C 290 13.39 -20.29 -26.14
CA VAL C 290 14.72 -20.02 -25.65
C VAL C 290 15.48 -21.35 -25.68
N ARG C 291 16.81 -21.30 -25.68
CA ARG C 291 17.65 -22.51 -25.69
C ARG C 291 17.58 -23.24 -24.35
N ASN C 292 17.63 -24.58 -24.41
CA ASN C 292 17.65 -25.49 -23.26
C ASN C 292 16.25 -25.82 -22.74
N GLY C 303 14.05 -31.49 -25.31
CA GLY C 303 14.70 -31.10 -26.54
C GLY C 303 15.51 -29.81 -26.43
N GLU C 304 16.12 -29.43 -27.54
CA GLU C 304 16.98 -28.24 -27.65
C GLU C 304 16.33 -26.96 -27.13
N THR C 305 15.16 -26.64 -27.67
CA THR C 305 14.45 -25.40 -27.36
C THR C 305 13.36 -25.55 -26.29
N LYS C 306 13.05 -24.45 -25.61
CA LYS C 306 11.97 -24.45 -24.63
C LYS C 306 11.22 -23.12 -24.61
N GLU C 307 9.90 -23.19 -24.43
CA GLU C 307 9.06 -21.99 -24.42
C GLU C 307 8.77 -21.48 -23.01
N ILE C 308 9.06 -20.21 -22.77
CA ILE C 308 8.92 -19.61 -21.46
C ILE C 308 8.27 -18.23 -21.52
N THR C 309 7.74 -17.81 -20.37
CA THR C 309 7.23 -16.46 -20.19
C THR C 309 8.09 -15.71 -19.21
N PHE C 310 8.63 -14.59 -19.64
CA PHE C 310 9.56 -13.84 -18.81
C PHE C 310 9.52 -12.35 -19.15
N SER C 311 10.25 -11.57 -18.38
CA SER C 311 10.34 -10.14 -18.65
C SER C 311 11.50 -9.82 -19.58
N ASN C 312 11.23 -9.12 -20.68
CA ASN C 312 12.30 -8.73 -21.59
C ASN C 312 12.92 -7.38 -21.20
N SER C 313 12.73 -6.98 -19.95
CA SER C 313 13.22 -5.68 -19.48
C SER C 313 14.72 -5.47 -19.76
N VAL C 314 15.50 -6.53 -19.57
CA VAL C 314 16.95 -6.48 -19.75
C VAL C 314 17.33 -6.26 -21.20
N GLU C 315 16.65 -6.96 -22.11
CA GLU C 315 16.99 -6.81 -23.51
C GLU C 315 16.64 -5.39 -23.95
N GLN C 316 15.60 -4.82 -23.36
CA GLN C 316 15.25 -3.43 -23.62
C GLN C 316 16.26 -2.47 -23.00
N LYS C 317 16.73 -2.77 -21.80
CA LYS C 317 17.73 -1.92 -21.14
C LYS C 317 19.02 -1.90 -21.97
N ARG C 318 19.43 -3.06 -22.50
CA ARG C 318 20.62 -3.13 -23.35
C ARG C 318 20.44 -2.19 -24.51
N ILE C 319 19.25 -2.19 -25.09
CA ILE C 319 18.93 -1.32 -26.21
C ILE C 319 18.96 0.17 -25.80
N ALA C 320 18.35 0.50 -24.66
CA ALA C 320 18.35 1.89 -24.19
C ALA C 320 19.77 2.39 -23.93
N LEU C 321 20.59 1.52 -23.34
CA LEU C 321 21.98 1.86 -23.04
C LEU C 321 22.79 2.13 -24.32
N LEU C 322 22.64 1.26 -25.31
CA LEU C 322 23.30 1.42 -26.60
C LEU C 322 22.87 2.73 -27.24
N ASN C 323 21.58 3.02 -27.15
CA ASN C 323 21.03 4.28 -27.65
C ASN C 323 21.69 5.48 -26.95
N ARG C 324 21.77 5.42 -25.63
CA ARG C 324 22.46 6.44 -24.85
C ARG C 324 23.89 6.61 -25.31
N ALA C 325 24.60 5.47 -25.39
CA ALA C 325 26.01 5.49 -25.71
C ALA C 325 26.26 6.08 -27.11
N ALA C 326 25.45 5.69 -28.08
CA ALA C 326 25.63 6.17 -29.45
C ALA C 326 25.43 7.68 -29.54
N SER C 327 24.42 8.17 -28.83
CA SER C 327 24.15 9.60 -28.79
C SER C 327 25.31 10.33 -28.15
N TYR C 328 25.82 9.79 -27.06
CA TYR C 328 26.92 10.44 -26.36
C TYR C 328 28.12 10.55 -27.31
N VAL C 329 28.40 9.48 -28.05
CA VAL C 329 29.55 9.49 -28.96
C VAL C 329 29.38 10.51 -30.10
N ASN C 330 28.16 10.66 -30.60
CA ASN C 330 27.89 11.58 -31.70
C ASN C 330 28.25 13.02 -31.39
N SER C 331 28.25 13.38 -30.12
CA SER C 331 28.53 14.76 -29.73
C SER C 331 29.67 14.88 -28.73
N ALA C 332 30.37 13.78 -28.48
CA ALA C 332 31.46 13.79 -27.53
C ALA C 332 32.63 14.58 -28.10
N PRO C 333 33.41 15.21 -27.21
CA PRO C 333 34.64 15.90 -27.63
C PRO C 333 35.66 14.88 -28.15
N PRO C 334 36.53 15.32 -29.06
CA PRO C 334 37.52 14.44 -29.70
C PRO C 334 38.31 13.51 -28.75
N PRO C 335 38.82 14.01 -27.61
CA PRO C 335 39.56 13.08 -26.76
C PRO C 335 38.70 11.91 -26.29
N VAL C 336 37.40 12.13 -26.10
CA VAL C 336 36.51 11.05 -25.72
C VAL C 336 36.32 10.08 -26.88
N VAL C 337 36.13 10.61 -28.08
CA VAL C 337 36.03 9.79 -29.28
C VAL C 337 37.27 8.91 -29.42
N MET C 338 38.43 9.52 -29.24
CA MET C 338 39.69 8.80 -29.29
C MET C 338 39.73 7.65 -28.28
N ARG C 339 39.33 7.94 -27.05
CA ARG C 339 39.37 6.93 -25.99
C ARG C 339 38.43 5.78 -26.28
N MET C 340 37.23 6.09 -26.77
CA MET C 340 36.23 5.06 -27.00
C MET C 340 36.61 4.22 -28.22
N ALA C 341 37.20 4.86 -29.20
CA ALA C 341 37.70 4.14 -30.36
C ALA C 341 38.77 3.13 -29.92
N LYS C 342 39.68 3.57 -29.07
CA LYS C 342 40.74 2.70 -28.57
C LYS C 342 40.16 1.53 -27.79
N LEU C 343 39.16 1.79 -26.94
CA LEU C 343 38.55 0.75 -26.13
C LEU C 343 37.93 -0.35 -26.99
N LEU C 344 37.29 0.08 -28.08
CA LEU C 344 36.69 -0.83 -29.03
C LEU C 344 37.74 -1.69 -29.72
N GLN C 345 38.83 -1.06 -30.17
CA GLN C 345 39.94 -1.75 -30.80
C GLN C 345 40.62 -2.70 -29.82
N ASP C 346 40.73 -2.27 -28.56
CA ASP C 346 41.39 -3.09 -27.54
C ASP C 346 40.57 -4.34 -27.21
N SER C 347 39.30 -4.35 -27.61
CA SER C 347 38.47 -5.50 -27.32
C SER C 347 38.94 -6.70 -28.16
N LEU C 348 39.74 -6.44 -29.18
CA LEU C 348 40.26 -7.50 -30.07
C LEU C 348 41.68 -8.00 -29.72
N LEU C 349 42.26 -7.57 -28.60
CA LEU C 349 43.65 -7.89 -28.28
C LEU C 349 43.84 -9.26 -27.64
N ASP C 350 42.91 -9.68 -26.78
CA ASP C 350 43.04 -11.00 -26.18
C ASP C 350 42.27 -12.01 -27.01
N THR C 351 42.88 -13.17 -27.24
CA THR C 351 42.23 -14.24 -28.01
C THR C 351 41.52 -15.20 -27.09
N ASN C 352 42.06 -15.34 -25.88
CA ASN C 352 41.54 -16.25 -24.87
C ASN C 352 41.87 -15.74 -23.48
N PRO D 8 -22.45 47.16 0.75
CA PRO D 8 -22.44 48.17 -0.32
C PRO D 8 -22.07 49.54 0.23
N ALA D 9 -22.91 50.53 -0.05
CA ALA D 9 -22.69 51.89 0.42
C ALA D 9 -22.51 51.92 1.94
N GLY D 10 -23.18 51.01 2.62
CA GLY D 10 -23.11 50.90 4.07
C GLY D 10 -21.70 50.71 4.62
N ARG D 11 -20.88 49.94 3.91
CA ARG D 11 -19.52 49.64 4.40
C ARG D 11 -18.43 50.58 3.90
N GLN D 12 -18.78 51.53 3.04
CA GLN D 12 -17.78 52.38 2.38
C GLN D 12 -17.45 53.66 3.16
N ALA D 13 -18.35 54.08 4.04
CA ALA D 13 -18.16 55.27 4.87
C ALA D 13 -17.85 56.51 4.02
N GLY D 14 -18.45 56.59 2.83
CA GLY D 14 -18.27 57.72 1.94
C GLY D 14 -17.01 57.76 1.10
N GLN D 15 -16.19 56.70 1.14
CA GLN D 15 -14.96 56.68 0.34
C GLN D 15 -14.98 55.68 -0.83
N GLN D 16 -16.16 55.46 -1.40
CA GLN D 16 -16.34 54.52 -2.50
C GLN D 16 -15.35 54.82 -3.62
N ALA D 17 -15.09 56.10 -3.85
CA ALA D 17 -14.18 56.52 -4.92
C ALA D 17 -12.76 56.07 -4.61
N THR D 18 -12.29 56.40 -3.42
CA THR D 18 -10.96 56.00 -3.00
C THR D 18 -10.91 54.49 -2.88
N VAL D 19 -11.92 53.90 -2.24
CA VAL D 19 -11.98 52.46 -2.10
C VAL D 19 -12.03 51.78 -3.46
N ASP D 20 -12.87 52.28 -4.36
CA ASP D 20 -12.99 51.69 -5.68
C ASP D 20 -11.66 51.73 -6.42
N ARG D 21 -10.96 52.85 -6.30
CA ARG D 21 -9.71 53.03 -7.02
C ARG D 21 -8.62 52.12 -6.46
N LEU D 22 -8.62 51.94 -5.15
CA LEU D 22 -7.61 51.09 -4.54
C LEU D 22 -7.84 49.61 -4.83
N ARG D 23 -9.11 49.22 -4.94
CA ARG D 23 -9.45 47.85 -5.29
C ARG D 23 -8.89 47.54 -6.66
N THR D 24 -9.19 48.43 -7.60
CA THR D 24 -8.74 48.31 -8.98
C THR D 24 -7.22 48.18 -9.05
N GLN D 25 -6.54 49.00 -8.26
CA GLN D 25 -5.09 48.99 -8.19
C GLN D 25 -4.57 47.60 -7.76
N VAL D 26 -5.22 46.99 -6.77
CA VAL D 26 -4.76 45.68 -6.30
C VAL D 26 -5.10 44.52 -7.25
N THR D 27 -6.37 44.39 -7.63
CA THR D 27 -6.79 43.35 -8.57
C THR D 27 -6.09 43.50 -9.90
N GLY D 28 -5.76 44.74 -10.26
CA GLY D 28 -5.07 45.01 -11.50
C GLY D 28 -3.70 44.38 -11.51
N PHE D 29 -3.00 44.46 -10.37
CA PHE D 29 -1.66 43.89 -10.29
C PHE D 29 -1.72 42.34 -10.21
N LEU D 30 -2.59 41.82 -9.35
CA LEU D 30 -2.74 40.38 -9.21
C LEU D 30 -3.14 39.72 -10.52
N SER D 31 -4.13 40.30 -11.20
CA SER D 31 -4.64 39.74 -12.44
C SER D 31 -3.63 39.89 -13.56
N GLY D 32 -2.87 40.97 -13.53
CA GLY D 32 -1.83 41.17 -14.52
C GLY D 32 -0.75 40.11 -14.41
N ALA D 33 -0.29 39.87 -13.18
CA ALA D 33 0.75 38.89 -12.93
C ALA D 33 0.26 37.53 -13.34
N LEU D 34 -0.96 37.25 -12.92
CA LEU D 34 -1.63 36.01 -13.20
C LEU D 34 -1.68 35.80 -14.72
N GLY D 35 -2.09 36.82 -15.46
CA GLY D 35 -2.20 36.69 -16.91
C GLY D 35 -0.89 36.27 -17.55
N LYS D 36 0.20 36.91 -17.14
CA LYS D 36 1.51 36.57 -17.68
C LYS D 36 1.97 35.18 -17.23
N LEU D 37 1.70 34.84 -15.97
CA LEU D 37 2.17 33.56 -15.45
C LEU D 37 1.42 32.39 -16.06
N GLN D 38 0.14 32.59 -16.32
CA GLN D 38 -0.69 31.56 -16.91
C GLN D 38 -0.30 31.30 -18.36
N ALA D 39 -0.01 32.39 -19.07
CA ALA D 39 0.41 32.29 -20.47
C ALA D 39 1.72 31.52 -20.53
N LEU D 40 2.65 31.87 -19.66
CA LEU D 40 3.95 31.20 -19.62
C LEU D 40 3.80 29.71 -19.35
N SER D 41 2.96 29.35 -18.38
CA SER D 41 2.79 27.96 -18.01
C SER D 41 2.07 27.19 -19.10
N ALA D 42 1.06 27.81 -19.70
CA ALA D 42 0.34 27.17 -20.79
C ALA D 42 1.29 26.87 -21.94
N GLN D 43 2.30 27.71 -22.10
CA GLN D 43 3.23 27.56 -23.20
C GLN D 43 4.47 26.77 -22.79
N ASN D 44 4.46 26.23 -21.57
CA ASN D 44 5.56 25.41 -21.05
C ASN D 44 6.88 26.17 -21.13
N MET D 45 6.84 27.44 -20.71
CA MET D 45 8.01 28.30 -20.77
C MET D 45 8.51 28.69 -19.40
N ASP D 46 9.79 28.49 -19.17
CA ASP D 46 10.40 28.94 -17.95
C ASP D 46 10.37 30.47 -17.89
N PRO D 47 9.88 31.01 -16.76
CA PRO D 47 9.72 32.47 -16.57
C PRO D 47 11.03 33.24 -16.64
N GLU D 48 12.11 32.69 -16.07
CA GLU D 48 13.39 33.39 -16.09
C GLU D 48 13.91 33.62 -17.49
N LEU D 49 13.93 32.55 -18.28
CA LEU D 49 14.37 32.60 -19.68
C LEU D 49 13.48 33.52 -20.50
N ALA D 50 12.21 33.60 -20.11
CA ALA D 50 11.23 34.44 -20.81
C ALA D 50 11.26 35.90 -20.33
N GLN D 51 12.28 36.24 -19.53
CA GLN D 51 12.49 37.60 -19.03
C GLN D 51 11.37 38.10 -18.14
N PHE D 52 10.62 37.19 -17.55
CA PHE D 52 9.64 37.56 -16.55
C PHE D 52 10.28 37.53 -15.17
N ARG D 53 10.11 38.61 -14.43
CA ARG D 53 10.83 38.78 -13.17
C ARG D 53 10.02 38.25 -12.00
N VAL D 54 9.98 36.94 -11.85
CA VAL D 54 9.18 36.29 -10.81
C VAL D 54 9.59 36.74 -9.41
N LEU D 55 10.89 36.99 -9.21
CA LEU D 55 11.37 37.44 -7.89
C LEU D 55 10.69 38.74 -7.43
N ASP D 56 10.57 39.70 -8.35
CA ASP D 56 9.99 40.98 -7.99
C ASP D 56 8.48 40.82 -7.80
N VAL D 57 7.88 39.99 -8.64
CA VAL D 57 6.44 39.74 -8.57
C VAL D 57 6.08 38.95 -7.32
N ASP D 58 6.86 37.92 -7.01
CA ASP D 58 6.60 37.13 -5.80
C ASP D 58 6.73 38.00 -4.55
N ARG D 59 7.77 38.84 -4.52
CA ARG D 59 7.96 39.70 -3.36
C ARG D 59 6.78 40.67 -3.19
N ALA D 60 6.26 41.18 -4.29
CA ALA D 60 5.16 42.15 -4.21
C ALA D 60 3.80 41.51 -3.85
N ILE D 61 3.54 40.30 -4.35
CA ILE D 61 2.24 39.69 -4.10
C ILE D 61 2.18 38.96 -2.77
N MET D 62 3.33 38.57 -2.27
CA MET D 62 3.36 37.69 -1.10
C MET D 62 2.58 38.25 0.11
N PRO D 63 2.76 39.53 0.45
CA PRO D 63 1.97 40.03 1.58
C PRO D 63 0.46 39.94 1.34
N LEU D 64 0.07 40.11 0.08
CA LEU D 64 -1.32 40.05 -0.34
C LEU D 64 -1.88 38.62 -0.30
N LEU D 65 -1.05 37.64 -0.65
CA LEU D 65 -1.44 36.23 -0.54
C LEU D 65 -1.63 35.88 0.93
N ILE D 66 -0.75 36.42 1.76
CA ILE D 66 -0.80 36.15 3.18
C ILE D 66 -2.11 36.69 3.77
N VAL D 67 -2.47 37.91 3.39
CA VAL D 67 -3.72 38.48 3.87
C VAL D 67 -4.87 37.58 3.45
N ALA D 68 -4.87 37.17 2.18
CA ALA D 68 -5.96 36.37 1.64
C ALA D 68 -6.06 35.01 2.33
N GLU D 69 -4.92 34.36 2.53
CA GLU D 69 -4.90 33.03 3.14
C GLU D 69 -5.31 33.08 4.62
N ASN D 70 -4.94 34.16 5.33
CA ASN D 70 -5.36 34.34 6.72
C ASN D 70 -6.87 34.49 6.83
N ALA D 71 -7.45 35.13 5.82
CA ALA D 71 -8.88 35.29 5.76
C ALA D 71 -9.55 33.99 5.35
N ARG D 72 -8.90 33.22 4.46
CA ARG D 72 -9.53 32.00 3.94
C ARG D 72 -9.53 30.91 5.02
N ASN D 73 -8.50 30.90 5.87
CA ASN D 73 -8.44 29.96 7.00
C ASN D 73 -8.16 30.62 8.34
N PRO D 74 -9.23 31.01 9.04
CA PRO D 74 -9.12 31.55 10.39
C PRO D 74 -8.25 30.63 11.23
N GLY D 75 -7.26 31.19 11.89
CA GLY D 75 -6.36 30.40 12.69
C GLY D 75 -5.01 30.22 12.05
N LEU D 76 -4.92 30.42 10.74
CA LEU D 76 -3.64 30.30 10.04
C LEU D 76 -2.60 31.22 10.71
N ASN D 77 -3.00 32.46 10.99
CA ASN D 77 -2.12 33.43 11.65
C ASN D 77 -0.72 33.45 11.02
N LEU D 78 -0.69 33.61 9.71
CA LEU D 78 0.55 33.65 8.97
C LEU D 78 1.13 35.08 9.01
N VAL D 79 2.38 35.20 9.45
CA VAL D 79 3.08 36.47 9.56
C VAL D 79 4.40 36.42 8.79
N PRO D 80 4.73 37.48 8.04
CA PRO D 80 6.03 37.57 7.37
C PRO D 80 7.15 38.04 8.31
N LEU D 81 8.22 37.25 8.37
CA LEU D 81 9.32 37.59 9.24
C LEU D 81 10.65 37.63 8.49
N HIS D 82 11.61 38.33 9.04
CA HIS D 82 12.93 38.30 8.45
C HIS D 82 14.00 38.32 9.52
N MET D 83 15.14 37.75 9.15
CA MET D 83 16.32 37.65 10.03
C MET D 83 17.15 38.93 9.95
N ASP D 84 18.14 39.08 10.83
CA ASP D 84 18.95 40.29 10.92
C ASP D 84 19.52 40.64 9.56
N MET D 85 20.08 39.63 8.93
CA MET D 85 20.79 39.73 7.67
C MET D 85 19.92 40.25 6.53
N ALA D 86 18.61 40.12 6.66
CA ALA D 86 17.69 40.64 5.65
C ALA D 86 17.62 42.17 5.71
N GLU D 87 18.20 42.75 6.75
CA GLU D 87 18.23 44.21 6.91
C GLU D 87 19.51 44.83 6.37
N ASP D 88 20.44 44.00 5.92
CA ASP D 88 21.70 44.51 5.38
C ASP D 88 21.56 44.84 3.90
N GLU D 89 21.45 46.13 3.60
CA GLU D 89 21.25 46.60 2.23
C GLU D 89 22.35 46.18 1.26
N GLU D 90 23.50 45.77 1.80
CA GLU D 90 24.66 45.44 0.98
C GLU D 90 24.80 43.93 0.73
N VAL D 91 24.17 43.11 1.59
CA VAL D 91 24.29 41.66 1.44
C VAL D 91 23.04 41.01 0.83
N ARG D 92 21.86 41.47 1.24
CA ARG D 92 20.61 40.85 0.80
C ARG D 92 20.41 40.98 -0.70
N THR D 93 19.75 39.98 -1.29
CA THR D 93 19.46 40.06 -2.72
C THR D 93 18.20 40.90 -2.95
N GLN D 94 17.31 40.91 -1.96
CA GLN D 94 16.07 41.70 -1.99
C GLN D 94 15.71 42.16 -0.58
N PRO D 95 15.12 43.35 -0.46
CA PRO D 95 14.60 43.76 0.85
C PRO D 95 13.40 42.89 1.23
N PRO D 96 13.09 42.79 2.52
CA PRO D 96 11.95 41.98 2.98
C PRO D 96 10.66 42.49 2.34
N MET D 97 9.67 41.63 2.22
CA MET D 97 8.38 42.03 1.67
C MET D 97 7.73 43.06 2.59
N ALA D 98 6.84 43.86 2.03
CA ALA D 98 6.12 44.86 2.82
C ALA D 98 5.47 44.23 4.05
N GLY D 99 5.67 44.88 5.19
CA GLY D 99 5.03 44.47 6.43
C GLY D 99 5.79 43.38 7.16
N SER D 100 6.89 42.93 6.58
CA SER D 100 7.72 41.92 7.22
C SER D 100 8.24 42.46 8.54
N ARG D 101 8.28 41.60 9.56
CA ARG D 101 8.77 42.00 10.86
C ARG D 101 10.08 41.31 11.14
N HIS D 102 11.00 42.05 11.74
CA HIS D 102 12.25 41.49 12.23
C HIS D 102 11.90 40.49 13.33
N ILE D 103 12.48 39.30 13.25
CA ILE D 103 12.16 38.22 14.19
C ILE D 103 12.31 38.64 15.65
N ALA D 104 13.41 39.31 15.99
CA ALA D 104 13.65 39.77 17.35
C ALA D 104 12.51 40.67 17.81
N GLU D 105 12.10 41.59 16.95
CA GLU D 105 11.00 42.49 17.27
C GLU D 105 9.72 41.68 17.47
N PHE D 106 9.51 40.68 16.60
CA PHE D 106 8.33 39.82 16.71
C PHE D 106 8.33 39.06 18.02
N VAL D 107 9.42 38.34 18.29
CA VAL D 107 9.52 37.59 19.54
C VAL D 107 9.29 38.47 20.77
N ALA D 108 9.87 39.67 20.75
CA ALA D 108 9.74 40.62 21.84
C ALA D 108 8.30 41.10 22.05
N SER D 109 7.67 41.64 21.00
CA SER D 109 6.38 42.32 21.17
C SER D 109 5.12 41.56 20.76
N ALA D 110 5.24 40.50 19.95
CA ALA D 110 4.07 39.78 19.43
C ALA D 110 3.20 39.25 20.57
N ARG D 111 1.89 39.32 20.36
CA ARG D 111 0.94 38.82 21.36
C ARG D 111 1.12 37.31 21.46
N PRO D 112 0.80 36.73 22.63
CA PRO D 112 1.01 35.29 22.76
C PRO D 112 0.04 34.50 21.89
N GLY D 113 0.51 33.39 21.32
CA GLY D 113 -0.34 32.56 20.51
C GLY D 113 0.39 31.67 19.53
N ARG D 114 -0.39 31.08 18.62
CA ARG D 114 0.12 30.19 17.60
C ARG D 114 0.20 30.91 16.27
N TYR D 115 1.37 30.87 15.65
CA TYR D 115 1.56 31.56 14.39
C TYR D 115 2.20 30.63 13.38
N ARG D 116 1.94 30.92 12.11
CA ARG D 116 2.80 30.42 11.06
C ARG D 116 3.57 31.59 10.47
N ALA D 117 4.68 31.30 9.82
CA ALA D 117 5.53 32.35 9.26
C ALA D 117 6.23 31.94 7.98
N VAL D 118 6.49 32.93 7.14
CA VAL D 118 7.49 32.77 6.10
C VAL D 118 8.64 33.63 6.56
N ILE D 119 9.83 33.03 6.58
CA ILE D 119 11.01 33.71 7.12
C ILE D 119 12.05 33.99 6.05
N ASP D 120 12.33 35.28 5.87
CA ASP D 120 13.23 35.78 4.85
C ASP D 120 14.58 36.06 5.49
N ASP D 121 15.66 35.59 4.87
CA ASP D 121 16.99 35.92 5.36
C ASP D 121 17.70 36.88 4.43
N GLY D 122 16.98 37.35 3.42
CA GLY D 122 17.54 38.28 2.45
C GLY D 122 17.74 37.69 1.07
N SER D 123 17.83 36.37 0.99
CA SER D 123 18.03 35.69 -0.28
C SER D 123 17.20 34.42 -0.39
N HIS D 124 16.79 33.88 0.76
CA HIS D 124 16.06 32.62 0.80
C HIS D 124 14.91 32.73 1.78
N THR D 125 13.84 31.97 1.54
CA THR D 125 12.68 31.99 2.43
C THR D 125 12.32 30.59 2.89
N ARG D 126 12.01 30.48 4.18
CA ARG D 126 11.59 29.21 4.77
C ARG D 126 10.21 29.35 5.42
N ALA D 127 9.58 28.22 5.72
CA ALA D 127 8.30 28.22 6.44
C ALA D 127 8.57 27.94 7.92
N ALA D 128 7.64 28.36 8.78
CA ALA D 128 7.80 28.11 10.21
C ALA D 128 6.47 28.05 10.95
N ASP D 129 6.43 27.19 11.96
CA ASP D 129 5.29 27.09 12.86
C ASP D 129 5.79 27.50 14.24
N ILE D 130 5.17 28.57 14.76
CA ILE D 130 5.64 29.25 15.97
C ILE D 130 4.58 29.22 17.07
N ARG D 131 5.05 28.97 18.28
CA ARG D 131 4.21 29.01 19.46
C ARG D 131 4.86 29.91 20.49
N LYS D 132 4.16 30.98 20.84
CA LYS D 132 4.65 31.90 21.84
C LYS D 132 3.67 32.00 22.99
N ASP D 133 4.16 31.78 24.20
CA ASP D 133 3.33 32.00 25.36
C ASP D 133 4.16 32.55 26.49
N ALA D 134 3.61 32.47 27.69
CA ALA D 134 4.27 32.95 28.90
C ALA D 134 5.64 32.32 29.10
N SER D 135 5.78 31.04 28.78
CA SER D 135 7.03 30.33 28.99
C SER D 135 8.13 30.76 28.04
N GLY D 136 7.74 31.18 26.85
CA GLY D 136 8.69 31.59 25.84
C GLY D 136 8.24 31.18 24.46
N THR D 137 9.16 31.23 23.52
CA THR D 137 8.85 30.91 22.14
C THR D 137 9.47 29.59 21.71
N SER D 138 8.72 28.81 20.95
CA SER D 138 9.27 27.62 20.31
C SER D 138 8.96 27.71 18.82
N VAL D 139 9.91 27.30 17.99
CA VAL D 139 9.76 27.41 16.55
C VAL D 139 10.15 26.13 15.81
N ILE D 140 9.33 25.73 14.85
CA ILE D 140 9.63 24.63 13.96
C ILE D 140 9.76 25.16 12.52
N VAL D 141 10.99 25.14 12.02
CA VAL D 141 11.30 25.67 10.71
C VAL D 141 11.40 24.54 9.68
N VAL D 142 10.64 24.66 8.60
CA VAL D 142 10.76 23.73 7.50
C VAL D 142 11.30 24.49 6.29
N ASP D 143 12.47 24.06 5.83
CA ASP D 143 13.14 24.69 4.72
C ASP D 143 12.85 23.85 3.48
N PRO D 144 12.23 24.46 2.46
CA PRO D 144 11.90 23.72 1.22
C PRO D 144 13.14 23.40 0.41
N LEU D 145 14.28 23.96 0.83
CA LEU D 145 15.53 23.78 0.12
C LEU D 145 16.51 22.91 0.89
N ARG D 146 17.11 21.96 0.20
CA ARG D 146 18.09 21.08 0.83
C ARG D 146 19.24 20.83 -0.15
N LYS D 147 20.10 21.83 -0.33
CA LYS D 147 21.10 21.78 -1.39
C LYS D 147 22.49 21.54 -0.85
N GLU D 148 22.63 21.50 0.47
CA GLU D 148 23.95 21.35 1.06
C GLU D 148 24.51 19.96 0.82
N LYS D 149 25.71 19.91 0.25
CA LYS D 149 26.42 18.65 0.10
C LYS D 149 26.62 18.02 1.47
N ASP D 150 27.42 18.67 2.30
CA ASP D 150 27.69 18.16 3.63
C ASP D 150 26.58 18.48 4.63
N GLU D 151 26.06 17.44 5.27
CA GLU D 151 24.95 17.56 6.19
C GLU D 151 25.39 18.14 7.53
N SER D 152 26.47 18.91 7.52
CA SER D 152 26.96 19.59 8.72
C SER D 152 26.64 21.08 8.65
N ALA D 153 26.31 21.55 7.45
CA ALA D 153 25.95 22.94 7.28
C ALA D 153 24.58 23.23 7.88
N TYR D 154 23.75 22.20 7.93
CA TYR D 154 22.41 22.34 8.47
C TYR D 154 22.45 22.57 9.97
N VAL D 155 23.51 22.08 10.61
CA VAL D 155 23.72 22.32 12.03
C VAL D 155 23.80 23.81 12.28
N ASP D 156 24.61 24.49 11.48
CA ASP D 156 24.78 25.94 11.59
C ASP D 156 23.46 26.65 11.31
N TYR D 157 22.72 26.18 10.31
CA TYR D 157 21.43 26.76 10.00
C TYR D 157 20.47 26.68 11.17
N ALA D 158 20.44 25.52 11.83
CA ALA D 158 19.57 25.33 12.98
C ALA D 158 19.96 26.30 14.10
N ASP D 159 21.26 26.41 14.36
CA ASP D 159 21.75 27.30 15.40
C ASP D 159 21.44 28.77 15.07
N ASN D 160 21.69 29.17 13.82
CA ASN D 160 21.46 30.54 13.39
C ASN D 160 20.00 31.01 13.49
N VAL D 161 19.08 30.12 13.13
CA VAL D 161 17.66 30.44 13.23
C VAL D 161 17.30 30.60 14.71
N ASN D 162 17.76 29.64 15.51
CA ASN D 162 17.52 29.63 16.95
C ASN D 162 18.04 30.92 17.63
N MET D 163 19.23 31.39 17.24
CA MET D 163 19.77 32.63 17.80
C MET D 163 18.89 33.83 17.46
N GLU D 164 18.25 33.80 16.29
CA GLU D 164 17.39 34.90 15.87
C GLU D 164 16.18 35.06 16.78
N PHE D 165 15.68 33.94 17.29
CA PHE D 165 14.49 33.90 18.11
C PHE D 165 14.80 34.06 19.58
N GLY D 166 16.09 34.15 19.90
CA GLY D 166 16.55 34.18 21.27
C GLY D 166 17.06 32.80 21.61
N GLU D 167 18.14 32.73 22.37
CA GLU D 167 18.82 31.46 22.54
C GLU D 167 18.04 30.56 23.49
N HIS D 168 17.14 31.16 24.26
CA HIS D 168 16.34 30.37 25.19
C HIS D 168 15.01 29.95 24.57
N ALA D 169 14.89 30.17 23.27
CA ALA D 169 13.75 29.68 22.51
C ALA D 169 14.05 28.28 22.03
N LYS D 170 13.04 27.43 22.01
CA LYS D 170 13.18 26.09 21.44
C LYS D 170 13.00 26.16 19.91
N CYS D 171 13.84 25.43 19.20
CA CYS D 171 13.89 25.49 17.75
C CYS D 171 14.13 24.12 17.12
N ALA D 172 13.38 23.82 16.08
CA ALA D 172 13.63 22.65 15.22
C ALA D 172 13.82 23.13 13.80
N PHE D 173 14.83 22.58 13.12
CA PHE D 173 15.12 22.94 11.75
C PHE D 173 15.03 21.70 10.86
N ILE D 174 14.13 21.75 9.89
CA ILE D 174 13.86 20.60 9.02
C ILE D 174 14.09 20.93 7.54
N PRO D 175 15.28 20.62 7.03
CA PRO D 175 15.56 20.80 5.60
C PRO D 175 14.90 19.69 4.79
N VAL D 176 14.13 20.07 3.78
CA VAL D 176 13.38 19.13 2.95
C VAL D 176 13.68 19.36 1.48
N ASP D 177 13.90 18.28 0.74
CA ASP D 177 14.32 18.38 -0.66
C ASP D 177 13.12 18.62 -1.58
N ILE D 178 12.57 19.84 -1.54
CA ILE D 178 11.43 20.23 -2.38
C ILE D 178 11.85 21.13 -3.55
N GLN D 179 12.53 22.22 -3.20
CA GLN D 179 12.95 23.21 -4.18
C GLN D 179 14.13 22.75 -5.01
N LYS D 180 14.07 23.00 -6.32
CA LYS D 180 15.20 22.78 -7.22
C LYS D 180 15.51 24.06 -7.96
N SER D 181 14.48 24.88 -8.15
CA SER D 181 14.63 26.11 -8.91
C SER D 181 15.21 27.21 -8.05
N PHE D 182 15.56 28.30 -8.72
CA PHE D 182 16.22 29.41 -8.06
C PHE D 182 15.20 30.36 -7.38
N PHE D 183 13.97 30.39 -7.88
CA PHE D 183 13.04 31.46 -7.50
C PHE D 183 11.79 31.01 -6.72
N ASP D 184 11.65 29.72 -6.44
CA ASP D 184 10.37 29.21 -5.92
C ASP D 184 10.25 29.12 -4.40
N ALA D 185 11.25 29.62 -3.68
CA ALA D 185 11.25 29.47 -2.22
C ALA D 185 10.02 30.09 -1.53
N ARG D 186 9.62 31.29 -1.94
CA ARG D 186 8.52 31.97 -1.28
C ARG D 186 7.20 31.19 -1.42
N ILE D 187 6.88 30.78 -2.64
CA ILE D 187 5.61 30.09 -2.86
C ILE D 187 5.61 28.72 -2.19
N LEU D 188 6.75 28.03 -2.22
CA LEU D 188 6.88 26.74 -1.53
C LEU D 188 6.73 26.92 -0.01
N SER D 189 7.33 27.97 0.54
CA SER D 189 7.25 28.19 1.98
C SER D 189 5.80 28.51 2.38
N LEU D 190 5.11 29.26 1.53
CA LEU D 190 3.73 29.62 1.83
C LEU D 190 2.84 28.37 1.84
N SER D 191 3.07 27.46 0.89
CA SER D 191 2.32 26.22 0.85
C SER D 191 2.60 25.38 2.10
N LEU D 192 3.87 25.32 2.50
CA LEU D 192 4.23 24.60 3.71
C LEU D 192 3.54 25.18 4.95
N ALA D 193 3.45 26.50 5.05
CA ALA D 193 2.77 27.12 6.17
C ALA D 193 1.31 26.67 6.21
N LEU D 194 0.65 26.63 5.05
CA LEU D 194 -0.72 26.16 4.99
C LEU D 194 -0.84 24.71 5.42
N LYS D 195 0.12 23.89 5.01
CA LYS D 195 0.11 22.49 5.40
C LYS D 195 0.36 22.37 6.91
N MET D 196 1.16 23.28 7.45
CA MET D 196 1.40 23.31 8.90
C MET D 196 0.10 23.53 9.62
N HIS D 197 -0.67 24.48 9.10
CA HIS D 197 -1.95 24.77 9.70
C HIS D 197 -2.87 23.57 9.51
N ASP D 198 -2.78 22.95 8.35
CA ASP D 198 -3.56 21.75 8.06
C ASP D 198 -3.20 20.64 9.06
N LYS D 199 -1.93 20.59 9.45
CA LYS D 199 -1.47 19.60 10.42
C LYS D 199 -1.20 20.24 11.77
N ASP D 200 -2.05 21.18 12.15
CA ASP D 200 -1.87 21.98 13.36
C ASP D 200 -1.54 21.15 14.61
N ASP D 201 -2.33 20.11 14.85
CA ASP D 201 -2.15 19.24 16.01
C ASP D 201 -0.80 18.56 16.02
N ALA D 202 -0.40 18.08 14.86
CA ALA D 202 0.87 17.37 14.74
C ALA D 202 2.04 18.29 15.09
N PHE D 203 1.94 19.56 14.70
CA PHE D 203 3.03 20.48 14.99
C PHE D 203 2.99 20.95 16.43
N ALA D 204 1.77 21.04 16.97
CA ALA D 204 1.60 21.42 18.36
C ALA D 204 2.25 20.38 19.26
N ALA D 205 2.03 19.11 18.95
CA ALA D 205 2.60 18.03 19.74
C ALA D 205 4.14 18.12 19.72
N PHE D 206 4.69 18.49 18.56
CA PHE D 206 6.13 18.61 18.44
C PHE D 206 6.63 19.83 19.24
N HIS D 207 5.82 20.90 19.28
CA HIS D 207 6.18 22.06 20.10
C HIS D 207 6.31 21.66 21.55
N GLU D 208 5.39 20.82 22.00
CA GLU D 208 5.38 20.33 23.37
C GLU D 208 6.64 19.54 23.69
N THR D 209 6.99 18.65 22.77
CA THR D 209 8.18 17.83 22.97
C THR D 209 9.44 18.69 23.04
N LEU D 210 9.52 19.69 22.17
CA LEU D 210 10.65 20.62 22.14
C LEU D 210 10.77 21.38 23.46
N ARG D 211 9.64 21.85 23.96
CA ARG D 211 9.62 22.65 25.16
C ARG D 211 9.99 21.80 26.36
N ASN D 212 9.72 20.51 26.27
CA ASN D 212 9.99 19.61 27.39
C ASN D 212 11.26 18.79 27.23
N GLY D 213 11.97 18.99 26.12
CA GLY D 213 13.20 18.24 25.90
C GLY D 213 12.92 16.76 25.77
N GLY D 214 11.78 16.43 25.19
CA GLY D 214 11.38 15.03 25.06
C GLY D 214 11.92 14.38 23.80
N ASP D 215 11.57 13.11 23.62
CA ASP D 215 12.07 12.34 22.50
C ASP D 215 11.42 12.79 21.20
N PRO D 216 12.23 13.33 20.28
CA PRO D 216 11.77 13.82 18.98
C PRO D 216 11.21 12.71 18.10
N SER D 217 11.53 11.45 18.40
CA SER D 217 11.15 10.40 17.45
C SER D 217 9.68 9.99 17.57
N HIS D 218 8.90 10.75 18.32
CA HIS D 218 7.47 10.53 18.31
C HIS D 218 6.91 11.31 17.14
N HIS D 219 7.74 12.18 16.58
CA HIS D 219 7.27 13.10 15.54
C HIS D 219 8.04 12.96 14.23
N VAL D 220 9.33 12.72 14.32
CA VAL D 220 10.20 12.66 13.15
C VAL D 220 11.08 11.41 13.20
N SER D 221 11.69 11.06 12.07
CA SER D 221 12.48 9.83 11.93
C SER D 221 13.95 10.00 12.29
N ARG D 222 14.52 11.15 11.97
CA ARG D 222 15.92 11.40 12.29
C ARG D 222 16.06 12.81 12.81
N ALA D 223 16.61 12.92 14.01
CA ALA D 223 16.85 14.22 14.65
C ALA D 223 18.10 14.15 15.49
N GLN D 224 18.70 15.31 15.74
CA GLN D 224 19.86 15.39 16.59
C GLN D 224 19.93 16.77 17.22
N GLN D 225 20.64 16.87 18.33
CA GLN D 225 20.79 18.14 19.03
C GLN D 225 22.05 18.86 18.62
N THR D 226 21.93 20.12 18.22
CA THR D 226 23.12 20.93 18.01
C THR D 226 23.64 21.14 19.41
N GLU D 227 24.94 21.29 19.59
CA GLU D 227 25.35 21.49 20.98
C GLU D 227 26.02 22.82 21.20
N GLU D 228 25.60 23.79 20.38
CA GLU D 228 26.02 25.16 20.56
C GLU D 228 24.79 25.95 20.98
N LEU D 229 23.65 25.67 20.35
CA LEU D 229 22.39 26.22 20.84
C LEU D 229 21.45 25.22 21.52
N GLY D 230 21.53 23.95 21.15
CA GLY D 230 20.59 22.99 21.68
C GLY D 230 19.38 22.77 20.79
N ALA D 231 19.43 23.32 19.58
CA ALA D 231 18.37 23.16 18.59
C ALA D 231 18.26 21.71 18.10
N THR D 232 17.05 21.29 17.71
CA THR D 232 16.90 19.96 17.14
C THR D 232 17.01 20.02 15.61
N LEU D 233 18.07 19.43 15.07
CA LEU D 233 18.18 19.35 13.63
C LEU D 233 17.50 18.06 13.16
N VAL D 234 16.55 18.20 12.23
CA VAL D 234 15.76 17.08 11.73
C VAL D 234 16.15 16.73 10.31
N LEU D 235 16.95 15.69 10.13
CA LEU D 235 17.41 15.32 8.79
C LEU D 235 16.46 14.33 8.11
N ASP D 236 15.40 13.94 8.83
CA ASP D 236 14.29 13.18 8.25
C ASP D 236 13.00 13.46 9.01
N GLY D 237 12.22 14.39 8.45
CA GLY D 237 11.01 14.92 9.06
C GLY D 237 9.80 14.00 9.15
N ALA D 238 9.81 12.94 8.36
CA ALA D 238 8.71 11.97 8.34
C ALA D 238 8.51 11.33 9.71
N PRO D 239 7.23 11.10 10.11
CA PRO D 239 6.03 11.37 9.33
C PRO D 239 5.42 12.76 9.53
N LEU D 240 6.02 13.62 10.35
CA LEU D 240 5.49 14.98 10.47
C LEU D 240 5.47 15.63 9.10
N VAL D 241 6.58 15.51 8.39
CA VAL D 241 6.65 15.88 6.98
C VAL D 241 6.11 14.70 6.18
N ASP D 242 4.83 14.75 5.82
CA ASP D 242 4.16 13.66 5.12
C ASP D 242 4.01 13.95 3.62
N ALA D 243 3.30 13.07 2.91
CA ALA D 243 3.13 13.19 1.47
C ALA D 243 2.56 14.54 1.05
N ARG D 244 1.62 15.07 1.81
CA ARG D 244 0.98 16.32 1.42
C ARG D 244 1.98 17.46 1.45
N MET D 245 3.04 17.31 2.25
CA MET D 245 4.07 18.34 2.30
C MET D 245 5.09 18.20 1.18
N MET D 246 5.06 17.08 0.48
CA MET D 246 5.98 16.83 -0.63
C MET D 246 5.35 17.06 -2.01
N LYS D 247 4.08 17.47 -2.02
CA LYS D 247 3.31 17.65 -3.26
C LYS D 247 4.01 18.48 -4.33
N HIS D 248 4.65 19.58 -3.91
CA HIS D 248 5.21 20.51 -4.88
C HIS D 248 6.70 20.24 -5.13
N GLY D 249 7.15 19.03 -4.79
CA GLY D 249 8.52 18.65 -5.05
C GLY D 249 8.83 18.82 -6.52
N GLN D 250 9.88 19.58 -6.83
CA GLN D 250 10.15 19.93 -8.22
C GLN D 250 10.85 18.80 -8.98
N ALA D 251 11.75 18.10 -8.32
CA ALA D 251 12.42 16.97 -8.97
C ALA D 251 11.62 15.69 -8.77
N ALA D 252 11.31 15.00 -9.87
CA ALA D 252 10.65 13.71 -9.79
C ALA D 252 11.41 12.78 -8.86
N SER D 253 12.75 12.86 -8.89
CA SER D 253 13.59 12.00 -8.06
C SER D 253 13.42 12.33 -6.58
N SER D 254 13.14 13.57 -6.23
CA SER D 254 12.93 13.93 -4.84
C SER D 254 11.68 13.25 -4.30
N VAL D 255 10.60 13.30 -5.07
CA VAL D 255 9.35 12.64 -4.71
C VAL D 255 9.50 11.11 -4.68
N SER D 256 10.11 10.56 -5.72
CA SER D 256 10.30 9.11 -5.80
C SER D 256 11.17 8.60 -4.63
N ARG D 257 12.27 9.27 -4.36
CA ARG D 257 13.19 8.88 -3.28
C ARG D 257 12.49 8.96 -1.92
N TYR D 258 11.68 10.00 -1.74
CA TYR D 258 10.87 10.18 -0.53
C TYR D 258 9.91 8.99 -0.35
N LEU D 259 9.20 8.62 -1.42
CA LEU D 259 8.27 7.50 -1.33
C LEU D 259 9.01 6.18 -1.08
N GLY D 260 10.17 6.03 -1.70
CA GLY D 260 10.99 4.84 -1.51
C GLY D 260 11.47 4.71 -0.08
N ASN D 261 11.73 5.85 0.56
CA ASN D 261 12.18 5.82 1.95
C ASN D 261 11.00 5.71 2.89
N HIS D 262 9.83 6.12 2.44
CA HIS D 262 8.63 6.06 3.27
C HIS D 262 7.43 5.56 2.49
N PRO D 263 7.44 4.25 2.14
CA PRO D 263 6.43 3.64 1.26
C PRO D 263 5.01 3.78 1.81
N GLU D 264 4.86 3.89 3.13
CA GLU D 264 3.55 4.05 3.71
C GLU D 264 2.88 5.32 3.19
N GLN D 265 3.68 6.29 2.76
CA GLN D 265 3.12 7.54 2.23
C GLN D 265 2.67 7.43 0.77
N SER D 266 2.96 6.31 0.12
CA SER D 266 2.75 6.19 -1.33
C SER D 266 1.30 5.90 -1.74
N THR D 267 0.48 5.48 -0.77
CA THR D 267 -0.87 5.07 -1.07
C THR D 267 -1.93 5.97 -0.42
N VAL D 268 -1.52 6.99 0.33
CA VAL D 268 -2.50 7.89 0.94
C VAL D 268 -2.91 8.95 -0.06
N PRO D 269 -4.20 9.32 -0.06
CA PRO D 269 -4.69 10.35 -0.99
C PRO D 269 -4.15 11.72 -0.60
N VAL D 270 -3.66 12.50 -1.56
CA VAL D 270 -3.08 13.81 -1.22
C VAL D 270 -4.02 14.96 -1.55
N ASN D 271 -5.13 14.66 -2.23
CA ASN D 271 -6.16 15.66 -2.50
C ASN D 271 -7.53 14.99 -2.62
N LYS D 272 -8.56 15.80 -2.84
CA LYS D 272 -9.93 15.29 -2.92
C LYS D 272 -10.16 14.48 -4.19
N ARG D 273 -9.21 14.57 -5.13
CA ARG D 273 -9.27 13.76 -6.35
C ARG D 273 -8.80 12.33 -6.11
N ASN D 274 -8.35 12.07 -4.88
CA ASN D 274 -7.83 10.77 -4.45
C ASN D 274 -6.54 10.38 -5.19
N GLU D 275 -5.77 11.37 -5.61
CA GLU D 275 -4.49 11.06 -6.20
C GLU D 275 -3.49 10.72 -5.10
N THR D 276 -2.61 9.77 -5.38
CA THR D 276 -1.46 9.54 -4.54
C THR D 276 -0.42 10.60 -4.92
N LEU D 277 0.62 10.74 -4.10
CA LEU D 277 1.70 11.67 -4.36
C LEU D 277 2.36 11.37 -5.71
N GLY D 278 2.60 10.09 -5.97
CA GLY D 278 3.21 9.67 -7.23
C GLY D 278 2.34 9.98 -8.44
N GLU D 279 1.05 9.70 -8.32
CA GLU D 279 0.11 10.01 -9.39
C GLU D 279 0.12 11.51 -9.69
N ARG D 280 -0.01 12.31 -8.64
CA ARG D 280 -0.12 13.75 -8.83
C ARG D 280 1.18 14.33 -9.40
N THR D 281 2.33 13.87 -8.90
CA THR D 281 3.60 14.35 -9.39
C THR D 281 3.78 14.03 -10.86
N THR D 282 3.44 12.80 -11.23
CA THR D 282 3.55 12.35 -12.61
C THR D 282 2.70 13.21 -13.55
N ARG D 283 1.50 13.57 -13.10
CA ARG D 283 0.60 14.42 -13.88
C ARG D 283 1.20 15.82 -14.16
N HIS D 284 2.11 16.29 -13.30
CA HIS D 284 2.64 17.63 -13.44
C HIS D 284 3.99 17.68 -14.14
N LEU D 285 4.46 16.55 -14.66
CA LEU D 285 5.78 16.51 -15.25
C LEU D 285 5.79 17.19 -16.61
N VAL D 286 6.75 18.10 -16.80
CA VAL D 286 6.93 18.75 -18.08
C VAL D 286 8.42 18.73 -18.48
N LYS D 287 8.68 18.89 -19.76
CA LYS D 287 10.04 18.98 -20.27
C LYS D 287 10.22 20.35 -20.92
N ARG D 288 11.16 21.13 -20.40
CA ARG D 288 11.41 22.47 -20.93
C ARG D 288 12.84 22.89 -20.63
N LYS D 289 13.25 23.97 -21.28
CA LYS D 289 14.54 24.58 -21.00
C LYS D 289 14.45 25.51 -19.79
N VAL D 290 15.53 25.52 -19.03
CA VAL D 290 15.66 26.24 -17.78
C VAL D 290 17.06 26.85 -17.78
N ARG D 291 17.30 27.86 -16.95
CA ARG D 291 18.64 28.44 -16.86
C ARG D 291 19.61 27.49 -16.14
N ASN D 292 20.85 27.43 -16.62
CA ASN D 292 21.88 26.59 -15.99
C ASN D 292 22.76 27.39 -15.04
N ARG D 293 22.97 26.85 -13.84
CA ARG D 293 23.76 27.55 -12.82
C ARG D 293 24.69 26.62 -12.06
N GLU D 304 24.50 28.50 -20.10
CA GLU D 304 23.25 28.95 -20.73
C GLU D 304 22.04 28.16 -20.25
N THR D 305 21.38 27.47 -21.17
CA THR D 305 20.16 26.72 -20.86
C THR D 305 20.41 25.21 -20.72
N LYS D 306 19.50 24.54 -20.03
CA LYS D 306 19.54 23.09 -19.91
C LYS D 306 18.10 22.53 -19.96
N GLU D 307 17.92 21.41 -20.67
CA GLU D 307 16.59 20.84 -20.81
C GLU D 307 16.36 19.77 -19.76
N ILE D 308 15.30 19.93 -18.98
CA ILE D 308 15.05 19.03 -17.87
C ILE D 308 13.59 18.61 -17.84
N THR D 309 13.33 17.51 -17.14
CA THR D 309 11.96 17.06 -16.90
C THR D 309 11.67 17.19 -15.43
N PHE D 310 10.64 17.94 -15.10
CA PHE D 310 10.35 18.21 -13.71
C PHE D 310 8.87 18.49 -13.50
N SER D 311 8.47 18.60 -12.24
CA SER D 311 7.08 18.88 -11.89
C SER D 311 6.84 20.37 -11.86
N ASN D 312 5.85 20.83 -12.62
CA ASN D 312 5.50 22.24 -12.65
C ASN D 312 4.46 22.60 -11.60
N SER D 313 4.31 21.73 -10.59
CA SER D 313 3.31 21.91 -9.54
C SER D 313 3.38 23.30 -8.89
N VAL D 314 4.60 23.79 -8.71
CA VAL D 314 4.84 25.06 -8.02
C VAL D 314 4.32 26.24 -8.80
N GLU D 315 4.59 26.26 -10.10
CA GLU D 315 4.14 27.37 -10.92
C GLU D 315 2.60 27.37 -11.03
N GLN D 316 1.99 26.18 -11.01
CA GLN D 316 0.53 26.07 -10.97
C GLN D 316 -0.02 26.55 -9.63
N LYS D 317 0.70 26.24 -8.56
CA LYS D 317 0.29 26.68 -7.22
C LYS D 317 0.32 28.21 -7.13
N ARG D 318 1.37 28.83 -7.67
CA ARG D 318 1.45 30.29 -7.69
C ARG D 318 0.21 30.86 -8.39
N ILE D 319 -0.16 30.25 -9.52
CA ILE D 319 -1.32 30.72 -10.27
C ILE D 319 -2.60 30.54 -9.46
N ALA D 320 -2.77 29.39 -8.83
CA ALA D 320 -3.94 29.14 -7.99
C ALA D 320 -4.04 30.14 -6.82
N LEU D 321 -2.89 30.44 -6.21
CA LEU D 321 -2.84 31.38 -5.10
C LEU D 321 -3.25 32.77 -5.57
N LEU D 322 -2.73 33.19 -6.71
CA LEU D 322 -3.09 34.49 -7.28
C LEU D 322 -4.60 34.54 -7.53
N ASN D 323 -5.15 33.46 -8.08
CA ASN D 323 -6.58 33.35 -8.31
C ASN D 323 -7.40 33.52 -7.04
N ARG D 324 -6.98 32.83 -5.98
CA ARG D 324 -7.61 32.95 -4.66
C ARG D 324 -7.62 34.39 -4.20
N ALA D 325 -6.45 35.01 -4.26
CA ALA D 325 -6.26 36.35 -3.74
C ALA D 325 -7.11 37.37 -4.52
N ALA D 326 -7.13 37.25 -5.84
CA ALA D 326 -7.90 38.19 -6.64
C ALA D 326 -9.38 38.04 -6.34
N SER D 327 -9.84 36.80 -6.21
CA SER D 327 -11.22 36.54 -5.88
C SER D 327 -11.56 37.16 -4.54
N TYR D 328 -10.66 36.99 -3.57
CA TYR D 328 -10.85 37.51 -2.24
C TYR D 328 -10.93 39.03 -2.26
N VAL D 329 -10.02 39.65 -3.01
CA VAL D 329 -9.98 41.11 -3.07
C VAL D 329 -11.27 41.67 -3.70
N ASN D 330 -11.78 40.96 -4.70
CA ASN D 330 -12.96 41.41 -5.43
C ASN D 330 -14.17 41.62 -4.55
N SER D 331 -14.23 40.89 -3.43
CA SER D 331 -15.38 41.01 -2.55
C SER D 331 -14.97 41.34 -1.13
N ALA D 332 -13.70 41.68 -0.93
CA ALA D 332 -13.24 42.01 0.41
C ALA D 332 -13.85 43.35 0.84
N PRO D 333 -14.09 43.51 2.16
CA PRO D 333 -14.56 44.75 2.75
C PRO D 333 -13.55 45.87 2.61
N PRO D 334 -14.03 47.12 2.57
CA PRO D 334 -13.17 48.30 2.38
C PRO D 334 -11.90 48.35 3.25
N PRO D 335 -11.99 48.05 4.56
CA PRO D 335 -10.75 48.14 5.34
C PRO D 335 -9.68 47.17 4.84
N VAL D 336 -10.11 46.01 4.36
CA VAL D 336 -9.20 45.02 3.83
C VAL D 336 -8.62 45.51 2.50
N VAL D 337 -9.47 46.08 1.65
CA VAL D 337 -8.99 46.71 0.42
C VAL D 337 -7.91 47.74 0.73
N MET D 338 -8.19 48.58 1.73
CA MET D 338 -7.24 49.63 2.15
C MET D 338 -5.90 49.04 2.56
N ARG D 339 -5.96 47.99 3.39
CA ARG D 339 -4.75 47.39 3.91
C ARG D 339 -3.92 46.76 2.78
N MET D 340 -4.61 46.10 1.86
CA MET D 340 -3.92 45.38 0.80
C MET D 340 -3.31 46.35 -0.22
N ALA D 341 -4.01 47.47 -0.46
CA ALA D 341 -3.49 48.50 -1.35
C ALA D 341 -2.20 49.09 -0.79
N LYS D 342 -2.21 49.37 0.51
CA LYS D 342 -1.06 49.95 1.17
C LYS D 342 0.15 49.01 1.10
N LEU D 343 -0.08 47.72 1.35
CA LEU D 343 1.00 46.72 1.28
C LEU D 343 1.64 46.64 -0.11
N LEU D 344 0.79 46.73 -1.14
CA LEU D 344 1.27 46.74 -2.52
C LEU D 344 2.12 47.98 -2.73
N GLN D 345 1.62 49.11 -2.27
CA GLN D 345 2.35 50.35 -2.39
C GLN D 345 3.65 50.28 -1.61
N ASP D 346 3.61 49.63 -0.44
CA ASP D 346 4.78 49.60 0.44
C ASP D 346 5.91 48.77 -0.14
N SER D 347 5.58 47.96 -1.13
CA SER D 347 6.58 47.12 -1.77
C SER D 347 7.59 47.95 -2.56
N LEU D 348 7.27 49.22 -2.79
CA LEU D 348 8.17 50.11 -3.51
C LEU D 348 9.00 50.99 -2.59
N LEU D 349 8.92 50.75 -1.28
CA LEU D 349 9.57 51.66 -0.32
C LEU D 349 11.05 51.39 -0.01
N ASP D 350 11.45 50.13 -0.03
CA ASP D 350 12.82 49.78 0.31
C ASP D 350 13.77 49.73 -0.90
N THR D 351 14.99 50.23 -0.69
CA THR D 351 16.04 50.23 -1.71
C THR D 351 15.67 51.11 -2.90
#